data_6HUJ
#
_entry.id   6HUJ
#
_cell.length_a   1.0
_cell.length_b   1.0
_cell.length_c   1.0
_cell.angle_alpha   90.00
_cell.angle_beta   90.00
_cell.angle_gamma   90.00
#
_symmetry.space_group_name_H-M   'P 1'
#
loop_
_entity.id
_entity.type
_entity.pdbx_description
1 polymer 'Gamma-aminobutyric acid receptor subunit alpha-1,Gamma-aminobutyric acid receptor subunit alpha-1'
2 polymer 'Gamma-aminobutyric acid receptor subunit beta-3'
3 polymer 'Gamma-aminobutyric acid receptor subunit gamma-2'
4 polymer 'Megabody Mb38'
5 branched alpha-D-mannopyranose-(1-3)-[alpha-D-mannopyranose-(1-6)]alpha-D-mannopyranose-(1-6)-[alpha-D-mannopyranose-(1-3)]beta-D-mannopyranose-(1-4)-2-acetamido-2-deoxy-beta-D-glucopyranose-(1-4)-2-acetamido-2-deoxy-beta-D-glucopyranose
6 branched alpha-D-mannopyranose-(1-3)-alpha-D-mannopyranose-(1-6)-[alpha-D-mannopyranose-(1-3)]beta-D-mannopyranose-(1-4)-2-acetamido-2-deoxy-beta-D-glucopyranose-(1-4)-2-acetamido-2-deoxy-beta-D-glucopyranose
7 branched 2-acetamido-2-deoxy-beta-D-glucopyranose-(1-4)-2-acetamido-2-deoxy-beta-D-glucopyranose
8 branched alpha-D-mannopyranose-(1-3)-[alpha-D-mannopyranose-(1-6)]beta-D-mannopyranose-(1-4)-2-acetamido-2-deoxy-beta-D-glucopyranose-(1-4)-2-acetamido-2-deoxy-beta-D-glucopyranose
9 non-polymer '[(2R)-2-octanoyloxy-3-[oxidanyl-[(1R,2R,3S,4R,5R,6S)-2,3,6-tris(oxidanyl)-4,5-diphosphonooxy-cyclohexyl]oxy-phosphoryl]oxy-propyl] octanoate'
10 non-polymer '(1aR,2aR,3S,6R,6aS,8aS,8bR,9R)-2a-hydroxy-8b-methyl-9-(prop-1-en-2-yl)hexahydro-3,6-methano-1,5,7-trioxacyclopenta[ij]c yclopropa[a]azulene-4,8(3H)-dione'
11 non-polymer 'GAMMA-AMINO-BUTANOIC ACID'
#
loop_
_entity_poly.entity_id
_entity_poly.type
_entity_poly.pdbx_seq_one_letter_code
_entity_poly.pdbx_strand_id
1 'polypeptide(L)'
;MKKSPGLSDYLWAWTLFLSTLTGRSYGDYKDDDDKQPSLQDELKDNTTVFTRILDRLLDGYDNRLRPGLGERVTEVKTDI
FVTSFGPVSDHDMEYTIDVFFRQSWKDERLKFKGPMTVLRLNNLMASKIWTPDTFFHNGKKSVAHNMTMPNKLLRITEDG
TLLYTMRLTVRAECPMHLEDFPMDAHACPLKFGSYAYTRAEVVYEWTREPARSVVVAEDGSRLNQYDLLGQTVDSGIVQS
STGEYVVMTTHFHLKRKIGYFVIQTYLPCIMTVILSQVSFWLNRESVPARTVFGVTTVLTMTTLSISARNSLPKVAYATA
MDWFIAVCYAFVFSALIEFATVNYFTKRGYAWDGKSVVPEKPKKVKDPLIKKNNTYAPTATSYTPNLARGDPGLATIAKS
ATIEPKEVKPETKPPEPKKTFNSVSKIDRLSRIAFPLLFGIFNLVYWATYLNREPQLKAPTPHQ
;
A,D
2 'polypeptide(L)'
;MCSGLLELLLPIWLSWTLGTRGSEPRSVNDPGNMSFVKETVDKLLKGYDIRLRPDFGGPPVCVGMNIDIASIDMVSEVNM
DYTLTMYFQQYWRDKRLAYSGIPLNLTLDNRVADQLWVPDTYFLNDKKSFVHGVTVKNRMIRLHPDGTVLYGLRITTTAA
CMMDLRRYPLDEQNCTLEIESYGYTTDDIEFYWRGGDKAVTGVERIELPQFSIVEHRLVSRNVVFATGAYPRLSLSFRLK
RNIGYFILQTYMPSILITILSWVSFWINYDASAARVALGITTVLTMTTINTHLRETLPKIPYVKAIDMYLMGCFVFVFLA
LLEYAFVNYIFFGRGPQRQKKLAEKTAKAKNDRSKSESNRVDAHGNILLTSLEVHNEMNEVSGGIGDTRNSAISFDNSGI
QYRKQSMPREGHGRFLGDRSLPHKKTHLRRRSSQLKIKIPDLTDVNAIDRWSRIVFPFTFSLFNLVYWLYYVN
;
B,E
3 'polypeptide(L)'
;MSSPNIWSTGSSVYSTPVFSQKMTVWILLLLSLYPGFTSQKSDDDYEDYASNKTWVLTPKVPEGDVTVILNNLLEGYDNK
LRPDIGVKPTLIHTDMYVNSIGPVNAINMEYTIDIFFAQTWYDRRLKFNSTIKVLRLNSNMVGKIWIPDTFFRNSKKADA
HWITTPNRMLRIWNDGRVLYTLRLTIDAECQLQLHNFPMDEHSCPLEFSSYGYPREEIVYQWKRSSVEVGDTRSWRLYQF
SFVGLRNTTEVVKTTSGDYVVMSVYFDLSRRMGYFTIQTYIPCTLIVVLSWVSFWINKDAVPARTSLGITTVLTMTTLST
IARKSLPKVSYVTAMDLFVSVCFIFVFSALVEYGTLHYFVSNRKPSKDKDKKKKNPLLRMFSFKAPTIDIRPRSATIQMN
NATHLQERDEEYGYECLDGKDCASFFCCFEDCRTGAWRHGRIHIRIAKMDSYARIFFPTAFCLFNLVYWVSYLYLGGSGG
SGGSGKTETSQVAPA
;
C
4 'polypeptide(L)'
;QVQLQESGGGLVQTKTTTSVIDTTNDAQNLLTQAQTIVNTLKDYCPILIAKSSSSNGGTNNANTPSWQTAGGGKNSCATF
GAEFSAASDMINNAQKIVQETQQLSANQPKNITQPHNLNLNSPSSLTALAQKMLKNAQSQAEILKLANQVESDFNKLSSG
HLKDYIGKCDASAISSANMTMQNQKNNWGNGCAGVEETQSLLKTSAADFNNQTPQINQAQNLANTLIQELGNNPFRASGG
GSGGGGSGKLSDTYEQLSRLLTNDNGTNSKTSAQAINQAVNNLNERAKTLAGGTTNSPAYQATLLALRSVLGLWNSMGYA
VICGGYTKSPGENNQKDFHYTDENGNGTTINCGGSTNSNGTHSYNGTNTLKADKNVSLSIEQYEKIHEAYQILSKALKQA
GLAPLNSKGEKLEAHVTTSKYGSLRVSCAASGRTFTTYIMAWFRQAPGKEREFLAAMDQGRIQYYGDSVRGRFTISRDYA
KNSVDLQLDGLRPEDTAVYYCAAGAGFWGLRTASSYHYWGQGTQVTVSSHHHHHHEPEA
;
G
#
# COMPACT_ATOMS: atom_id res chain seq x y z
N ASP A 45 -54.86 12.22 11.92
CA ASP A 45 -55.40 11.81 10.64
C ASP A 45 -54.26 11.67 9.63
N ASN A 46 -53.26 12.55 9.75
CA ASN A 46 -52.15 12.57 8.80
C ASN A 46 -51.25 11.34 8.94
N THR A 47 -51.16 10.78 10.15
CA THR A 47 -50.36 9.58 10.34
C THR A 47 -51.09 8.32 9.86
N THR A 48 -52.39 8.41 9.61
CA THR A 48 -53.17 7.29 9.10
C THR A 48 -53.20 7.27 7.58
N VAL A 49 -53.32 8.45 6.96
CA VAL A 49 -53.35 8.55 5.50
C VAL A 49 -51.99 8.20 4.91
N PHE A 50 -50.92 8.64 5.56
CA PHE A 50 -49.58 8.48 5.00
C PHE A 50 -49.11 7.03 5.04
N THR A 51 -49.54 6.26 6.04
CA THR A 51 -49.17 4.85 6.06
C THR A 51 -50.01 4.03 5.08
N ARG A 52 -51.22 4.46 4.78
CA ARG A 52 -52.05 3.73 3.83
C ARG A 52 -51.68 4.03 2.39
N ILE A 53 -51.06 5.19 2.13
CA ILE A 53 -50.54 5.45 0.78
C ILE A 53 -49.34 4.56 0.51
N LEU A 54 -48.45 4.40 1.49
CA LEU A 54 -47.25 3.59 1.29
C LEU A 54 -47.55 2.10 1.24
N ASP A 55 -48.74 1.68 1.66
CA ASP A 55 -49.13 0.28 1.55
C ASP A 55 -49.72 -0.04 0.18
N ARG A 56 -50.44 0.89 -0.42
CA ARG A 56 -51.11 0.64 -1.69
C ARG A 56 -50.21 0.87 -2.90
N LEU A 57 -49.02 1.47 -2.71
CA LEU A 57 -48.12 1.66 -3.85
C LEU A 57 -47.49 0.34 -4.28
N LEU A 58 -47.20 -0.55 -3.33
CA LEU A 58 -46.50 -1.78 -3.61
C LEU A 58 -47.44 -2.95 -3.86
N ASP A 59 -48.75 -2.72 -3.91
CA ASP A 59 -49.69 -3.77 -4.29
C ASP A 59 -49.61 -4.00 -5.79
N GLY A 60 -49.21 -5.21 -6.18
CA GLY A 60 -49.04 -5.52 -7.58
C GLY A 60 -47.77 -5.00 -8.19
N TYR A 61 -46.90 -4.38 -7.40
CA TYR A 61 -45.66 -3.82 -7.91
C TYR A 61 -44.61 -4.93 -8.01
N ASP A 62 -44.07 -5.11 -9.21
CA ASP A 62 -42.99 -6.07 -9.45
C ASP A 62 -41.74 -5.27 -9.73
N ASN A 63 -40.81 -5.25 -8.77
CA ASN A 63 -39.56 -4.51 -8.94
C ASN A 63 -38.54 -5.23 -9.80
N ARG A 64 -38.83 -6.47 -10.21
CA ARG A 64 -37.92 -7.21 -11.07
C ARG A 64 -37.97 -6.72 -12.51
N LEU A 65 -39.01 -5.99 -12.90
CA LEU A 65 -39.18 -5.59 -14.28
C LEU A 65 -39.21 -4.08 -14.42
N ARG A 66 -38.68 -3.61 -15.54
CA ARG A 66 -38.50 -2.20 -15.83
C ARG A 66 -39.85 -1.51 -16.03
N PRO A 67 -39.96 -0.24 -15.64
CA PRO A 67 -41.16 0.53 -15.96
C PRO A 67 -41.38 0.67 -17.46
N GLY A 68 -42.47 0.08 -17.94
CA GLY A 68 -42.72 -0.01 -19.36
C GLY A 68 -41.77 -0.99 -20.02
N LEU A 69 -41.86 -2.25 -19.62
CA LEU A 69 -40.90 -3.25 -20.09
C LEU A 69 -41.10 -3.59 -21.56
N GLY A 70 -42.33 -3.52 -22.05
CA GLY A 70 -42.58 -3.76 -23.45
C GLY A 70 -43.18 -2.55 -24.16
N GLU A 71 -43.24 -1.42 -23.47
CA GLU A 71 -43.91 -0.23 -23.97
C GLU A 71 -42.94 0.80 -24.54
N ARG A 72 -42.00 1.27 -23.73
CA ARG A 72 -41.11 2.35 -24.14
C ARG A 72 -39.81 2.26 -23.34
N VAL A 73 -38.86 3.12 -23.68
CA VAL A 73 -37.59 3.15 -22.97
C VAL A 73 -37.76 3.95 -21.68
N THR A 74 -36.83 3.76 -20.75
CA THR A 74 -36.83 4.44 -19.47
C THR A 74 -35.76 5.52 -19.50
N GLU A 75 -36.19 6.77 -19.70
CA GLU A 75 -35.25 7.89 -19.71
C GLU A 75 -34.87 8.22 -18.26
N VAL A 76 -33.63 7.92 -17.90
CA VAL A 76 -33.14 8.18 -16.55
C VAL A 76 -32.23 9.40 -16.65
N LYS A 77 -32.69 10.53 -16.14
CA LYS A 77 -31.92 11.76 -16.18
C LYS A 77 -30.98 11.82 -14.99
N THR A 78 -29.68 11.90 -15.25
CA THR A 78 -28.66 11.85 -14.21
C THR A 78 -28.08 13.22 -13.95
N ASP A 79 -27.38 13.33 -12.82
CA ASP A 79 -26.90 14.60 -12.29
C ASP A 79 -25.85 14.28 -11.24
N ILE A 80 -24.73 15.01 -11.27
CA ILE A 80 -23.60 14.76 -10.39
C ILE A 80 -23.18 16.05 -9.73
N PHE A 81 -23.05 16.03 -8.40
CA PHE A 81 -22.41 17.11 -7.65
C PHE A 81 -21.15 16.56 -7.01
N VAL A 82 -20.00 17.01 -7.50
CA VAL A 82 -18.71 16.55 -7.02
C VAL A 82 -18.33 17.36 -5.78
N THR A 83 -18.18 16.69 -4.65
CA THR A 83 -17.82 17.37 -3.42
C THR A 83 -16.33 17.39 -3.14
N SER A 84 -15.57 16.43 -3.68
CA SER A 84 -14.12 16.42 -3.54
C SER A 84 -13.53 15.57 -4.64
N PHE A 85 -12.78 16.18 -5.54
CA PHE A 85 -12.03 15.44 -6.54
C PHE A 85 -10.74 14.98 -5.88
N GLY A 86 -10.80 13.79 -5.27
CA GLY A 86 -9.79 13.35 -4.32
C GLY A 86 -8.42 13.06 -4.91
N PRO A 87 -7.53 12.50 -4.09
CA PRO A 87 -6.11 12.41 -4.48
C PRO A 87 -5.89 11.40 -5.59
N VAL A 88 -5.17 11.83 -6.62
CA VAL A 88 -4.92 11.02 -7.79
C VAL A 88 -3.64 10.23 -7.58
N SER A 89 -3.71 8.91 -7.73
CA SER A 89 -2.56 8.05 -7.50
C SER A 89 -1.84 7.80 -8.82
N ASP A 90 -0.60 8.30 -8.93
CA ASP A 90 0.17 8.12 -10.15
C ASP A 90 0.68 6.69 -10.29
N HIS A 91 1.09 6.08 -9.18
CA HIS A 91 1.66 4.75 -9.21
C HIS A 91 0.60 3.66 -9.40
N ASP A 92 -0.67 3.97 -9.16
CA ASP A 92 -1.76 3.04 -9.42
C ASP A 92 -2.58 3.41 -10.65
N MET A 93 -2.35 4.61 -11.22
CA MET A 93 -3.08 5.15 -12.37
C MET A 93 -4.58 5.21 -12.10
N GLU A 94 -4.93 5.76 -10.94
CA GLU A 94 -6.31 5.85 -10.48
C GLU A 94 -6.51 7.18 -9.79
N TYR A 95 -7.77 7.51 -9.53
CA TYR A 95 -8.11 8.70 -8.76
C TYR A 95 -9.36 8.41 -7.96
N THR A 96 -9.69 9.32 -7.05
CA THR A 96 -10.83 9.18 -6.16
C THR A 96 -11.73 10.40 -6.35
N ILE A 97 -13.04 10.20 -6.27
CA ILE A 97 -13.99 11.28 -6.41
C ILE A 97 -15.19 11.01 -5.50
N ASP A 98 -15.62 12.03 -4.76
CA ASP A 98 -16.80 11.94 -3.91
C ASP A 98 -17.93 12.70 -4.60
N VAL A 99 -19.02 12.00 -4.89
CA VAL A 99 -20.14 12.58 -5.62
C VAL A 99 -21.42 12.42 -4.82
N PHE A 100 -22.37 13.33 -5.05
CA PHE A 100 -23.79 13.10 -4.80
C PHE A 100 -24.38 12.73 -6.15
N PHE A 101 -24.64 11.45 -6.35
CA PHE A 101 -25.01 10.94 -7.66
C PHE A 101 -26.53 10.87 -7.76
N ARG A 102 -27.11 11.75 -8.56
CA ARG A 102 -28.55 11.91 -8.65
C ARG A 102 -29.11 11.20 -9.87
N GLN A 103 -30.32 10.65 -9.72
CA GLN A 103 -31.02 9.95 -10.78
C GLN A 103 -32.48 10.35 -10.76
N SER A 104 -33.09 10.45 -11.93
CA SER A 104 -34.50 10.84 -12.02
C SER A 104 -35.15 10.13 -13.19
N TRP A 105 -36.24 9.43 -12.93
CA TRP A 105 -36.98 8.74 -13.98
C TRP A 105 -38.45 8.67 -13.55
N LYS A 106 -39.30 8.32 -14.51
CA LYS A 106 -40.74 8.24 -14.27
C LYS A 106 -41.18 6.79 -14.18
N ASP A 107 -41.92 6.46 -13.13
CA ASP A 107 -42.51 5.14 -12.95
C ASP A 107 -44.01 5.33 -12.82
N GLU A 108 -44.77 4.74 -13.74
CA GLU A 108 -46.22 4.93 -13.77
C GLU A 108 -46.90 4.21 -12.62
N ARG A 109 -46.31 3.12 -12.13
CA ARG A 109 -46.94 2.30 -11.11
C ARG A 109 -46.93 2.95 -9.73
N LEU A 110 -46.14 4.02 -9.54
CA LEU A 110 -46.03 4.66 -8.24
C LEU A 110 -46.78 5.99 -8.17
N LYS A 111 -47.85 6.13 -8.93
CA LYS A 111 -48.70 7.29 -8.81
C LYS A 111 -49.54 7.20 -7.54
N PHE A 112 -49.84 8.36 -6.96
CA PHE A 112 -50.66 8.40 -5.75
C PHE A 112 -51.43 9.71 -5.72
N LYS A 113 -52.41 9.77 -4.82
CA LYS A 113 -53.15 10.98 -4.51
C LYS A 113 -53.24 11.10 -2.99
N GLY A 114 -52.84 12.24 -2.46
CA GLY A 114 -52.84 12.44 -1.03
C GLY A 114 -52.72 13.88 -0.60
N PRO A 115 -52.46 14.11 0.70
CA PRO A 115 -52.28 15.49 1.20
C PRO A 115 -51.05 16.16 0.63
N MET A 116 -49.91 15.49 0.76
CA MET A 116 -48.65 16.02 0.26
C MET A 116 -48.45 15.62 -1.19
N THR A 117 -47.61 16.40 -1.89
CA THR A 117 -47.33 16.13 -3.29
C THR A 117 -46.09 15.29 -3.49
N VAL A 118 -45.09 15.42 -2.62
CA VAL A 118 -43.86 14.65 -2.70
C VAL A 118 -43.74 13.79 -1.44
N LEU A 119 -43.33 12.55 -1.62
CA LEU A 119 -43.09 11.63 -0.51
C LEU A 119 -41.60 11.53 -0.25
N ARG A 120 -41.26 11.13 0.97
CA ARG A 120 -39.92 10.72 1.33
C ARG A 120 -39.98 9.30 1.84
N LEU A 121 -38.96 8.50 1.52
CA LEU A 121 -39.00 7.08 1.78
C LEU A 121 -37.83 6.64 2.63
N ASN A 122 -38.12 5.74 3.57
CA ASN A 122 -37.06 4.96 4.19
C ASN A 122 -36.51 3.96 3.18
N ASN A 123 -35.25 3.59 3.35
CA ASN A 123 -34.57 2.80 2.33
C ASN A 123 -34.97 1.33 2.33
N LEU A 124 -35.85 0.90 3.25
CA LEU A 124 -36.45 -0.42 3.12
C LEU A 124 -37.43 -0.46 1.96
N MET A 125 -38.09 0.66 1.66
CA MET A 125 -38.96 0.72 0.50
C MET A 125 -38.19 1.09 -0.77
N ALA A 126 -37.06 1.79 -0.65
CA ALA A 126 -36.22 2.06 -1.81
C ALA A 126 -35.55 0.79 -2.33
N SER A 127 -35.42 -0.25 -1.50
CA SER A 127 -34.98 -1.55 -1.95
C SER A 127 -36.12 -2.41 -2.48
N LYS A 128 -37.36 -1.96 -2.35
CA LYS A 128 -38.51 -2.66 -2.91
C LYS A 128 -39.04 -2.00 -4.18
N ILE A 129 -38.48 -0.86 -4.56
CA ILE A 129 -38.83 -0.16 -5.79
C ILE A 129 -37.70 -0.38 -6.79
N TRP A 130 -38.07 -0.52 -8.08
CA TRP A 130 -37.08 -0.65 -9.15
C TRP A 130 -36.13 0.54 -9.16
N THR A 131 -34.87 0.25 -9.48
CA THR A 131 -33.79 1.20 -9.45
C THR A 131 -32.87 0.84 -10.62
N PRO A 132 -32.45 1.81 -11.44
CA PRO A 132 -31.56 1.50 -12.55
C PRO A 132 -30.20 1.05 -12.05
N ASP A 133 -29.62 0.07 -12.77
CA ASP A 133 -28.38 -0.57 -12.35
C ASP A 133 -27.18 0.18 -12.94
N THR A 134 -27.01 1.40 -12.45
CA THR A 134 -25.89 2.22 -12.87
C THR A 134 -24.61 1.71 -12.24
N PHE A 135 -23.61 1.47 -13.07
CA PHE A 135 -22.27 1.15 -12.59
C PHE A 135 -21.29 2.06 -13.31
N PHE A 136 -20.06 2.08 -12.83
CA PHE A 136 -19.01 2.89 -13.41
C PHE A 136 -18.11 1.99 -14.25
N HIS A 137 -17.95 2.34 -15.52
CA HIS A 137 -17.23 1.50 -16.48
C HIS A 137 -15.76 1.39 -16.17
N ASN A 138 -15.18 2.34 -15.44
CA ASN A 138 -13.78 2.30 -15.05
C ASN A 138 -13.59 2.30 -13.54
N GLY A 139 -14.60 1.90 -12.78
CA GLY A 139 -14.48 1.87 -11.33
C GLY A 139 -13.64 0.69 -10.87
N LYS A 140 -12.76 0.95 -9.91
CA LYS A 140 -11.87 -0.08 -9.38
C LYS A 140 -12.37 -0.64 -8.05
N LYS A 141 -12.55 0.21 -7.05
CA LYS A 141 -13.18 -0.21 -5.80
C LYS A 141 -13.89 1.01 -5.24
N SER A 142 -15.18 1.11 -5.55
CA SER A 142 -15.99 2.25 -5.16
C SER A 142 -16.90 1.87 -3.99
N VAL A 143 -17.22 2.88 -3.17
CA VAL A 143 -17.86 2.67 -1.88
C VAL A 143 -19.19 3.42 -1.87
N ALA A 144 -20.26 2.72 -1.49
CA ALA A 144 -21.54 3.35 -1.19
C ALA A 144 -21.61 3.52 0.32
N HIS A 145 -21.58 4.77 0.78
CA HIS A 145 -21.49 5.05 2.20
C HIS A 145 -22.82 4.80 2.89
N ASN A 146 -22.75 4.28 4.12
CA ASN A 146 -23.97 4.02 4.88
C ASN A 146 -23.81 4.42 6.34
N MET A 147 -23.06 5.49 6.59
CA MET A 147 -22.90 6.03 7.94
C MET A 147 -23.76 7.28 8.07
N THR A 148 -24.63 7.32 9.08
CA THR A 148 -24.87 6.25 10.04
C THR A 148 -25.98 5.34 9.54
N MET A 149 -26.80 5.90 8.66
CA MET A 149 -27.83 5.21 7.89
C MET A 149 -27.41 5.17 6.43
N PRO A 150 -27.98 4.28 5.61
CA PRO A 150 -27.63 4.25 4.18
C PRO A 150 -27.96 5.55 3.48
N ASN A 151 -26.92 6.21 2.96
CA ASN A 151 -27.01 7.58 2.45
C ASN A 151 -27.69 7.58 1.08
N LYS A 152 -28.99 7.32 1.10
CA LYS A 152 -29.81 7.26 -0.09
C LYS A 152 -31.15 7.88 0.25
N LEU A 153 -31.74 8.57 -0.71
CA LEU A 153 -33.10 9.07 -0.57
C LEU A 153 -33.86 8.80 -1.85
N LEU A 154 -35.09 8.33 -1.70
CA LEU A 154 -35.99 8.12 -2.83
C LEU A 154 -37.24 8.96 -2.60
N ARG A 155 -37.58 9.80 -3.58
CA ARG A 155 -38.68 10.74 -3.45
C ARG A 155 -39.67 10.49 -4.59
N ILE A 156 -40.91 10.16 -4.23
CA ILE A 156 -41.97 9.95 -5.19
C ILE A 156 -42.78 11.24 -5.28
N THR A 157 -43.02 11.71 -6.49
CA THR A 157 -44.00 12.78 -6.70
C THR A 157 -45.32 12.16 -7.15
N GLU A 158 -46.36 12.99 -7.16
CA GLU A 158 -47.72 12.47 -7.36
C GLU A 158 -47.98 12.00 -8.79
N ASP A 159 -47.19 12.45 -9.76
CA ASP A 159 -47.35 12.01 -11.14
C ASP A 159 -46.51 10.78 -11.47
N GLY A 160 -45.67 10.32 -10.55
CA GLY A 160 -44.86 9.13 -10.76
C GLY A 160 -43.37 9.38 -10.93
N THR A 161 -42.94 10.64 -10.93
CA THR A 161 -41.52 10.93 -11.12
C THR A 161 -40.73 10.59 -9.87
N LEU A 162 -39.71 9.76 -10.02
CA LEU A 162 -38.84 9.35 -8.93
C LEU A 162 -37.57 10.18 -8.93
N LEU A 163 -37.11 10.55 -7.74
CA LEU A 163 -35.83 11.21 -7.56
C LEU A 163 -35.01 10.37 -6.58
N TYR A 164 -33.84 9.94 -7.00
CA TYR A 164 -33.06 8.95 -6.26
C TYR A 164 -31.61 9.37 -6.25
N THR A 165 -31.12 9.84 -5.10
CA THR A 165 -29.75 10.30 -4.97
C THR A 165 -29.02 9.41 -4.00
N MET A 166 -27.69 9.37 -4.13
CA MET A 166 -26.85 8.65 -3.21
C MET A 166 -25.51 9.36 -3.08
N ARG A 167 -24.86 9.18 -1.95
CA ARG A 167 -23.55 9.74 -1.69
C ARG A 167 -22.52 8.64 -1.91
N LEU A 168 -21.63 8.84 -2.89
CA LEU A 168 -20.69 7.81 -3.31
C LEU A 168 -19.25 8.28 -3.16
N THR A 169 -18.35 7.29 -3.12
CA THR A 169 -16.92 7.49 -3.26
C THR A 169 -16.46 6.56 -4.36
N VAL A 170 -16.08 7.11 -5.51
CA VAL A 170 -15.77 6.32 -6.69
C VAL A 170 -14.27 6.37 -6.91
N ARG A 171 -13.64 5.20 -6.95
CA ARG A 171 -12.22 5.10 -7.26
C ARG A 171 -12.13 4.60 -8.70
N ALA A 172 -11.89 5.53 -9.63
CA ALA A 172 -11.95 5.24 -11.05
C ALA A 172 -10.56 5.03 -11.64
N GLU A 173 -10.54 4.62 -12.90
CA GLU A 173 -9.31 4.25 -13.60
C GLU A 173 -8.96 5.34 -14.60
N CYS A 174 -7.88 6.07 -14.33
CA CYS A 174 -7.41 7.12 -15.22
C CYS A 174 -6.16 6.67 -15.96
N PRO A 175 -6.23 6.41 -17.26
CA PRO A 175 -5.01 6.12 -18.01
C PRO A 175 -4.15 7.36 -18.16
N MET A 176 -2.84 7.19 -17.98
CA MET A 176 -1.89 8.29 -18.02
C MET A 176 -0.82 8.04 -19.07
N HIS A 177 -0.46 9.12 -19.77
CA HIS A 177 0.60 9.12 -20.78
C HIS A 177 1.68 9.95 -20.11
N LEU A 178 2.69 9.29 -19.56
CA LEU A 178 3.72 9.99 -18.79
C LEU A 178 4.98 10.22 -19.59
N GLU A 179 4.86 10.40 -20.91
CA GLU A 179 6.02 10.69 -21.74
C GLU A 179 6.60 12.08 -21.47
N ASP A 180 5.81 12.98 -20.89
CA ASP A 180 6.23 14.34 -20.62
C ASP A 180 6.31 14.63 -19.13
N PHE A 181 6.68 13.63 -18.33
CA PHE A 181 6.70 13.78 -16.89
C PHE A 181 7.84 14.72 -16.46
N PRO A 182 7.57 15.72 -15.61
CA PRO A 182 6.30 16.06 -14.95
C PRO A 182 5.49 17.15 -15.65
N MET A 183 5.95 17.59 -16.82
CA MET A 183 5.33 18.70 -17.54
C MET A 183 4.22 18.23 -18.47
N ASP A 184 3.28 17.45 -17.94
CA ASP A 184 2.26 16.80 -18.75
C ASP A 184 0.87 17.12 -18.21
N ALA A 185 -0.12 16.78 -19.01
CA ALA A 185 -1.52 17.04 -18.67
C ALA A 185 -2.36 15.93 -19.28
N HIS A 186 -3.30 15.42 -18.49
CA HIS A 186 -4.10 14.28 -18.92
C HIS A 186 -5.51 14.41 -18.39
N ALA A 187 -6.47 13.83 -19.13
CA ALA A 187 -7.88 13.91 -18.81
C ALA A 187 -8.33 12.59 -18.20
N CYS A 188 -8.79 12.65 -16.95
CA CYS A 188 -9.24 11.47 -16.24
C CYS A 188 -10.74 11.28 -16.41
N PRO A 189 -11.19 10.17 -16.99
CA PRO A 189 -12.62 9.99 -17.25
C PRO A 189 -13.37 9.44 -16.03
N LEU A 190 -14.66 9.74 -16.00
CA LEU A 190 -15.61 9.16 -15.06
C LEU A 190 -16.82 8.72 -15.87
N LYS A 191 -16.87 7.44 -16.23
CA LYS A 191 -17.80 6.95 -17.23
C LYS A 191 -18.77 5.98 -16.58
N PHE A 192 -20.06 6.24 -16.73
CA PHE A 192 -21.07 5.38 -16.12
C PHE A 192 -22.20 5.09 -17.09
N GLY A 193 -22.99 4.09 -16.74
CA GLY A 193 -24.08 3.65 -17.59
C GLY A 193 -24.76 2.45 -16.94
N SER A 194 -25.79 1.95 -17.63
CA SER A 194 -26.51 0.80 -17.13
C SER A 194 -25.72 -0.47 -17.36
N TYR A 195 -25.99 -1.48 -16.54
CA TYR A 195 -25.25 -2.73 -16.62
C TYR A 195 -25.96 -3.79 -17.47
N ALA A 196 -27.28 -3.92 -17.31
CA ALA A 196 -28.02 -4.97 -17.98
C ALA A 196 -28.96 -4.46 -19.06
N TYR A 197 -29.27 -3.17 -19.07
CA TYR A 197 -30.31 -2.64 -19.93
C TYR A 197 -29.68 -1.89 -21.10
N THR A 198 -30.04 -2.29 -22.31
CA THR A 198 -29.40 -1.79 -23.52
C THR A 198 -30.01 -0.45 -23.92
N ARG A 199 -29.71 0.00 -25.15
CA ARG A 199 -30.25 1.27 -25.64
C ARG A 199 -31.76 1.20 -25.87
N ALA A 200 -32.28 0.01 -26.17
CA ALA A 200 -33.71 -0.16 -26.39
C ALA A 200 -34.50 -0.29 -25.10
N GLU A 201 -33.83 -0.30 -23.95
CA GLU A 201 -34.50 -0.47 -22.67
C GLU A 201 -34.32 0.71 -21.74
N VAL A 202 -33.09 1.15 -21.49
CA VAL A 202 -32.82 2.28 -20.61
C VAL A 202 -31.86 3.22 -21.31
N VAL A 203 -32.26 4.49 -21.47
CA VAL A 203 -31.45 5.54 -22.05
C VAL A 203 -31.16 6.55 -20.95
N TYR A 204 -29.89 6.93 -20.79
CA TYR A 204 -29.53 7.96 -19.84
C TYR A 204 -29.50 9.33 -20.50
N GLU A 205 -29.77 10.35 -19.71
CA GLU A 205 -29.73 11.74 -20.14
C GLU A 205 -29.01 12.53 -19.06
N TRP A 206 -29.05 13.84 -19.17
CA TRP A 206 -28.67 14.73 -18.09
C TRP A 206 -29.88 15.58 -17.74
N THR A 207 -29.93 16.06 -16.49
CA THR A 207 -31.11 16.76 -15.99
C THR A 207 -31.22 18.19 -16.51
N ARG A 208 -30.24 18.66 -17.27
CA ARG A 208 -30.12 20.03 -17.71
C ARG A 208 -29.09 20.03 -18.85
N GLU A 209 -28.59 21.21 -19.20
CA GLU A 209 -27.46 21.31 -20.11
C GLU A 209 -26.28 20.51 -19.55
N PRO A 210 -25.55 19.78 -20.40
CA PRO A 210 -24.53 18.85 -19.89
C PRO A 210 -23.36 19.53 -19.20
N ALA A 211 -22.97 20.72 -19.63
CA ALA A 211 -21.90 21.44 -18.95
C ALA A 211 -22.35 21.92 -17.56
N ARG A 212 -23.64 22.14 -17.38
CA ARG A 212 -24.18 22.56 -16.09
C ARG A 212 -24.57 21.39 -15.19
N SER A 213 -24.51 20.16 -15.70
CA SER A 213 -24.98 19.01 -14.93
C SER A 213 -23.94 18.59 -13.90
N VAL A 214 -22.72 18.28 -14.33
CA VAL A 214 -21.67 17.89 -13.40
C VAL A 214 -21.13 19.16 -12.75
N VAL A 215 -21.37 19.30 -11.45
CA VAL A 215 -20.99 20.49 -10.70
C VAL A 215 -19.91 20.09 -9.70
N VAL A 216 -18.83 20.85 -9.68
CA VAL A 216 -17.74 20.63 -8.73
C VAL A 216 -17.85 21.71 -7.65
N ALA A 217 -17.75 21.28 -6.39
CA ALA A 217 -17.78 22.21 -5.28
C ALA A 217 -16.55 23.12 -5.30
N GLU A 218 -16.75 24.36 -4.87
CA GLU A 218 -15.69 25.37 -4.96
C GLU A 218 -14.55 25.07 -3.99
N ASP A 219 -14.87 24.62 -2.79
CA ASP A 219 -13.87 24.17 -1.83
C ASP A 219 -13.49 22.72 -2.03
N GLY A 220 -14.08 22.04 -3.00
CA GLY A 220 -13.81 20.64 -3.23
C GLY A 220 -12.75 20.36 -4.26
N SER A 221 -11.57 20.94 -4.09
CA SER A 221 -10.44 20.62 -4.98
C SER A 221 -9.70 19.39 -4.46
N ARG A 222 -9.13 19.49 -3.26
CA ARG A 222 -8.51 18.39 -2.51
C ARG A 222 -7.39 17.70 -3.29
N LEU A 223 -6.69 18.46 -4.13
CA LEU A 223 -5.52 18.00 -4.85
C LEU A 223 -4.29 18.76 -4.38
N ASN A 224 -3.17 18.06 -4.33
CA ASN A 224 -1.90 18.69 -3.96
C ASN A 224 -0.82 18.56 -5.02
N GLN A 225 -0.89 17.59 -5.92
CA GLN A 225 0.09 17.41 -6.98
C GLN A 225 -0.39 17.98 -8.31
N TYR A 226 -1.68 17.90 -8.60
CA TYR A 226 -2.26 18.32 -9.86
C TYR A 226 -2.98 19.64 -9.70
N ASP A 227 -3.64 20.08 -10.76
CA ASP A 227 -4.43 21.30 -10.75
C ASP A 227 -5.66 21.05 -11.62
N LEU A 228 -6.84 20.99 -11.00
CA LEU A 228 -8.08 20.73 -11.72
C LEU A 228 -8.44 21.96 -12.54
N LEU A 229 -8.30 21.86 -13.86
CA LEU A 229 -8.53 23.00 -14.75
C LEU A 229 -9.98 23.13 -15.19
N GLY A 230 -10.79 22.10 -15.03
CA GLY A 230 -12.17 22.11 -15.45
C GLY A 230 -12.56 20.78 -16.04
N GLN A 231 -13.86 20.56 -16.15
CA GLN A 231 -14.40 19.29 -16.61
C GLN A 231 -15.04 19.43 -17.98
N THR A 232 -15.32 18.27 -18.58
CA THR A 232 -15.97 18.18 -19.88
C THR A 232 -16.95 17.03 -19.83
N VAL A 233 -18.19 17.28 -20.24
CA VAL A 233 -19.28 16.33 -20.10
C VAL A 233 -19.74 15.90 -21.49
N ASP A 234 -19.80 14.60 -21.71
CA ASP A 234 -20.14 14.05 -23.03
C ASP A 234 -20.98 12.80 -22.81
N SER A 235 -21.26 12.07 -23.89
CA SER A 235 -22.08 10.87 -23.81
C SER A 235 -21.73 9.97 -24.99
N GLY A 236 -21.68 8.67 -24.74
CA GLY A 236 -21.27 7.73 -25.77
C GLY A 236 -22.02 6.42 -25.79
N ILE A 237 -21.54 5.46 -26.59
CA ILE A 237 -22.17 4.16 -26.80
C ILE A 237 -21.08 3.11 -26.82
N VAL A 238 -21.27 2.02 -26.06
CA VAL A 238 -20.38 0.87 -26.16
C VAL A 238 -21.04 -0.18 -27.05
N GLN A 239 -20.21 -1.05 -27.62
CA GLN A 239 -20.65 -2.20 -28.38
C GLN A 239 -20.13 -3.43 -27.63
N SER A 240 -20.89 -3.90 -26.66
CA SER A 240 -20.48 -5.06 -25.90
C SER A 240 -20.88 -6.34 -26.63
N SER A 241 -20.49 -7.47 -26.05
CA SER A 241 -20.93 -8.76 -26.57
C SER A 241 -22.42 -8.98 -26.31
N THR A 242 -22.94 -8.36 -25.25
CA THR A 242 -24.37 -8.49 -24.95
C THR A 242 -25.22 -7.52 -25.77
N GLY A 243 -24.77 -6.28 -25.92
CA GLY A 243 -25.54 -5.33 -26.70
C GLY A 243 -24.96 -3.93 -26.59
N GLU A 244 -25.75 -2.97 -27.07
CA GLU A 244 -25.36 -1.57 -27.12
C GLU A 244 -25.90 -0.84 -25.91
N TYR A 245 -25.02 -0.18 -25.16
CA TYR A 245 -25.41 0.52 -23.95
C TYR A 245 -25.15 2.01 -24.10
N VAL A 246 -25.90 2.81 -23.37
CA VAL A 246 -25.69 4.26 -23.32
C VAL A 246 -24.72 4.57 -22.18
N VAL A 247 -23.67 5.31 -22.49
CA VAL A 247 -22.62 5.64 -21.53
C VAL A 247 -22.55 7.15 -21.38
N MET A 248 -22.83 7.63 -20.17
CA MET A 248 -22.53 9.00 -19.81
C MET A 248 -21.06 9.12 -19.43
N THR A 249 -20.46 10.27 -19.74
CA THR A 249 -19.02 10.43 -19.60
C THR A 249 -18.69 11.81 -19.08
N THR A 250 -17.80 11.88 -18.09
CA THR A 250 -17.25 13.14 -17.60
C THR A 250 -15.74 13.02 -17.54
N HIS A 251 -15.04 13.93 -18.21
CA HIS A 251 -13.58 13.99 -18.21
C HIS A 251 -13.10 15.15 -17.37
N PHE A 252 -12.20 14.88 -16.44
CA PHE A 252 -11.62 15.89 -15.57
C PHE A 252 -10.20 16.18 -16.03
N HIS A 253 -9.92 17.44 -16.34
CA HIS A 253 -8.67 17.83 -17.00
C HIS A 253 -7.68 18.31 -15.95
N LEU A 254 -6.55 17.61 -15.85
CA LEU A 254 -5.58 17.81 -14.79
C LEU A 254 -4.23 18.17 -15.40
N LYS A 255 -3.60 19.21 -14.87
CA LYS A 255 -2.24 19.57 -15.23
C LYS A 255 -1.35 19.50 -14.00
N ARG A 256 -0.23 18.80 -14.11
CA ARG A 256 0.66 18.61 -12.97
C ARG A 256 1.48 19.87 -12.73
N LYS A 257 1.51 20.31 -11.46
CA LYS A 257 2.38 21.39 -11.06
C LYS A 257 3.81 20.87 -10.91
N ILE A 258 4.76 21.61 -11.49
CA ILE A 258 6.13 21.14 -11.59
C ILE A 258 7.06 21.89 -10.65
N GLY A 259 6.52 22.62 -9.67
CA GLY A 259 7.37 23.36 -8.75
C GLY A 259 8.13 22.48 -7.79
N TYR A 260 7.59 21.29 -7.49
CA TYR A 260 8.26 20.38 -6.59
C TYR A 260 9.47 19.72 -7.26
N PHE A 261 9.35 19.42 -8.54
CA PHE A 261 10.40 18.68 -9.23
C PHE A 261 11.56 19.57 -9.63
N VAL A 262 11.34 20.88 -9.74
CA VAL A 262 12.44 21.80 -10.01
C VAL A 262 13.39 21.86 -8.81
N ILE A 263 12.83 21.96 -7.61
CA ILE A 263 13.65 22.08 -6.41
C ILE A 263 14.24 20.74 -5.99
N GLN A 264 13.49 19.66 -6.16
CA GLN A 264 13.96 18.36 -5.72
C GLN A 264 14.85 17.66 -6.74
N THR A 265 14.56 17.81 -8.03
CA THR A 265 15.31 17.09 -9.05
C THR A 265 16.11 18.00 -9.97
N TYR A 266 15.48 19.01 -10.57
CA TYR A 266 16.12 19.76 -11.64
C TYR A 266 17.26 20.63 -11.14
N LEU A 267 17.00 21.49 -10.15
CA LEU A 267 18.05 22.38 -9.63
C LEU A 267 19.23 21.70 -8.95
N PRO A 268 19.11 20.59 -8.21
CA PRO A 268 20.33 19.89 -7.78
C PRO A 268 21.06 19.21 -8.92
N CYS A 269 20.35 18.73 -9.95
CA CYS A 269 21.04 18.14 -11.09
C CYS A 269 21.66 19.20 -11.99
N ILE A 270 21.08 20.39 -12.05
CA ILE A 270 21.72 21.48 -12.78
C ILE A 270 22.98 21.94 -12.04
N MET A 271 22.87 22.13 -10.73
CA MET A 271 24.01 22.61 -9.95
C MET A 271 25.12 21.58 -9.80
N THR A 272 24.82 20.29 -9.98
CA THR A 272 25.88 19.29 -9.98
C THR A 272 26.64 19.32 -11.30
N VAL A 273 25.95 19.57 -12.41
CA VAL A 273 26.61 19.73 -13.71
C VAL A 273 27.42 21.02 -13.72
N ILE A 274 26.91 22.08 -13.10
CA ILE A 274 27.65 23.33 -12.96
C ILE A 274 28.92 23.13 -12.13
N LEU A 275 28.86 22.26 -11.11
CA LEU A 275 30.06 21.91 -10.36
C LEU A 275 31.12 21.26 -11.24
N SER A 276 30.76 20.16 -11.92
CA SER A 276 31.72 19.38 -12.69
C SER A 276 32.34 20.14 -13.86
N GLN A 277 31.77 21.28 -14.24
CA GLN A 277 32.39 22.18 -15.20
C GLN A 277 33.30 23.21 -14.53
N VAL A 278 33.05 23.52 -13.25
CA VAL A 278 33.86 24.49 -12.51
C VAL A 278 35.24 23.94 -12.19
N SER A 279 35.44 22.61 -12.23
CA SER A 279 36.78 22.04 -12.08
C SER A 279 37.70 22.35 -13.26
N PHE A 280 37.18 22.91 -14.36
CA PHE A 280 38.03 23.29 -15.48
C PHE A 280 38.85 24.52 -15.14
N TRP A 281 38.34 25.39 -14.28
CA TRP A 281 39.10 26.56 -13.87
C TRP A 281 40.08 26.26 -12.75
N LEU A 282 40.16 25.02 -12.29
CA LEU A 282 41.24 24.63 -11.39
C LEU A 282 42.50 24.38 -12.21
N ASN A 283 43.65 24.47 -11.55
CA ASN A 283 44.91 24.25 -12.24
C ASN A 283 45.10 22.76 -12.57
N ARG A 284 45.89 22.51 -13.61
CA ARG A 284 46.03 21.15 -14.14
C ARG A 284 46.90 20.28 -13.25
N GLU A 285 47.66 20.86 -12.33
CA GLU A 285 48.52 20.12 -11.44
C GLU A 285 47.80 19.67 -10.18
N SER A 286 46.52 20.01 -10.03
CA SER A 286 45.69 19.50 -8.93
C SER A 286 45.17 18.12 -9.33
N VAL A 287 46.08 17.16 -9.36
CA VAL A 287 45.79 15.81 -9.80
C VAL A 287 44.95 15.06 -8.75
N PRO A 288 45.21 15.14 -7.43
CA PRO A 288 44.21 14.59 -6.51
C PRO A 288 42.93 15.41 -6.44
N ALA A 289 43.01 16.73 -6.57
CA ALA A 289 41.84 17.57 -6.32
C ALA A 289 40.80 17.44 -7.42
N ARG A 290 41.22 17.49 -8.68
CA ARG A 290 40.29 17.36 -9.79
C ARG A 290 39.80 15.93 -9.98
N THR A 291 40.52 14.95 -9.44
CA THR A 291 40.01 13.59 -9.39
C THR A 291 38.92 13.45 -8.33
N VAL A 292 39.19 13.94 -7.12
CA VAL A 292 38.23 13.93 -6.03
C VAL A 292 37.00 14.75 -6.39
N PHE A 293 37.20 15.88 -7.06
CA PHE A 293 36.08 16.70 -7.51
C PHE A 293 35.27 16.00 -8.58
N GLY A 294 35.93 15.19 -9.42
CA GLY A 294 35.24 14.61 -10.56
C GLY A 294 34.32 13.47 -10.18
N VAL A 295 34.81 12.54 -9.37
CA VAL A 295 34.06 11.32 -9.10
C VAL A 295 32.95 11.58 -8.09
N THR A 296 33.15 12.56 -7.19
CA THR A 296 32.14 12.86 -6.19
C THR A 296 30.91 13.53 -6.82
N THR A 297 31.10 14.26 -7.91
CA THR A 297 29.97 14.76 -8.68
C THR A 297 29.24 13.62 -9.41
N VAL A 298 29.92 12.51 -9.68
CA VAL A 298 29.24 11.38 -10.28
C VAL A 298 28.43 10.63 -9.23
N LEU A 299 28.96 10.52 -8.00
CA LEU A 299 28.22 9.90 -6.92
C LEU A 299 27.07 10.79 -6.47
N THR A 300 27.22 12.11 -6.62
CA THR A 300 26.11 13.02 -6.33
C THR A 300 25.01 12.89 -7.37
N MET A 301 25.38 12.74 -8.65
CA MET A 301 24.37 12.46 -9.68
C MET A 301 23.78 11.07 -9.51
N THR A 302 24.55 10.12 -8.99
CA THR A 302 24.01 8.79 -8.71
C THR A 302 23.04 8.85 -7.55
N THR A 303 23.32 9.68 -6.54
CA THR A 303 22.39 9.86 -5.43
C THR A 303 21.11 10.56 -5.89
N LEU A 304 21.23 11.56 -6.77
CA LEU A 304 20.06 12.28 -7.25
C LEU A 304 19.27 11.45 -8.25
N SER A 305 19.91 10.50 -8.92
CA SER A 305 19.18 9.66 -9.87
C SER A 305 18.30 8.64 -9.16
N ILE A 306 18.65 8.26 -7.93
CA ILE A 306 17.86 7.27 -7.21
C ILE A 306 16.60 7.89 -6.63
N SER A 307 16.74 9.04 -5.96
CA SER A 307 15.60 9.64 -5.26
C SER A 307 14.59 10.22 -6.24
N ALA A 308 15.03 10.66 -7.40
CA ALA A 308 14.10 11.09 -8.44
C ALA A 308 13.41 9.91 -9.10
N ARG A 309 13.99 8.72 -9.02
CA ARG A 309 13.43 7.54 -9.68
C ARG A 309 12.28 6.95 -8.89
N ASN A 310 12.30 7.13 -7.56
CA ASN A 310 11.29 6.52 -6.70
C ASN A 310 9.94 7.19 -6.86
N SER A 311 9.91 8.46 -7.24
CA SER A 311 8.66 9.21 -7.36
C SER A 311 8.10 9.14 -8.77
N LEU A 312 7.94 7.93 -9.28
CA LEU A 312 7.48 7.67 -10.65
C LEU A 312 7.06 6.21 -10.80
N PRO A 313 5.88 5.95 -11.38
CA PRO A 313 5.54 4.56 -11.70
C PRO A 313 6.36 4.05 -12.87
N LYS A 314 6.54 2.73 -12.90
CA LYS A 314 7.51 2.08 -13.77
C LYS A 314 6.95 1.97 -15.18
N VAL A 315 7.12 3.05 -15.94
CA VAL A 315 6.73 3.07 -17.35
C VAL A 315 7.80 2.35 -18.16
N ALA A 316 7.50 2.08 -19.43
CA ALA A 316 8.38 1.29 -20.29
C ALA A 316 9.25 2.15 -21.19
N TYR A 317 9.38 3.43 -20.88
CA TYR A 317 10.02 4.37 -21.78
C TYR A 317 10.74 5.44 -20.97
N ALA A 318 11.21 6.47 -21.68
CA ALA A 318 11.92 7.58 -21.06
C ALA A 318 10.95 8.72 -20.83
N THR A 319 10.72 9.05 -19.56
CA THR A 319 9.95 10.24 -19.26
C THR A 319 10.81 11.48 -19.51
N ALA A 320 10.15 12.64 -19.48
CA ALA A 320 10.85 13.90 -19.77
C ALA A 320 11.86 14.25 -18.69
N MET A 321 11.64 13.79 -17.46
CA MET A 321 12.66 13.98 -16.43
C MET A 321 13.80 12.99 -16.62
N ASP A 322 13.54 11.84 -17.23
CA ASP A 322 14.60 10.87 -17.50
C ASP A 322 15.47 11.27 -18.68
N TRP A 323 14.93 12.04 -19.62
CA TRP A 323 15.78 12.64 -20.64
C TRP A 323 16.69 13.71 -20.05
N PHE A 324 16.27 14.32 -18.94
CA PHE A 324 17.08 15.36 -18.34
C PHE A 324 18.19 14.78 -17.47
N ILE A 325 17.87 13.74 -16.69
CA ILE A 325 18.85 13.17 -15.77
C ILE A 325 19.92 12.40 -16.53
N ALA A 326 19.54 11.70 -17.60
CA ALA A 326 20.51 10.92 -18.36
C ALA A 326 21.47 11.80 -19.16
N VAL A 327 21.01 12.97 -19.60
CA VAL A 327 21.91 13.91 -20.26
C VAL A 327 22.78 14.64 -19.24
N CYS A 328 22.20 15.02 -18.09
CA CYS A 328 23.00 15.61 -17.02
C CYS A 328 23.97 14.60 -16.42
N TYR A 329 23.69 13.31 -16.50
CA TYR A 329 24.66 12.31 -16.09
C TYR A 329 25.78 12.19 -17.11
N ALA A 330 25.56 12.62 -18.35
CA ALA A 330 26.59 12.57 -19.38
C ALA A 330 27.53 13.76 -19.32
N PHE A 331 27.05 14.94 -18.91
CA PHE A 331 27.94 16.08 -18.73
C PHE A 331 28.86 15.90 -17.53
N VAL A 332 28.44 15.12 -16.55
CA VAL A 332 29.30 14.85 -15.39
C VAL A 332 30.27 13.73 -15.70
N PHE A 333 29.82 12.73 -16.47
CA PHE A 333 30.71 11.67 -16.94
C PHE A 333 31.79 12.19 -17.88
N SER A 334 31.42 13.10 -18.80
CA SER A 334 32.37 13.60 -19.77
C SER A 334 33.30 14.66 -19.19
N ALA A 335 32.98 15.23 -18.02
CA ALA A 335 33.85 16.20 -17.40
C ALA A 335 35.05 15.56 -16.72
N LEU A 336 34.97 14.27 -16.39
CA LEU A 336 36.11 13.55 -15.83
C LEU A 336 36.96 12.92 -16.92
N ILE A 337 36.36 12.60 -18.07
CA ILE A 337 37.13 12.18 -19.24
C ILE A 337 37.94 13.35 -19.79
N GLU A 338 37.46 14.58 -19.57
CA GLU A 338 38.25 15.77 -19.88
C GLU A 338 39.51 15.83 -19.04
N PHE A 339 39.40 15.55 -17.74
CA PHE A 339 40.59 15.60 -16.88
C PHE A 339 41.51 14.41 -17.13
N ALA A 340 40.96 13.27 -17.58
CA ALA A 340 41.80 12.16 -17.98
C ALA A 340 42.61 12.48 -19.24
N THR A 341 42.16 13.45 -20.04
CA THR A 341 42.92 13.88 -21.20
C THR A 341 43.91 14.98 -20.83
N VAL A 342 43.55 15.85 -19.89
CA VAL A 342 44.48 16.88 -19.42
C VAL A 342 45.65 16.25 -18.67
N ASN A 343 45.36 15.25 -17.83
CA ASN A 343 46.41 14.57 -17.06
C ASN A 343 47.35 13.77 -17.93
N TYR A 344 46.90 13.34 -19.11
CA TYR A 344 47.77 12.59 -20.01
C TYR A 344 48.79 13.49 -20.70
N PHE A 345 48.57 14.80 -20.71
CA PHE A 345 49.45 15.76 -21.37
C PHE A 345 49.93 16.84 -20.40
N THR A 346 50.27 16.46 -19.17
CA THR A 346 50.68 17.46 -18.18
C THR A 346 52.19 17.66 -18.18
N LYS A 347 52.96 16.56 -18.17
CA LYS A 347 54.43 16.46 -18.29
C LYS A 347 55.19 16.94 -17.05
N ARG A 348 54.51 17.50 -16.06
CA ARG A 348 55.16 17.93 -14.82
C ARG A 348 54.27 17.57 -13.64
N GLY A 349 54.82 17.79 -12.44
CA GLY A 349 54.10 17.47 -11.23
C GLY A 349 53.84 18.68 -10.35
N TYR A 350 54.73 19.65 -10.42
CA TYR A 350 54.61 20.87 -9.61
C TYR A 350 53.87 21.96 -10.40
N ALA A 351 53.32 22.90 -9.65
CA ALA A 351 52.53 23.98 -10.20
C ALA A 351 53.27 25.31 -10.07
N TRP A 352 52.62 26.38 -10.50
CA TRP A 352 53.23 27.71 -10.53
C TRP A 352 53.35 28.26 -9.12
N ASP A 353 54.58 28.40 -8.63
CA ASP A 353 54.79 29.11 -7.38
C ASP A 353 54.58 30.61 -7.57
N GLY A 354 54.12 31.27 -6.50
CA GLY A 354 53.70 32.66 -6.61
C GLY A 354 54.84 33.67 -6.70
N LYS A 355 56.08 33.22 -6.59
CA LYS A 355 57.22 34.13 -6.64
C LYS A 355 57.89 34.19 -8.01
N SER A 356 57.59 33.24 -8.90
CA SER A 356 58.23 33.19 -10.20
C SER A 356 57.33 33.76 -11.30
N LYS A 419 63.47 27.62 -13.57
CA LYS A 419 62.98 26.39 -14.19
C LYS A 419 61.77 26.68 -15.07
N THR A 420 61.36 25.66 -15.83
CA THR A 420 60.23 25.79 -16.74
C THR A 420 58.96 25.26 -16.08
N PHE A 421 57.82 25.79 -16.51
CA PHE A 421 56.52 25.51 -15.93
C PHE A 421 55.59 24.95 -16.99
N ASN A 422 54.40 24.56 -16.55
CA ASN A 422 53.37 24.09 -17.47
C ASN A 422 52.62 25.28 -18.06
N SER A 423 51.73 24.97 -19.00
CA SER A 423 50.83 25.95 -19.58
C SER A 423 49.39 25.48 -19.42
N VAL A 424 48.47 26.43 -19.38
CA VAL A 424 47.05 26.11 -19.34
C VAL A 424 46.67 25.50 -20.69
N SER A 425 46.15 24.28 -20.64
CA SER A 425 46.04 23.46 -21.85
C SER A 425 44.91 23.92 -22.75
N LYS A 426 45.05 23.59 -24.04
CA LYS A 426 44.03 23.93 -25.02
C LYS A 426 42.75 23.16 -24.80
N ILE A 427 42.86 21.90 -24.35
CA ILE A 427 41.68 21.10 -24.03
C ILE A 427 41.01 21.55 -22.74
N ASP A 428 41.66 22.39 -21.95
CA ASP A 428 41.00 23.03 -20.81
C ASP A 428 40.30 24.31 -21.26
N ARG A 429 41.00 25.13 -22.04
CA ARG A 429 40.44 26.39 -22.51
C ARG A 429 39.30 26.20 -23.51
N LEU A 430 39.26 25.07 -24.20
CA LEU A 430 38.11 24.76 -25.05
C LEU A 430 36.94 24.28 -24.21
N SER A 431 37.20 23.44 -23.21
CA SER A 431 36.14 22.88 -22.38
C SER A 431 35.54 23.89 -21.40
N ARG A 432 36.23 25.00 -21.13
CA ARG A 432 35.61 26.10 -20.42
C ARG A 432 34.54 26.78 -21.26
N ILE A 433 34.66 26.70 -22.58
CA ILE A 433 33.71 27.32 -23.49
C ILE A 433 32.68 26.30 -23.98
N ALA A 434 33.11 25.08 -24.28
CA ALA A 434 32.25 24.11 -24.96
C ALA A 434 31.19 23.53 -24.01
N PHE A 435 31.61 23.02 -22.86
CA PHE A 435 30.70 22.32 -21.97
C PHE A 435 29.69 23.21 -21.23
N PRO A 436 30.00 24.45 -20.80
CA PRO A 436 28.90 25.32 -20.34
C PRO A 436 27.96 25.75 -21.46
N LEU A 437 28.44 25.78 -22.71
CA LEU A 437 27.57 26.16 -23.82
C LEU A 437 26.65 25.02 -24.21
N LEU A 438 27.18 23.79 -24.32
CA LEU A 438 26.37 22.64 -24.70
C LEU A 438 25.37 22.24 -23.62
N PHE A 439 25.63 22.61 -22.36
CA PHE A 439 24.62 22.44 -21.33
C PHE A 439 23.65 23.62 -21.32
N GLY A 440 24.09 24.80 -21.72
CA GLY A 440 23.20 25.93 -21.85
C GLY A 440 22.30 25.86 -23.07
N ILE A 441 22.80 25.30 -24.17
CA ILE A 441 21.97 25.08 -25.34
C ILE A 441 20.97 23.96 -25.07
N PHE A 442 21.36 22.95 -24.30
CA PHE A 442 20.46 21.84 -23.97
C PHE A 442 19.28 22.30 -23.12
N ASN A 443 19.50 23.24 -22.20
CA ASN A 443 18.40 23.76 -21.39
C ASN A 443 17.46 24.62 -22.22
N LEU A 444 17.95 25.24 -23.29
CA LEU A 444 17.06 25.97 -24.19
C LEU A 444 16.22 25.02 -25.03
N VAL A 445 16.80 23.88 -25.42
CA VAL A 445 16.05 22.91 -26.22
C VAL A 445 15.06 22.15 -25.34
N TYR A 446 15.47 21.82 -24.10
CA TYR A 446 14.64 21.03 -23.21
C TYR A 446 13.42 21.81 -22.72
N TRP A 447 13.64 23.02 -22.21
CA TRP A 447 12.56 23.78 -21.62
C TRP A 447 11.71 24.51 -22.64
N ALA A 448 12.00 24.40 -23.93
CA ALA A 448 11.10 24.89 -24.96
C ALA A 448 10.34 23.78 -25.66
N THR A 449 10.89 22.56 -25.68
CA THR A 449 10.16 21.43 -26.24
C THR A 449 9.03 21.00 -25.31
N TYR A 450 9.29 20.98 -24.01
CA TYR A 450 8.38 20.38 -23.04
C TYR A 450 7.49 21.39 -22.34
N LEU A 451 7.79 22.68 -22.42
CA LEU A 451 6.85 23.71 -21.99
C LEU A 451 6.01 24.22 -23.15
N ASN A 452 6.07 23.55 -24.30
CA ASN A 452 5.18 23.78 -25.43
C ASN A 452 4.14 22.68 -25.57
N ARG A 453 4.51 21.44 -25.28
CA ARG A 453 3.60 20.30 -25.37
C ARG A 453 2.55 20.34 -24.27
N ASN B 33 -42.09 -8.37 37.87
CA ASN B 33 -41.08 -7.39 37.49
C ASN B 33 -40.69 -7.53 36.03
N MET B 34 -40.31 -8.75 35.64
CA MET B 34 -39.83 -8.99 34.27
C MET B 34 -40.97 -8.93 33.27
N SER B 35 -42.11 -9.53 33.59
CA SER B 35 -43.21 -9.58 32.64
C SER B 35 -43.89 -8.23 32.47
N PHE B 36 -43.82 -7.36 33.48
CA PHE B 36 -44.39 -6.03 33.33
C PHE B 36 -43.52 -5.15 32.46
N VAL B 37 -42.20 -5.34 32.49
CA VAL B 37 -41.32 -4.66 31.55
C VAL B 37 -41.49 -5.26 30.16
N LYS B 38 -41.69 -6.57 30.08
CA LYS B 38 -41.79 -7.26 28.79
C LYS B 38 -43.07 -6.88 28.04
N GLU B 39 -44.17 -6.64 28.76
CA GLU B 39 -45.41 -6.28 28.07
C GLU B 39 -45.38 -4.84 27.58
N THR B 40 -44.66 -3.94 28.26
CA THR B 40 -44.62 -2.55 27.83
C THR B 40 -43.72 -2.36 26.61
N VAL B 41 -42.58 -3.07 26.58
CA VAL B 41 -41.67 -2.96 25.44
C VAL B 41 -42.30 -3.58 24.20
N ASP B 42 -43.05 -4.67 24.38
CA ASP B 42 -43.84 -5.22 23.27
C ASP B 42 -44.98 -4.31 22.88
N LYS B 43 -45.46 -3.47 23.79
CA LYS B 43 -46.53 -2.52 23.49
C LYS B 43 -46.01 -1.28 22.77
N LEU B 44 -44.78 -0.86 23.09
CA LEU B 44 -44.18 0.29 22.41
C LEU B 44 -43.86 -0.03 20.96
N LEU B 45 -43.49 -1.27 20.67
CA LEU B 45 -43.20 -1.69 19.31
C LEU B 45 -44.45 -2.17 18.57
N LYS B 46 -45.58 -2.30 19.27
CA LYS B 46 -46.81 -2.74 18.64
C LYS B 46 -47.39 -1.62 17.79
N GLY B 47 -47.54 -1.88 16.49
CA GLY B 47 -48.04 -0.87 15.59
C GLY B 47 -47.06 0.23 15.25
N TYR B 48 -45.78 0.04 15.57
CA TYR B 48 -44.77 1.05 15.31
C TYR B 48 -44.38 1.03 13.84
N ASP B 49 -44.22 2.21 13.26
CA ASP B 49 -43.76 2.36 11.89
C ASP B 49 -42.41 3.09 11.91
N ILE B 50 -41.40 2.49 11.27
CA ILE B 50 -40.04 3.02 11.31
C ILE B 50 -39.84 4.05 10.21
N ARG B 51 -40.90 4.36 9.49
CA ARG B 51 -40.85 5.30 8.38
C ARG B 51 -41.37 6.68 8.77
N LEU B 52 -41.66 6.90 10.05
CA LEU B 52 -42.20 8.15 10.54
C LEU B 52 -41.23 8.77 11.53
N ARG B 53 -41.10 10.07 11.47
CA ARG B 53 -40.34 10.84 12.44
C ARG B 53 -41.23 11.19 13.63
N PRO B 54 -40.65 11.55 14.77
CA PRO B 54 -41.50 12.08 15.87
C PRO B 54 -42.15 13.38 15.48
N ASP B 55 -43.46 13.48 15.74
CA ASP B 55 -44.33 14.57 15.33
C ASP B 55 -44.25 14.78 13.83
N PHE B 56 -44.70 13.75 13.09
CA PHE B 56 -44.58 13.73 11.64
C PHE B 56 -45.46 14.78 10.97
N GLY B 57 -46.62 15.08 11.56
CA GLY B 57 -47.49 16.07 10.98
C GLY B 57 -47.17 17.50 11.37
N GLY B 58 -46.44 17.70 12.46
CA GLY B 58 -46.24 19.02 13.00
C GLY B 58 -44.80 19.48 13.07
N PRO B 59 -44.33 19.74 14.29
CA PRO B 59 -43.05 20.44 14.46
C PRO B 59 -41.87 19.54 14.14
N PRO B 60 -40.71 20.11 13.80
CA PRO B 60 -39.53 19.28 13.54
C PRO B 60 -38.97 18.67 14.81
N VAL B 61 -38.44 17.47 14.67
CA VAL B 61 -37.79 16.79 15.78
C VAL B 61 -36.42 17.40 16.02
N CYS B 62 -36.08 17.63 17.27
CA CYS B 62 -34.82 18.29 17.65
C CYS B 62 -33.84 17.22 18.11
N VAL B 63 -32.95 16.81 17.22
CA VAL B 63 -31.95 15.80 17.53
C VAL B 63 -30.73 16.49 18.11
N GLY B 64 -30.34 16.09 19.33
CA GLY B 64 -29.22 16.69 20.01
C GLY B 64 -27.99 15.81 19.95
N MET B 65 -26.95 16.34 19.30
CA MET B 65 -25.71 15.59 19.15
C MET B 65 -24.85 15.74 20.39
N ASN B 66 -23.97 14.76 20.59
CA ASN B 66 -23.11 14.71 21.76
C ASN B 66 -21.96 13.77 21.42
N ILE B 67 -20.73 14.28 21.37
CA ILE B 67 -19.59 13.51 20.92
C ILE B 67 -18.60 13.38 22.06
N ASP B 68 -18.21 12.16 22.38
CA ASP B 68 -17.09 11.87 23.26
C ASP B 68 -16.00 11.25 22.41
N ILE B 69 -14.85 11.90 22.35
CA ILE B 69 -13.78 11.52 21.42
C ILE B 69 -12.82 10.59 22.11
N ALA B 70 -12.66 9.38 21.57
CA ALA B 70 -11.71 8.43 22.12
C ALA B 70 -10.28 8.81 21.75
N SER B 71 -10.00 8.96 20.45
CA SER B 71 -8.65 9.22 19.99
C SER B 71 -8.68 9.80 18.59
N ILE B 72 -7.60 10.48 18.22
CA ILE B 72 -7.27 10.80 16.84
C ILE B 72 -6.06 9.96 16.47
N ASP B 73 -6.19 9.16 15.42
CA ASP B 73 -5.24 8.07 15.19
C ASP B 73 -4.09 8.50 14.28
N MET B 74 -4.40 8.91 13.05
CA MET B 74 -3.35 9.20 12.07
C MET B 74 -3.76 10.39 11.20
N VAL B 75 -3.07 11.52 11.43
CA VAL B 75 -3.26 12.71 10.61
C VAL B 75 -2.31 12.60 9.43
N SER B 76 -2.85 12.33 8.25
CA SER B 76 -2.06 12.03 7.06
C SER B 76 -1.99 13.26 6.17
N GLU B 77 -0.77 13.71 5.89
CA GLU B 77 -0.56 14.81 4.96
C GLU B 77 -0.61 14.37 3.50
N VAL B 78 -0.34 13.09 3.24
CA VAL B 78 -0.39 12.58 1.87
C VAL B 78 -1.83 12.46 1.39
N ASN B 79 -2.66 11.76 2.16
CA ASN B 79 -4.04 11.51 1.78
C ASN B 79 -4.97 12.65 2.16
N MET B 80 -4.48 13.63 2.94
CA MET B 80 -5.22 14.83 3.35
C MET B 80 -6.48 14.47 4.14
N ASP B 81 -6.29 13.72 5.21
CA ASP B 81 -7.38 13.26 6.05
C ASP B 81 -6.86 12.98 7.45
N TYR B 82 -7.75 12.51 8.32
CA TYR B 82 -7.41 12.12 9.68
C TYR B 82 -8.40 11.06 10.13
N THR B 83 -7.99 10.21 11.06
CA THR B 83 -8.83 9.13 11.57
C THR B 83 -9.29 9.49 12.97
N LEU B 84 -10.60 9.41 13.20
CA LEU B 84 -11.24 9.88 14.42
C LEU B 84 -12.13 8.78 14.99
N THR B 85 -11.76 8.27 16.16
CA THR B 85 -12.60 7.32 16.89
C THR B 85 -13.33 8.06 18.00
N MET B 86 -14.65 7.91 18.03
CA MET B 86 -15.46 8.74 18.92
C MET B 86 -16.72 8.00 19.33
N TYR B 87 -17.28 8.43 20.46
CA TYR B 87 -18.57 7.98 20.95
C TYR B 87 -19.62 9.00 20.52
N PHE B 88 -20.54 8.58 19.67
CA PHE B 88 -21.45 9.49 18.98
C PHE B 88 -22.86 9.27 19.49
N GLN B 89 -23.41 10.25 20.21
CA GLN B 89 -24.69 10.12 20.89
C GLN B 89 -25.71 11.08 20.29
N GLN B 90 -26.94 10.61 20.16
CA GLN B 90 -28.02 11.42 19.61
C GLN B 90 -29.22 11.35 20.53
N TYR B 91 -29.76 12.49 20.92
CA TYR B 91 -30.93 12.49 21.80
C TYR B 91 -32.11 13.18 21.15
N TRP B 92 -33.25 12.51 21.12
CA TRP B 92 -34.47 13.12 20.62
C TRP B 92 -35.63 12.47 21.35
N ARG B 93 -36.76 13.16 21.38
CA ARG B 93 -37.94 12.61 22.06
C ARG B 93 -38.93 12.08 21.04
N ASP B 94 -39.46 10.90 21.34
CA ASP B 94 -40.46 10.25 20.51
C ASP B 94 -41.66 9.93 21.39
N LYS B 95 -42.79 10.58 21.11
CA LYS B 95 -43.97 10.45 21.96
C LYS B 95 -44.61 9.07 21.87
N ARG B 96 -44.32 8.32 20.80
CA ARG B 96 -44.82 6.95 20.70
C ARG B 96 -44.12 6.04 21.70
N LEU B 97 -42.85 6.29 21.99
CA LEU B 97 -42.06 5.44 22.88
C LEU B 97 -42.10 5.96 24.32
N ALA B 98 -43.29 6.16 24.86
CA ALA B 98 -43.48 6.60 26.24
C ALA B 98 -44.19 5.50 27.01
N TYR B 99 -43.72 5.24 28.22
CA TYR B 99 -44.24 4.16 29.04
C TYR B 99 -44.42 4.64 30.47
N SER B 100 -45.43 4.11 31.15
CA SER B 100 -45.73 4.46 32.52
C SER B 100 -45.63 3.24 33.42
N GLY B 101 -45.54 3.49 34.72
CA GLY B 101 -45.45 2.43 35.70
C GLY B 101 -44.05 1.91 35.97
N ILE B 102 -43.06 2.38 35.21
CA ILE B 102 -41.67 1.93 35.37
C ILE B 102 -40.81 3.15 35.67
N PRO B 103 -40.21 3.24 36.86
CA PRO B 103 -39.33 4.38 37.16
C PRO B 103 -37.91 4.23 36.63
N LEU B 104 -37.66 3.28 35.74
CA LEU B 104 -36.33 3.00 35.23
C LEU B 104 -36.14 3.57 33.84
N ASN B 105 -34.88 3.71 33.45
CA ASN B 105 -34.50 4.04 32.09
C ASN B 105 -34.17 2.73 31.36
N LEU B 106 -35.05 2.33 30.44
CA LEU B 106 -34.94 1.02 29.81
C LEU B 106 -33.81 1.02 28.81
N THR B 107 -32.66 0.49 29.21
CA THR B 107 -31.55 0.25 28.28
C THR B 107 -31.83 -1.08 27.58
N LEU B 108 -32.33 -0.99 26.35
CA LEU B 108 -32.63 -2.19 25.60
C LEU B 108 -31.38 -2.71 24.89
N ASP B 109 -31.49 -3.90 24.34
CA ASP B 109 -30.44 -4.47 23.52
C ASP B 109 -30.33 -3.65 22.23
N ASN B 110 -29.13 -3.65 21.64
CA ASN B 110 -28.87 -2.84 20.46
C ASN B 110 -29.59 -3.31 19.20
N ARG B 111 -30.19 -4.51 19.22
CA ARG B 111 -30.92 -5.00 18.07
C ARG B 111 -32.29 -4.34 17.90
N VAL B 112 -32.77 -3.58 18.89
CA VAL B 112 -34.04 -2.88 18.75
C VAL B 112 -33.90 -1.61 17.92
N ALA B 113 -32.66 -1.16 17.68
CA ALA B 113 -32.43 0.00 16.82
C ALA B 113 -32.71 -0.30 15.35
N ASP B 114 -32.83 -1.57 14.97
CA ASP B 114 -33.32 -1.95 13.66
C ASP B 114 -34.84 -1.95 13.58
N GLN B 115 -35.52 -1.60 14.67
CA GLN B 115 -36.98 -1.57 14.73
C GLN B 115 -37.51 -0.21 15.15
N LEU B 116 -36.65 0.80 15.26
CA LEU B 116 -37.03 2.14 15.67
C LEU B 116 -36.69 3.13 14.56
N TRP B 117 -37.19 4.35 14.71
CA TRP B 117 -36.77 5.46 13.87
C TRP B 117 -35.49 6.05 14.45
N VAL B 118 -34.43 6.03 13.67
CA VAL B 118 -33.19 6.71 14.06
C VAL B 118 -32.87 7.72 12.96
N PRO B 119 -32.23 8.85 13.27
CA PRO B 119 -31.97 9.84 12.23
C PRO B 119 -30.94 9.36 11.22
N ASP B 120 -31.01 9.96 10.04
CA ASP B 120 -30.19 9.57 8.88
C ASP B 120 -28.96 10.45 8.74
N THR B 121 -28.33 10.76 9.86
CA THR B 121 -27.21 11.69 9.87
C THR B 121 -25.99 11.08 9.21
N TYR B 122 -25.28 11.88 8.42
CA TYR B 122 -24.09 11.43 7.74
C TYR B 122 -22.97 12.42 8.01
N PHE B 123 -21.76 12.01 7.65
CA PHE B 123 -20.58 12.85 7.79
C PHE B 123 -20.14 13.24 6.39
N LEU B 124 -20.02 14.55 6.14
CA LEU B 124 -19.69 15.01 4.80
C LEU B 124 -18.21 14.79 4.49
N ASN B 125 -17.34 14.88 5.48
CA ASN B 125 -15.91 14.65 5.28
C ASN B 125 -15.55 13.18 5.17
N ASP B 126 -16.50 12.27 5.39
CA ASP B 126 -16.26 10.85 5.56
C ASP B 126 -15.68 10.19 4.30
N LYS B 127 -14.43 9.72 4.39
CA LYS B 127 -13.85 8.86 3.36
C LYS B 127 -14.12 7.39 3.63
N LYS B 128 -14.02 6.97 4.89
CA LYS B 128 -14.18 5.56 5.25
C LYS B 128 -14.49 5.49 6.74
N SER B 129 -15.68 4.99 7.07
CA SER B 129 -16.08 4.88 8.46
C SER B 129 -16.80 3.56 8.68
N PHE B 130 -16.77 3.08 9.92
CA PHE B 130 -17.43 1.84 10.29
C PHE B 130 -17.86 1.94 11.74
N VAL B 131 -18.91 1.20 12.09
CA VAL B 131 -19.30 1.01 13.48
C VAL B 131 -18.66 -0.27 13.96
N HIS B 132 -18.02 -0.20 15.12
CA HIS B 132 -17.31 -1.35 15.69
C HIS B 132 -18.28 -2.46 16.06
N GLY B 133 -17.79 -3.70 15.98
CA GLY B 133 -18.66 -4.85 16.12
C GLY B 133 -18.12 -5.96 17.00
N VAL B 134 -17.35 -5.61 18.03
CA VAL B 134 -16.81 -6.56 18.99
C VAL B 134 -17.17 -6.08 20.38
N THR B 135 -17.87 -6.91 21.17
CA THR B 135 -18.26 -8.28 20.81
C THR B 135 -19.59 -8.34 20.10
N VAL B 136 -20.38 -7.27 20.23
CA VAL B 136 -21.57 -7.07 19.40
C VAL B 136 -21.42 -5.74 18.69
N LYS B 137 -22.36 -5.39 17.83
CA LYS B 137 -22.33 -4.11 17.15
C LYS B 137 -22.60 -3.00 18.16
N ASN B 138 -21.61 -2.11 18.31
CA ASN B 138 -21.60 -1.19 19.46
C ASN B 138 -22.58 -0.05 19.25
N ARG B 139 -23.83 -0.34 19.57
CA ARG B 139 -24.92 0.63 19.62
C ARG B 139 -25.52 0.58 21.01
N MET B 140 -26.41 1.54 21.28
CA MET B 140 -27.21 1.49 22.50
C MET B 140 -28.53 2.17 22.25
N ILE B 141 -29.57 1.68 22.91
CA ILE B 141 -30.88 2.30 22.95
C ILE B 141 -31.28 2.41 24.41
N ARG B 142 -31.46 3.63 24.89
CA ARG B 142 -31.88 3.86 26.26
C ARG B 142 -33.17 4.67 26.22
N LEU B 143 -34.29 3.98 26.35
CA LEU B 143 -35.59 4.64 26.36
C LEU B 143 -35.85 5.25 27.72
N HIS B 144 -36.37 6.46 27.73
CA HIS B 144 -36.77 7.17 28.91
C HIS B 144 -38.29 7.24 28.96
N PRO B 145 -38.90 7.30 30.16
CA PRO B 145 -40.38 7.26 30.22
C PRO B 145 -41.06 8.49 29.68
N ASP B 146 -40.36 9.61 29.50
CA ASP B 146 -40.93 10.78 28.85
C ASP B 146 -40.68 10.80 27.34
N GLY B 147 -40.36 9.65 26.75
CA GLY B 147 -40.19 9.53 25.32
C GLY B 147 -38.80 9.80 24.80
N THR B 148 -37.92 10.33 25.66
CA THR B 148 -36.56 10.66 25.29
C THR B 148 -35.78 9.42 24.92
N VAL B 149 -34.99 9.50 23.86
CA VAL B 149 -34.21 8.36 23.43
C VAL B 149 -32.73 8.63 23.21
N LEU B 150 -31.88 7.86 23.87
CA LEU B 150 -30.45 7.97 23.60
C LEU B 150 -30.04 6.88 22.62
N TYR B 151 -29.32 7.27 21.58
CA TYR B 151 -28.83 6.35 20.54
C TYR B 151 -27.33 6.61 20.37
N GLY B 152 -26.52 5.76 20.97
CA GLY B 152 -25.08 5.90 20.93
C GLY B 152 -24.46 5.06 19.83
N LEU B 153 -23.35 5.55 19.30
CA LEU B 153 -22.58 4.87 18.28
C LEU B 153 -21.10 5.09 18.56
N ARG B 154 -20.33 4.01 18.44
CA ARG B 154 -18.88 4.07 18.65
C ARG B 154 -18.27 3.96 17.27
N ILE B 155 -17.95 5.10 16.68
CA ILE B 155 -17.62 5.21 15.25
C ILE B 155 -16.15 5.55 15.11
N THR B 156 -15.45 4.83 14.24
CA THR B 156 -14.12 5.22 13.76
C THR B 156 -14.28 5.73 12.34
N THR B 157 -14.10 7.03 12.14
CA THR B 157 -14.26 7.65 10.84
C THR B 157 -12.93 8.19 10.33
N THR B 158 -12.79 8.21 9.01
CA THR B 158 -11.65 8.82 8.34
C THR B 158 -12.18 10.03 7.59
N ALA B 159 -11.97 11.21 8.15
CA ALA B 159 -12.59 12.43 7.66
C ALA B 159 -11.60 13.23 6.83
N ALA B 160 -12.03 13.63 5.64
CA ALA B 160 -11.19 14.38 4.72
C ALA B 160 -11.11 15.84 5.15
N CYS B 161 -9.88 16.35 5.26
CA CYS B 161 -9.66 17.77 5.54
C CYS B 161 -8.57 18.29 4.63
N MET B 162 -8.84 19.41 3.97
CA MET B 162 -7.85 20.03 3.09
C MET B 162 -6.72 20.65 3.90
N MET B 163 -5.48 20.38 3.50
CA MET B 163 -4.31 20.85 4.22
C MET B 163 -3.51 21.79 3.33
N ASP B 164 -3.18 22.96 3.87
CA ASP B 164 -2.30 23.92 3.21
C ASP B 164 -0.91 23.76 3.83
N LEU B 165 -0.02 23.10 3.10
CA LEU B 165 1.27 22.68 3.62
C LEU B 165 2.42 23.51 3.05
N ARG B 166 2.13 24.75 2.65
CA ARG B 166 3.17 25.64 2.16
C ARG B 166 4.09 26.14 3.27
N ARG B 167 3.67 26.01 4.52
CA ARG B 167 4.48 26.40 5.67
C ARG B 167 4.96 25.18 6.46
N TYR B 168 5.06 24.04 5.79
CA TYR B 168 5.52 22.83 6.45
C TYR B 168 7.00 22.96 6.79
N PRO B 169 7.43 22.64 8.03
CA PRO B 169 6.70 22.07 9.16
C PRO B 169 6.34 23.06 10.25
N LEU B 170 6.04 24.30 9.88
CA LEU B 170 5.79 25.38 10.84
C LEU B 170 4.35 25.88 10.73
N ASP B 171 3.41 24.99 10.44
CA ASP B 171 2.07 25.36 10.04
C ASP B 171 1.02 24.98 11.08
N GLU B 172 -0.18 25.52 10.89
CA GLU B 172 -1.37 25.15 11.66
C GLU B 172 -2.46 24.71 10.69
N GLN B 173 -3.24 23.70 11.10
CA GLN B 173 -4.29 23.13 10.27
C GLN B 173 -5.56 22.99 11.09
N ASN B 174 -6.67 23.51 10.59
CA ASN B 174 -7.98 23.08 11.08
C ASN B 174 -8.53 21.96 10.22
N CYS B 175 -8.83 20.84 10.85
CA CYS B 175 -9.56 19.74 10.24
C CYS B 175 -10.91 19.60 10.93
N THR B 176 -11.95 19.42 10.13
CA THR B 176 -13.32 19.52 10.59
C THR B 176 -14.01 18.17 10.56
N LEU B 177 -15.27 18.17 10.98
CA LEU B 177 -16.16 17.01 10.87
C LEU B 177 -17.56 17.54 10.68
N GLU B 178 -18.09 17.43 9.46
CA GLU B 178 -19.37 18.04 9.11
C GLU B 178 -20.49 17.03 9.32
N ILE B 179 -21.32 17.25 10.33
CA ILE B 179 -22.44 16.37 10.64
C ILE B 179 -23.70 16.97 10.04
N GLU B 180 -24.40 16.20 9.22
CA GLU B 180 -25.52 16.71 8.44
C GLU B 180 -26.59 15.63 8.30
N SER B 181 -27.86 16.04 8.28
CA SER B 181 -28.95 15.14 7.96
C SER B 181 -29.00 14.89 6.45
N TYR B 182 -29.32 13.66 6.07
CA TYR B 182 -29.22 13.34 4.65
C TYR B 182 -30.50 13.64 3.89
N GLY B 183 -31.65 13.25 4.43
CA GLY B 183 -32.89 13.39 3.68
C GLY B 183 -33.79 14.49 4.20
N TYR B 184 -33.86 14.64 5.51
CA TYR B 184 -34.78 15.59 6.11
C TYR B 184 -34.23 17.00 6.07
N THR B 185 -35.09 17.95 5.71
CA THR B 185 -34.71 19.36 5.69
C THR B 185 -34.87 19.95 7.08
N THR B 186 -34.70 21.27 7.20
CA THR B 186 -34.76 21.91 8.51
C THR B 186 -36.19 22.15 9.00
N ASP B 187 -37.20 21.82 8.21
CA ASP B 187 -38.57 21.82 8.68
C ASP B 187 -38.99 20.48 9.25
N ASP B 188 -38.23 19.42 8.96
CA ASP B 188 -38.50 18.09 9.49
C ASP B 188 -37.59 17.70 10.65
N ILE B 189 -36.34 18.15 10.63
CA ILE B 189 -35.37 17.80 11.66
C ILE B 189 -34.57 19.05 12.00
N GLU B 190 -34.10 19.12 13.25
CA GLU B 190 -33.25 20.21 13.68
C GLU B 190 -32.13 19.65 14.55
N PHE B 191 -30.91 20.13 14.32
CA PHE B 191 -29.75 19.68 15.06
C PHE B 191 -29.32 20.76 16.05
N TYR B 192 -28.85 20.32 17.22
CA TYR B 192 -28.26 21.24 18.17
C TYR B 192 -27.19 20.50 18.95
N TRP B 193 -26.12 21.21 19.29
CA TRP B 193 -25.14 20.66 20.21
C TRP B 193 -25.70 20.69 21.61
N ARG B 194 -25.73 19.53 22.25
CA ARG B 194 -26.33 19.41 23.58
C ARG B 194 -25.35 19.95 24.61
N GLY B 195 -25.63 21.14 25.13
CA GLY B 195 -24.67 21.81 25.98
C GLY B 195 -23.54 22.36 25.13
N GLY B 196 -23.84 23.37 24.31
CA GLY B 196 -23.00 23.81 23.21
C GLY B 196 -21.62 24.30 23.57
N ASP B 197 -21.37 24.57 24.86
CA ASP B 197 -19.99 24.78 25.30
C ASP B 197 -19.26 23.46 25.45
N LYS B 198 -19.83 22.54 26.21
CA LYS B 198 -19.20 21.26 26.56
C LYS B 198 -19.91 20.08 25.91
N ALA B 199 -20.37 20.25 24.67
CA ALA B 199 -21.00 19.16 23.95
C ALA B 199 -20.00 18.15 23.44
N VAL B 200 -18.76 18.53 23.24
CA VAL B 200 -17.71 17.63 22.77
C VAL B 200 -16.64 17.55 23.85
N THR B 201 -16.45 16.35 24.40
CA THR B 201 -15.50 16.11 25.47
C THR B 201 -14.39 15.19 24.97
N GLY B 202 -13.32 15.15 25.76
CA GLY B 202 -12.19 14.29 25.44
C GLY B 202 -11.19 14.88 24.47
N VAL B 203 -11.31 16.16 24.13
CA VAL B 203 -10.37 16.77 23.20
C VAL B 203 -9.06 17.10 23.91
N GLU B 204 -9.13 17.55 25.16
CA GLU B 204 -7.95 17.93 25.92
C GLU B 204 -7.11 16.74 26.37
N ARG B 205 -7.63 15.52 26.23
CA ARG B 205 -6.90 14.31 26.62
C ARG B 205 -6.29 13.59 25.43
N ILE B 206 -6.38 14.15 24.24
CA ILE B 206 -5.80 13.52 23.05
C ILE B 206 -4.31 13.80 23.01
N GLU B 207 -3.52 12.75 22.85
CA GLU B 207 -2.07 12.85 22.76
C GLU B 207 -1.67 12.53 21.33
N LEU B 208 -1.51 13.55 20.51
CA LEU B 208 -0.95 13.34 19.18
C LEU B 208 0.57 13.45 19.26
N PRO B 209 1.32 12.48 18.73
CA PRO B 209 2.78 12.53 18.85
C PRO B 209 3.44 13.55 17.95
N GLN B 210 2.71 14.18 17.04
CA GLN B 210 3.30 15.04 16.03
C GLN B 210 2.66 16.42 16.04
N PHE B 211 1.43 16.51 16.52
CA PHE B 211 0.66 17.75 16.52
C PHE B 211 0.32 18.16 17.95
N SER B 212 -0.30 19.32 18.07
CA SER B 212 -0.77 19.84 19.35
C SER B 212 -2.12 20.53 19.11
N ILE B 213 -3.17 19.98 19.71
CA ILE B 213 -4.51 20.53 19.51
C ILE B 213 -4.64 21.83 20.29
N VAL B 214 -4.83 22.93 19.57
CA VAL B 214 -4.93 24.24 20.21
C VAL B 214 -6.33 24.46 20.78
N GLU B 215 -7.35 24.37 19.93
CA GLU B 215 -8.71 24.57 20.38
C GLU B 215 -9.66 23.80 19.46
N HIS B 216 -10.91 23.68 19.90
CA HIS B 216 -11.98 23.14 19.09
C HIS B 216 -13.19 24.06 19.18
N ARG B 217 -13.94 24.13 18.08
CA ARG B 217 -15.11 24.99 18.01
C ARG B 217 -16.32 24.20 17.58
N LEU B 218 -17.49 24.67 17.98
CA LEU B 218 -18.76 24.05 17.64
C LEU B 218 -19.63 25.07 16.91
N VAL B 219 -20.04 24.73 15.70
CA VAL B 219 -20.78 25.62 14.83
C VAL B 219 -22.14 24.99 14.53
N SER B 220 -23.20 25.79 14.62
CA SER B 220 -24.55 25.35 14.28
C SER B 220 -25.09 26.27 13.20
N ARG B 221 -25.33 25.72 12.01
CA ARG B 221 -25.74 26.54 10.87
C ARG B 221 -26.60 25.68 9.93
N ASN B 222 -26.95 26.25 8.78
CA ASN B 222 -27.85 25.61 7.83
C ASN B 222 -27.30 25.82 6.42
N VAL B 223 -27.17 24.73 5.67
CA VAL B 223 -26.60 24.77 4.33
C VAL B 223 -27.71 24.62 3.30
N VAL B 224 -27.39 24.91 2.04
CA VAL B 224 -28.35 24.85 0.93
C VAL B 224 -27.73 24.02 -0.20
N PHE B 225 -28.45 23.01 -0.66
CA PHE B 225 -28.08 22.22 -1.82
C PHE B 225 -29.13 22.39 -2.92
N ALA B 226 -28.97 21.61 -4.00
CA ALA B 226 -29.93 21.67 -5.09
C ALA B 226 -31.22 20.93 -4.74
N THR B 227 -31.12 19.84 -3.99
CA THR B 227 -32.31 19.11 -3.58
C THR B 227 -33.07 19.84 -2.48
N GLY B 228 -32.37 20.62 -1.67
CA GLY B 228 -33.02 21.37 -0.62
C GLY B 228 -32.01 21.79 0.44
N ALA B 229 -32.51 22.52 1.42
CA ALA B 229 -31.69 22.93 2.54
C ALA B 229 -31.58 21.79 3.56
N TYR B 230 -30.54 21.85 4.38
CA TYR B 230 -30.30 20.83 5.39
C TYR B 230 -29.66 21.49 6.60
N PRO B 231 -29.93 21.01 7.81
CA PRO B 231 -29.18 21.47 8.98
C PRO B 231 -27.80 20.82 9.02
N ARG B 232 -26.88 21.51 9.69
CA ARG B 232 -25.50 21.03 9.73
C ARG B 232 -24.82 21.50 11.00
N LEU B 233 -24.18 20.55 11.69
CA LEU B 233 -23.26 20.85 12.78
C LEU B 233 -21.84 20.52 12.34
N SER B 234 -20.86 21.14 12.99
CA SER B 234 -19.48 20.92 12.59
C SER B 234 -18.55 21.11 13.79
N LEU B 235 -17.92 20.02 14.21
CA LEU B 235 -16.77 20.09 15.09
C LEU B 235 -15.52 20.41 14.27
N SER B 236 -14.72 21.34 14.76
CA SER B 236 -13.57 21.84 14.02
C SER B 236 -12.40 22.04 14.98
N PHE B 237 -11.34 21.27 14.78
CA PHE B 237 -10.13 21.33 15.58
C PHE B 237 -9.23 22.44 15.05
N ARG B 238 -8.05 22.58 15.68
CA ARG B 238 -6.97 23.35 15.05
C ARG B 238 -5.65 22.73 15.51
N LEU B 239 -5.05 21.94 14.62
CA LEU B 239 -3.79 21.28 14.93
C LEU B 239 -2.65 22.26 14.78
N LYS B 240 -1.66 22.15 15.66
CA LYS B 240 -0.41 22.91 15.55
C LYS B 240 0.74 21.92 15.53
N ARG B 241 1.50 21.93 14.44
CA ARG B 241 2.56 20.95 14.26
C ARG B 241 3.73 21.27 15.17
N ASN B 242 4.17 20.29 15.95
CA ASN B 242 5.32 20.45 16.81
C ASN B 242 6.60 20.43 15.99
N ILE B 243 7.63 21.10 16.51
CA ILE B 243 8.84 21.37 15.73
C ILE B 243 10.07 20.64 16.25
N GLY B 244 9.97 19.95 17.40
CA GLY B 244 11.14 19.32 17.98
C GLY B 244 11.66 18.13 17.20
N TYR B 245 10.83 17.52 16.37
CA TYR B 245 11.31 16.50 15.44
C TYR B 245 12.15 17.12 14.34
N PHE B 246 11.71 18.26 13.81
CA PHE B 246 12.32 18.81 12.61
C PHE B 246 13.59 19.59 12.92
N ILE B 247 13.68 20.17 14.12
CA ILE B 247 14.93 20.78 14.57
C ILE B 247 16.01 19.70 14.71
N LEU B 248 15.64 18.56 15.26
CA LEU B 248 16.61 17.50 15.55
C LEU B 248 16.98 16.68 14.32
N GLN B 249 16.13 16.63 13.31
CA GLN B 249 16.33 15.77 12.15
C GLN B 249 16.61 16.53 10.87
N THR B 250 16.05 17.72 10.69
CA THR B 250 16.15 18.44 9.43
C THR B 250 16.97 19.73 9.51
N TYR B 251 16.82 20.51 10.58
CA TYR B 251 17.45 21.84 10.61
C TYR B 251 18.87 21.79 11.16
N MET B 252 19.05 21.34 12.40
CA MET B 252 20.36 21.34 13.05
C MET B 252 21.44 20.46 12.42
N PRO B 253 21.15 19.32 11.77
CA PRO B 253 22.19 18.75 10.91
C PRO B 253 22.51 19.63 9.72
N SER B 254 21.50 20.20 9.05
CA SER B 254 21.74 21.04 7.88
C SER B 254 22.43 22.35 8.22
N ILE B 255 22.36 22.81 9.47
CA ILE B 255 23.15 23.97 9.88
C ILE B 255 24.61 23.59 10.06
N LEU B 256 24.87 22.46 10.74
CA LEU B 256 26.23 22.07 11.05
C LEU B 256 27.00 21.60 9.81
N ILE B 257 26.29 21.12 8.78
CA ILE B 257 26.95 20.79 7.52
C ILE B 257 27.36 22.07 6.79
N THR B 258 26.56 23.14 6.89
CA THR B 258 26.91 24.40 6.27
C THR B 258 28.08 25.08 7.01
N ILE B 259 28.16 24.90 8.33
CA ILE B 259 29.29 25.44 9.10
C ILE B 259 30.57 24.68 8.77
N LEU B 260 30.47 23.38 8.47
CA LEU B 260 31.66 22.63 8.05
C LEU B 260 32.17 23.08 6.69
N SER B 261 31.30 23.59 5.82
CA SER B 261 31.75 24.12 4.54
C SER B 261 32.50 25.44 4.68
N TRP B 262 32.44 26.06 5.86
CA TRP B 262 33.19 27.28 6.15
C TRP B 262 34.60 26.99 6.64
N VAL B 263 34.94 25.73 6.90
CA VAL B 263 36.26 25.38 7.40
C VAL B 263 37.31 25.58 6.31
N SER B 264 36.91 25.48 5.04
CA SER B 264 37.83 25.60 3.93
C SER B 264 38.16 27.05 3.58
N PHE B 265 37.90 28.01 4.46
CA PHE B 265 38.41 29.36 4.28
C PHE B 265 39.55 29.67 5.25
N TRP B 266 39.67 28.90 6.33
CA TRP B 266 40.83 28.95 7.21
C TRP B 266 41.86 27.90 6.85
N ILE B 267 41.74 27.30 5.67
CA ILE B 267 42.73 26.36 5.14
C ILE B 267 43.49 27.08 4.04
N ASN B 268 44.81 26.85 3.98
CA ASN B 268 45.68 27.50 3.00
C ASN B 268 45.28 27.14 1.57
N TYR B 269 45.44 28.10 0.67
CA TYR B 269 44.96 27.95 -0.71
C TYR B 269 45.77 26.94 -1.51
N ASP B 270 46.98 26.61 -1.07
CA ASP B 270 47.76 25.58 -1.74
C ASP B 270 47.17 24.19 -1.53
N ALA B 271 46.40 23.99 -0.47
CA ALA B 271 45.77 22.70 -0.18
C ALA B 271 44.61 22.48 -1.15
N SER B 272 44.96 22.06 -2.36
CA SER B 272 43.94 21.81 -3.36
C SER B 272 43.16 20.53 -3.04
N ALA B 273 43.85 19.50 -2.59
CA ALA B 273 43.20 18.24 -2.24
C ALA B 273 42.48 18.27 -0.91
N ALA B 274 42.50 19.40 -0.20
CA ALA B 274 41.78 19.56 1.06
C ALA B 274 40.57 20.48 0.92
N ARG B 275 40.73 21.65 0.28
CA ARG B 275 39.62 22.58 0.17
C ARG B 275 38.58 22.09 -0.84
N VAL B 276 39.01 21.34 -1.85
CA VAL B 276 38.09 20.71 -2.78
C VAL B 276 37.37 19.54 -2.11
N ALA B 277 38.14 18.67 -1.45
CA ALA B 277 37.57 17.46 -0.85
C ALA B 277 36.67 17.77 0.32
N LEU B 278 36.91 18.88 1.01
CA LEU B 278 35.97 19.31 2.05
C LEU B 278 34.74 19.95 1.44
N GLY B 279 34.86 20.56 0.27
CA GLY B 279 33.74 21.23 -0.35
C GLY B 279 32.83 20.30 -1.13
N ILE B 280 33.41 19.36 -1.87
CA ILE B 280 32.59 18.48 -2.71
C ILE B 280 32.00 17.34 -1.88
N THR B 281 32.54 17.05 -0.70
CA THR B 281 31.87 16.10 0.19
C THR B 281 30.71 16.78 0.89
N THR B 282 30.80 18.08 1.10
CA THR B 282 29.77 18.81 1.81
C THR B 282 28.55 19.06 0.91
N VAL B 283 28.73 19.16 -0.41
CA VAL B 283 27.57 19.14 -1.30
C VAL B 283 27.01 17.74 -1.45
N LEU B 284 27.78 16.71 -1.08
CA LEU B 284 27.27 15.35 -1.08
C LEU B 284 26.55 15.04 0.22
N THR B 285 27.02 15.60 1.34
CA THR B 285 26.36 15.37 2.62
C THR B 285 25.03 16.11 2.67
N MET B 286 24.95 17.30 2.06
CA MET B 286 23.66 17.98 1.91
C MET B 286 22.73 17.24 0.97
N THR B 287 23.29 16.52 -0.01
CA THR B 287 22.45 15.76 -0.93
C THR B 287 21.85 14.53 -0.23
N THR B 288 22.65 13.84 0.58
CA THR B 288 22.13 12.68 1.32
C THR B 288 21.15 13.08 2.41
N ILE B 289 21.16 14.33 2.87
CA ILE B 289 20.11 14.79 3.76
C ILE B 289 18.81 14.99 2.97
N ASN B 290 18.89 15.58 1.79
CA ASN B 290 17.69 15.92 1.03
C ASN B 290 17.02 14.69 0.46
N THR B 291 17.82 13.70 0.02
CA THR B 291 17.24 12.47 -0.50
C THR B 291 16.70 11.58 0.61
N HIS B 292 17.23 11.72 1.83
CA HIS B 292 16.67 11.00 2.97
C HIS B 292 15.37 11.64 3.44
N LEU B 293 15.35 12.97 3.50
CA LEU B 293 14.13 13.68 3.91
C LEU B 293 13.07 13.66 2.83
N ARG B 294 13.42 13.30 1.60
CA ARG B 294 12.39 13.05 0.59
C ARG B 294 11.69 11.73 0.87
N GLU B 295 12.35 10.82 1.58
CA GLU B 295 11.79 9.50 1.85
C GLU B 295 10.95 9.49 3.12
N THR B 296 11.53 9.90 4.25
CA THR B 296 10.85 9.73 5.53
C THR B 296 9.74 10.75 5.75
N LEU B 297 9.93 11.99 5.30
CA LEU B 297 8.87 12.97 5.39
C LEU B 297 7.77 12.62 4.37
N PRO B 298 6.52 13.01 4.64
CA PRO B 298 5.44 12.66 3.72
C PRO B 298 5.56 13.36 2.37
N LYS B 299 5.29 12.61 1.31
CA LYS B 299 5.48 13.09 -0.06
C LYS B 299 4.36 14.05 -0.41
N ILE B 300 4.68 15.34 -0.37
CA ILE B 300 3.72 16.41 -0.63
C ILE B 300 4.24 17.17 -1.85
N PRO B 301 3.85 16.78 -3.06
CA PRO B 301 4.54 17.30 -4.26
C PRO B 301 4.16 18.72 -4.65
N TYR B 302 4.50 19.68 -3.78
CA TYR B 302 4.64 21.08 -4.17
C TYR B 302 5.63 21.73 -3.21
N VAL B 303 5.89 23.02 -3.44
CA VAL B 303 6.96 23.72 -2.74
C VAL B 303 6.53 24.04 -1.32
N LYS B 304 7.21 23.44 -0.35
CA LYS B 304 6.96 23.65 1.06
C LYS B 304 7.97 24.65 1.62
N ALA B 305 7.92 24.86 2.93
CA ALA B 305 8.87 25.74 3.59
C ALA B 305 10.16 25.03 3.99
N ILE B 306 10.10 23.70 4.16
CA ILE B 306 11.32 22.94 4.41
C ILE B 306 12.09 22.74 3.11
N ASP B 307 11.42 22.80 1.96
CA ASP B 307 12.12 22.75 0.68
C ASP B 307 12.86 24.05 0.39
N MET B 308 12.33 25.19 0.87
CA MET B 308 13.00 26.46 0.68
C MET B 308 14.18 26.64 1.62
N TYR B 309 14.30 25.82 2.66
CA TYR B 309 15.43 25.89 3.57
C TYR B 309 16.53 24.91 3.18
N LEU B 310 16.15 23.69 2.79
CA LEU B 310 17.14 22.70 2.38
C LEU B 310 17.79 23.07 1.06
N MET B 311 17.02 23.64 0.13
CA MET B 311 17.61 24.17 -1.09
C MET B 311 18.38 25.46 -0.80
N GLY B 312 17.97 26.20 0.23
CA GLY B 312 18.70 27.41 0.59
C GLY B 312 20.06 27.11 1.20
N CYS B 313 20.13 26.13 2.09
CA CYS B 313 21.40 25.71 2.65
C CYS B 313 22.26 24.95 1.64
N PHE B 314 21.66 24.40 0.60
CA PHE B 314 22.42 23.75 -0.45
C PHE B 314 23.19 24.76 -1.29
N VAL B 315 22.72 26.00 -1.35
CA VAL B 315 23.38 27.04 -2.14
C VAL B 315 24.60 27.58 -1.42
N PHE B 316 24.50 27.81 -0.09
CA PHE B 316 25.63 28.29 0.69
C PHE B 316 26.78 27.28 0.75
N VAL B 317 26.46 26.01 0.58
CA VAL B 317 27.50 24.99 0.45
C VAL B 317 28.03 24.97 -0.98
N PHE B 318 27.14 25.15 -1.97
CA PHE B 318 27.53 25.23 -3.37
C PHE B 318 28.40 26.45 -3.66
N LEU B 319 28.14 27.57 -2.98
CA LEU B 319 28.91 28.78 -3.22
C LEU B 319 30.26 28.76 -2.52
N ALA B 320 30.37 28.03 -1.40
CA ALA B 320 31.65 27.93 -0.71
C ALA B 320 32.65 27.08 -1.48
N LEU B 321 32.18 26.23 -2.38
CA LEU B 321 33.05 25.46 -3.26
C LEU B 321 33.35 26.21 -4.56
N LEU B 322 32.46 27.10 -4.99
CA LEU B 322 32.79 28.03 -6.06
C LEU B 322 33.79 29.07 -5.61
N GLU B 323 33.91 29.30 -4.30
CA GLU B 323 34.85 30.28 -3.78
C GLU B 323 36.29 29.83 -3.99
N TYR B 324 36.56 28.53 -3.80
CA TYR B 324 37.92 28.05 -3.97
C TYR B 324 38.34 28.05 -5.44
N ALA B 325 37.42 27.70 -6.33
CA ALA B 325 37.73 27.75 -7.76
C ALA B 325 37.88 29.18 -8.26
N PHE B 326 37.31 30.16 -7.56
CA PHE B 326 37.62 31.54 -7.84
C PHE B 326 38.97 31.95 -7.25
N VAL B 327 39.36 31.31 -6.14
CA VAL B 327 40.70 31.50 -5.60
C VAL B 327 41.74 30.79 -6.45
N ASN B 328 41.44 29.55 -6.88
CA ASN B 328 42.38 28.75 -7.64
C ASN B 328 42.60 29.32 -9.04
N TYR B 329 41.59 29.98 -9.61
CA TYR B 329 41.75 30.55 -10.94
C TYR B 329 42.55 31.84 -10.92
N ILE B 330 42.54 32.57 -9.81
CA ILE B 330 43.26 33.85 -9.79
C ILE B 330 44.74 33.64 -9.46
N PHE B 331 45.05 32.73 -8.54
CA PHE B 331 46.44 32.50 -8.18
C PHE B 331 47.20 31.74 -9.28
N PHE B 332 46.57 30.74 -9.87
CA PHE B 332 47.25 29.88 -10.83
C PHE B 332 46.91 30.19 -12.28
N GLY B 333 45.65 30.48 -12.59
CA GLY B 333 45.27 30.74 -13.96
C GLY B 333 45.70 32.10 -14.45
N ARG B 334 45.26 33.16 -13.75
CA ARG B 334 45.67 34.52 -14.05
C ARG B 334 46.81 34.99 -13.15
N GLY B 335 47.66 34.06 -12.74
CA GLY B 335 48.79 34.34 -11.90
C GLY B 335 50.09 34.65 -12.62
N PRO B 336 50.55 33.76 -13.51
CA PRO B 336 51.70 34.10 -14.36
C PRO B 336 51.44 35.24 -15.33
N GLN B 337 50.18 35.52 -15.68
CA GLN B 337 49.88 36.68 -16.49
C GLN B 337 49.85 37.97 -15.69
N ARG B 338 49.85 37.87 -14.36
CA ARG B 338 49.82 39.00 -13.41
C ARG B 338 48.66 39.95 -13.64
N THR B 443 41.71 41.07 -6.71
CA THR B 443 42.75 40.19 -7.24
C THR B 443 43.85 39.95 -6.21
N ASP B 444 43.45 39.46 -5.04
CA ASP B 444 44.39 39.07 -4.00
C ASP B 444 43.87 37.80 -3.37
N VAL B 445 44.76 36.82 -3.18
CA VAL B 445 44.33 35.49 -2.75
C VAL B 445 44.00 35.49 -1.27
N ASN B 446 44.75 36.24 -0.47
CA ASN B 446 44.44 36.35 0.95
C ASN B 446 43.18 37.18 1.17
N ALA B 447 42.89 38.14 0.30
CA ALA B 447 41.76 39.03 0.52
C ALA B 447 40.42 38.38 0.19
N ILE B 448 40.40 37.43 -0.74
CA ILE B 448 39.14 36.76 -1.07
C ILE B 448 38.76 35.78 0.03
N ASP B 449 39.76 35.11 0.63
CA ASP B 449 39.47 34.20 1.74
C ASP B 449 39.05 34.98 3.00
N ARG B 450 39.66 36.14 3.24
CA ARG B 450 39.24 36.97 4.38
C ARG B 450 37.86 37.56 4.16
N TRP B 451 37.47 37.77 2.91
CA TRP B 451 36.14 38.28 2.62
C TRP B 451 35.07 37.23 2.87
N SER B 452 35.38 35.95 2.61
CA SER B 452 34.40 34.88 2.76
C SER B 452 34.33 34.37 4.20
N ARG B 453 35.30 34.71 5.04
CA ARG B 453 35.17 34.45 6.47
C ARG B 453 34.17 35.41 7.10
N ILE B 454 33.99 36.58 6.51
CA ILE B 454 33.07 37.59 7.03
C ILE B 454 31.68 37.41 6.45
N VAL B 455 31.58 37.25 5.14
CA VAL B 455 30.30 37.37 4.44
C VAL B 455 29.47 36.10 4.57
N PHE B 456 30.09 34.94 4.33
CA PHE B 456 29.35 33.67 4.30
C PHE B 456 28.78 33.22 5.65
N PRO B 457 29.40 33.50 6.81
CA PRO B 457 28.62 33.39 8.05
C PRO B 457 27.54 34.45 8.17
N PHE B 458 27.79 35.68 7.70
CA PHE B 458 26.85 36.76 7.90
C PHE B 458 25.64 36.64 6.96
N THR B 459 25.87 36.19 5.72
CA THR B 459 24.76 36.03 4.80
C THR B 459 23.91 34.82 5.16
N PHE B 460 24.53 33.76 5.69
CA PHE B 460 23.77 32.64 6.21
C PHE B 460 23.03 32.99 7.48
N SER B 461 23.57 33.93 8.27
CA SER B 461 22.83 34.44 9.42
C SER B 461 21.65 35.28 8.97
N LEU B 462 21.81 36.05 7.88
CA LEU B 462 20.67 36.74 7.31
C LEU B 462 19.70 35.79 6.61
N PHE B 463 20.15 34.61 6.21
CA PHE B 463 19.23 33.65 5.63
C PHE B 463 18.32 33.06 6.69
N ASN B 464 18.85 32.78 7.88
CA ASN B 464 18.02 32.30 8.97
C ASN B 464 17.12 33.39 9.54
N LEU B 465 17.53 34.65 9.39
CA LEU B 465 16.72 35.75 9.90
C LEU B 465 15.48 35.97 9.05
N VAL B 466 15.63 35.89 7.72
CA VAL B 466 14.47 36.01 6.84
C VAL B 466 13.62 34.75 6.90
N TYR B 467 14.24 33.59 7.12
CA TYR B 467 13.49 32.34 7.15
C TYR B 467 12.67 32.23 8.43
N TRP B 468 13.32 32.33 9.59
CA TRP B 468 12.63 32.07 10.85
C TRP B 468 11.74 33.22 11.32
N LEU B 469 11.58 34.27 10.52
CA LEU B 469 10.61 35.31 10.82
C LEU B 469 9.49 35.41 9.80
N TYR B 470 9.72 34.94 8.57
CA TYR B 470 8.63 34.87 7.60
C TYR B 470 7.69 33.72 7.90
N TYR B 471 8.23 32.57 8.30
CA TYR B 471 7.44 31.39 8.55
C TYR B 471 7.06 31.22 10.00
N VAL B 472 7.44 32.15 10.87
CA VAL B 472 7.00 32.14 12.25
C VAL B 472 6.28 33.44 12.57
N ASP C 65 -35.47 -34.87 22.80
CA ASP C 65 -35.33 -34.58 24.22
C ASP C 65 -34.77 -33.18 24.41
N VAL C 66 -33.59 -32.96 23.83
CA VAL C 66 -32.94 -31.65 23.99
C VAL C 66 -33.60 -30.61 23.09
N THR C 67 -34.24 -31.05 22.01
CA THR C 67 -35.06 -30.15 21.20
C THR C 67 -36.25 -29.65 22.01
N VAL C 68 -36.84 -30.52 22.82
CA VAL C 68 -37.93 -30.12 23.72
C VAL C 68 -37.42 -29.15 24.77
N ILE C 69 -36.18 -29.34 25.26
CA ILE C 69 -35.62 -28.47 26.27
C ILE C 69 -35.29 -27.10 25.67
N LEU C 70 -34.69 -27.07 24.47
CA LEU C 70 -34.27 -25.80 23.89
C LEU C 70 -35.45 -24.98 23.39
N ASN C 71 -36.53 -25.62 22.96
CA ASN C 71 -37.70 -24.86 22.52
C ASN C 71 -38.59 -24.41 23.67
N ASN C 72 -38.47 -25.03 24.85
CA ASN C 72 -39.20 -24.52 26.01
C ASN C 72 -38.51 -23.32 26.63
N LEU C 73 -37.19 -23.20 26.48
CA LEU C 73 -36.48 -22.05 27.01
C LEU C 73 -36.70 -20.81 26.15
N LEU C 74 -36.67 -20.98 24.83
CA LEU C 74 -36.80 -19.84 23.93
C LEU C 74 -38.23 -19.37 23.75
N GLU C 75 -39.21 -20.20 24.12
CA GLU C 75 -40.62 -19.79 24.02
C GLU C 75 -40.93 -18.78 25.12
N GLY C 76 -41.41 -17.62 24.72
CA GLY C 76 -41.66 -16.55 25.66
C GLY C 76 -40.42 -15.82 26.12
N TYR C 77 -39.28 -16.04 25.47
CA TYR C 77 -38.03 -15.40 25.85
C TYR C 77 -37.85 -14.12 25.06
N ASP C 78 -37.42 -13.06 25.74
CA ASP C 78 -37.16 -11.77 25.13
C ASP C 78 -35.67 -11.48 25.27
N ASN C 79 -34.95 -11.50 24.15
CA ASN C 79 -33.51 -11.24 24.18
C ASN C 79 -33.18 -9.76 24.29
N LYS C 80 -34.17 -8.88 24.14
CA LYS C 80 -33.95 -7.46 24.31
C LYS C 80 -33.80 -7.05 25.77
N LEU C 81 -34.19 -7.91 26.70
CA LEU C 81 -34.29 -7.57 28.11
C LEU C 81 -33.15 -8.21 28.89
N ARG C 82 -32.46 -7.39 29.69
CA ARG C 82 -31.44 -7.88 30.59
C ARG C 82 -32.06 -8.78 31.65
N PRO C 83 -31.38 -9.86 32.04
CA PRO C 83 -31.88 -10.69 33.15
C PRO C 83 -31.87 -9.91 34.46
N ASP C 84 -33.00 -9.95 35.16
CA ASP C 84 -33.29 -9.13 36.35
C ASP C 84 -33.14 -7.65 36.02
N ILE C 85 -34.02 -7.19 35.12
CA ILE C 85 -33.90 -5.83 34.58
C ILE C 85 -34.34 -4.79 35.62
N GLY C 86 -35.22 -5.16 36.55
CA GLY C 86 -35.63 -4.22 37.57
C GLY C 86 -35.27 -4.67 38.97
N VAL C 87 -34.47 -5.74 39.07
CA VAL C 87 -34.21 -6.36 40.36
C VAL C 87 -32.82 -6.01 40.87
N LYS C 88 -31.79 -6.40 40.12
CA LYS C 88 -30.42 -6.29 40.60
C LYS C 88 -29.50 -6.18 39.39
N PRO C 89 -28.26 -5.70 39.57
CA PRO C 89 -27.30 -5.71 38.45
C PRO C 89 -26.90 -7.11 38.05
N THR C 90 -26.76 -7.33 36.74
CA THR C 90 -26.31 -8.61 36.20
C THR C 90 -24.81 -8.72 36.39
N LEU C 91 -24.39 -9.64 37.24
CA LEU C 91 -22.98 -9.84 37.53
C LEU C 91 -22.37 -10.78 36.51
N ILE C 92 -21.30 -10.35 35.86
CA ILE C 92 -20.64 -11.10 34.81
C ILE C 92 -19.21 -11.40 35.25
N HIS C 93 -18.85 -12.68 35.24
CA HIS C 93 -17.52 -13.12 35.66
C HIS C 93 -16.69 -13.37 34.40
N THR C 94 -15.85 -12.41 34.06
CA THR C 94 -15.06 -12.51 32.84
C THR C 94 -13.82 -13.37 33.06
N ASP C 95 -13.17 -13.69 31.94
CA ASP C 95 -12.02 -14.57 31.89
C ASP C 95 -11.34 -14.33 30.55
N MET C 96 -10.04 -14.61 30.49
CA MET C 96 -9.27 -14.29 29.30
C MET C 96 -8.09 -15.24 29.19
N TYR C 97 -7.92 -15.83 28.01
CA TYR C 97 -6.75 -16.65 27.71
C TYR C 97 -6.04 -16.03 26.51
N VAL C 98 -4.89 -15.42 26.76
CA VAL C 98 -4.15 -14.71 25.73
C VAL C 98 -3.37 -15.73 24.90
N ASN C 99 -3.73 -15.85 23.62
CA ASN C 99 -2.96 -16.71 22.71
C ASN C 99 -1.62 -16.06 22.38
N SER C 100 -1.65 -14.84 21.85
CA SER C 100 -0.44 -14.19 21.40
C SER C 100 -0.63 -12.69 21.42
N ILE C 101 0.36 -11.98 21.95
CA ILE C 101 0.47 -10.54 21.76
C ILE C 101 1.30 -10.30 20.51
N GLY C 102 0.70 -9.64 19.53
CA GLY C 102 1.32 -9.47 18.24
C GLY C 102 2.35 -8.37 18.21
N PRO C 103 2.62 -7.84 17.02
CA PRO C 103 3.65 -6.80 16.88
C PRO C 103 3.18 -5.49 17.50
N VAL C 104 3.97 -4.97 18.44
CA VAL C 104 3.66 -3.70 19.09
C VAL C 104 4.09 -2.60 18.12
N ASN C 105 3.12 -2.02 17.42
CA ASN C 105 3.40 -0.92 16.51
C ASN C 105 3.74 0.32 17.32
N ALA C 106 4.84 0.99 16.97
CA ALA C 106 5.23 2.21 17.64
C ALA C 106 4.78 3.46 16.90
N ILE C 107 4.67 3.40 15.57
CA ILE C 107 4.22 4.55 14.80
C ILE C 107 2.73 4.79 15.00
N ASN C 108 1.94 3.72 14.89
CA ASN C 108 0.51 3.81 15.15
C ASN C 108 0.17 3.78 16.63
N MET C 109 1.15 3.42 17.48
CA MET C 109 0.96 3.18 18.92
C MET C 109 -0.15 2.17 19.18
N GLU C 110 -0.04 1.04 18.52
CA GLU C 110 -0.96 -0.09 18.65
C GLU C 110 -0.22 -1.28 19.26
N TYR C 111 -0.97 -2.36 19.47
CA TYR C 111 -0.43 -3.70 19.64
C TYR C 111 -1.55 -4.67 19.33
N THR C 112 -1.19 -5.80 18.72
CA THR C 112 -2.16 -6.82 18.36
C THR C 112 -2.19 -7.87 19.47
N ILE C 113 -3.39 -8.32 19.82
CA ILE C 113 -3.57 -9.36 20.83
C ILE C 113 -4.65 -10.31 20.34
N ASP C 114 -4.46 -11.61 20.62
CA ASP C 114 -5.41 -12.65 20.26
C ASP C 114 -5.79 -13.39 21.53
N ILE C 115 -7.07 -13.34 21.89
CA ILE C 115 -7.55 -13.91 23.15
C ILE C 115 -8.74 -14.81 22.91
N PHE C 116 -8.96 -15.72 23.86
CA PHE C 116 -10.24 -16.39 24.05
C PHE C 116 -10.92 -15.70 25.22
N PHE C 117 -12.03 -15.03 24.95
CA PHE C 117 -12.68 -14.15 25.92
C PHE C 117 -13.95 -14.81 26.44
N ALA C 118 -13.94 -15.20 27.71
CA ALA C 118 -15.03 -15.96 28.32
C ALA C 118 -15.86 -15.08 29.24
N GLN C 119 -17.13 -15.44 29.37
CA GLN C 119 -18.09 -14.72 30.22
C GLN C 119 -19.08 -15.72 30.82
N THR C 120 -19.32 -15.59 32.13
CA THR C 120 -20.39 -16.32 32.79
C THR C 120 -21.32 -15.35 33.50
N TRP C 121 -22.62 -15.60 33.40
CA TRP C 121 -23.61 -14.81 34.11
C TRP C 121 -24.83 -15.67 34.36
N TYR C 122 -25.58 -15.34 35.41
CA TYR C 122 -26.80 -16.06 35.75
C TYR C 122 -27.97 -15.48 34.96
N ASP C 123 -28.67 -16.35 34.25
CA ASP C 123 -29.90 -16.00 33.55
C ASP C 123 -30.96 -16.98 34.03
N ARG C 124 -31.84 -16.53 34.93
CA ARG C 124 -32.82 -17.43 35.53
C ARG C 124 -33.99 -17.75 34.60
N ARG C 125 -34.07 -17.10 33.44
CA ARG C 125 -35.05 -17.47 32.43
C ARG C 125 -34.65 -18.73 31.67
N LEU C 126 -33.40 -19.19 31.83
CA LEU C 126 -32.88 -20.34 31.11
C LEU C 126 -32.70 -21.55 32.02
N LYS C 127 -33.46 -21.62 33.09
CA LYS C 127 -33.45 -22.79 33.96
C LYS C 127 -34.27 -23.91 33.32
N PHE C 128 -33.74 -25.13 33.41
CA PHE C 128 -34.44 -26.30 32.89
C PHE C 128 -34.28 -27.44 33.87
N ASN C 129 -35.36 -28.21 34.05
CA ASN C 129 -35.35 -29.37 34.95
C ASN C 129 -35.25 -30.62 34.09
N SER C 130 -34.04 -31.18 34.02
CA SER C 130 -33.81 -32.41 33.26
C SER C 130 -32.59 -33.11 33.86
N THR C 131 -32.10 -34.12 33.16
CA THR C 131 -30.94 -34.90 33.58
C THR C 131 -29.75 -34.60 32.67
N ILE C 132 -29.90 -33.65 31.76
CA ILE C 132 -28.83 -33.34 30.81
C ILE C 132 -27.72 -32.55 31.49
N LYS C 133 -28.10 -31.60 32.36
CA LYS C 133 -27.28 -30.86 33.34
C LYS C 133 -26.37 -29.81 32.70
N VAL C 134 -26.22 -29.85 31.38
CA VAL C 134 -25.42 -28.87 30.63
C VAL C 134 -25.82 -28.98 29.17
N LEU C 135 -25.90 -27.83 28.50
CA LEU C 135 -26.31 -27.76 27.10
C LEU C 135 -25.16 -27.16 26.31
N ARG C 136 -24.26 -28.02 25.82
CA ARG C 136 -23.11 -27.57 25.05
C ARG C 136 -23.53 -27.35 23.62
N LEU C 137 -23.48 -26.09 23.16
CA LEU C 137 -24.09 -25.69 21.92
C LEU C 137 -23.08 -24.98 21.02
N ASN C 138 -23.51 -24.74 19.79
CA ASN C 138 -22.74 -23.98 18.80
C ASN C 138 -23.01 -22.50 18.98
N SER C 139 -22.61 -21.71 17.99
CA SER C 139 -22.95 -20.31 17.89
C SER C 139 -24.34 -20.06 17.30
N ASN C 140 -25.13 -21.11 17.08
CA ASN C 140 -26.48 -20.94 16.56
C ASN C 140 -27.45 -20.41 17.60
N MET C 141 -27.10 -20.46 18.87
CA MET C 141 -27.96 -20.04 19.96
C MET C 141 -27.61 -18.65 20.50
N VAL C 142 -26.46 -18.11 20.09
CA VAL C 142 -25.96 -16.83 20.60
C VAL C 142 -26.89 -15.68 20.20
N GLY C 143 -27.40 -15.72 18.97
CA GLY C 143 -28.28 -14.66 18.52
C GLY C 143 -29.69 -14.66 19.09
N LYS C 144 -30.03 -15.64 19.93
CA LYS C 144 -31.35 -15.74 20.53
C LYS C 144 -31.33 -15.54 22.03
N ILE C 145 -30.23 -15.83 22.68
CA ILE C 145 -30.02 -15.58 24.10
C ILE C 145 -29.53 -14.14 24.26
N TRP C 146 -29.90 -13.51 25.36
CA TRP C 146 -29.32 -12.22 25.74
C TRP C 146 -27.81 -12.35 25.88
N ILE C 147 -27.07 -11.53 25.15
CA ILE C 147 -25.62 -11.52 25.16
C ILE C 147 -25.17 -10.14 25.60
N PRO C 148 -24.23 -10.04 26.54
CA PRO C 148 -23.79 -8.71 27.01
C PRO C 148 -23.06 -7.94 25.93
N ASP C 149 -23.21 -6.62 25.96
CA ASP C 149 -22.61 -5.74 24.96
C ASP C 149 -21.23 -5.26 25.42
N THR C 150 -20.36 -6.23 25.68
CA THR C 150 -19.00 -5.93 26.07
C THR C 150 -18.21 -5.44 24.87
N PHE C 151 -17.75 -4.20 24.93
CA PHE C 151 -16.88 -3.65 23.90
C PHE C 151 -15.51 -3.39 24.52
N PHE C 152 -14.49 -3.40 23.68
CA PHE C 152 -13.13 -3.10 24.13
C PHE C 152 -12.88 -1.61 23.93
N ARG C 153 -12.56 -0.93 25.04
CA ARG C 153 -12.66 0.52 25.10
C ARG C 153 -11.53 1.21 24.33
N ASN C 154 -10.37 0.56 24.22
CA ASN C 154 -9.26 1.13 23.46
C ASN C 154 -8.94 0.35 22.20
N SER C 155 -9.90 -0.39 21.67
CA SER C 155 -9.65 -1.12 20.43
C SER C 155 -9.75 -0.20 19.23
N LYS C 156 -8.94 -0.50 18.21
CA LYS C 156 -9.01 0.19 16.93
C LYS C 156 -9.60 -0.68 15.83
N LYS C 157 -9.11 -1.90 15.68
CA LYS C 157 -9.62 -2.86 14.70
C LYS C 157 -9.76 -4.19 15.41
N ALA C 158 -10.90 -4.41 16.06
CA ALA C 158 -11.18 -5.67 16.73
C ALA C 158 -12.05 -6.53 15.83
N ASP C 159 -11.69 -7.80 15.71
CA ASP C 159 -12.38 -8.72 14.82
C ASP C 159 -12.67 -10.03 15.54
N ALA C 160 -13.82 -10.62 15.23
CA ALA C 160 -14.10 -11.99 15.61
C ALA C 160 -13.75 -12.91 14.46
N HIS C 161 -13.61 -14.20 14.76
CA HIS C 161 -13.19 -15.18 13.77
C HIS C 161 -14.40 -15.93 13.24
N TRP C 162 -14.35 -16.26 11.95
CA TRP C 162 -15.52 -16.79 11.25
C TRP C 162 -15.18 -17.99 10.38
N ILE C 163 -14.02 -18.62 10.60
CA ILE C 163 -13.56 -19.76 9.83
C ILE C 163 -13.34 -20.93 10.78
N THR C 164 -13.98 -22.07 10.51
CA THR C 164 -14.83 -22.31 9.35
C THR C 164 -16.28 -21.96 9.66
N THR C 165 -16.57 -21.91 10.94
CA THR C 165 -17.84 -21.51 11.53
C THR C 165 -17.62 -20.25 12.34
N PRO C 166 -18.70 -19.58 12.80
CA PRO C 166 -18.52 -18.57 13.85
C PRO C 166 -17.94 -19.17 15.12
N ASN C 167 -16.70 -18.80 15.45
CA ASN C 167 -15.96 -19.45 16.53
C ASN C 167 -16.44 -18.91 17.87
N ARG C 168 -17.60 -19.43 18.28
CA ARG C 168 -18.23 -19.07 19.54
C ARG C 168 -18.74 -20.35 20.18
N MET C 169 -19.07 -20.27 21.46
CA MET C 169 -19.57 -21.43 22.17
C MET C 169 -20.48 -20.95 23.29
N LEU C 170 -21.48 -21.76 23.61
CA LEU C 170 -22.52 -21.33 24.53
C LEU C 170 -22.97 -22.55 25.33
N ARG C 171 -22.65 -22.57 26.63
CA ARG C 171 -23.03 -23.66 27.50
C ARG C 171 -24.00 -23.13 28.55
N ILE C 172 -25.12 -23.83 28.72
CA ILE C 172 -26.17 -23.44 29.66
C ILE C 172 -26.35 -24.57 30.65
N TRP C 173 -26.19 -24.28 31.92
CA TRP C 173 -26.43 -25.26 32.98
C TRP C 173 -27.87 -25.17 33.46
N ASN C 174 -28.26 -26.14 34.29
CA ASN C 174 -29.63 -26.24 34.74
C ASN C 174 -29.99 -25.23 35.82
N ASP C 175 -29.00 -24.58 36.44
CA ASP C 175 -29.28 -23.52 37.39
C ASP C 175 -29.41 -22.15 36.73
N GLY C 176 -29.30 -22.08 35.41
CA GLY C 176 -29.38 -20.82 34.70
C GLY C 176 -28.07 -20.10 34.51
N ARG C 177 -26.94 -20.80 34.62
CA ARG C 177 -25.63 -20.19 34.41
C ARG C 177 -25.23 -20.40 32.96
N VAL C 178 -24.78 -19.32 32.32
CA VAL C 178 -24.53 -19.30 30.88
C VAL C 178 -23.06 -18.97 30.66
N LEU C 179 -22.31 -19.92 30.10
CA LEU C 179 -20.94 -19.67 29.67
C LEU C 179 -20.93 -19.26 28.20
N TYR C 180 -20.19 -18.20 27.90
CA TYR C 180 -20.09 -17.67 26.54
C TYR C 180 -18.65 -17.26 26.27
N THR C 181 -17.99 -17.99 25.39
CA THR C 181 -16.59 -17.76 25.05
C THR C 181 -16.48 -17.55 23.55
N LEU C 182 -15.68 -16.56 23.15
CA LEU C 182 -15.48 -16.27 21.73
C LEU C 182 -14.02 -15.87 21.52
N ARG C 183 -13.51 -16.17 20.32
CA ARG C 183 -12.13 -15.87 19.97
C ARG C 183 -12.07 -14.51 19.28
N LEU C 184 -11.12 -13.67 19.70
CA LEU C 184 -11.06 -12.30 19.26
C LEU C 184 -9.62 -11.86 19.02
N THR C 185 -9.40 -11.15 17.93
CA THR C 185 -8.18 -10.38 17.72
C THR C 185 -8.48 -8.91 17.88
N ILE C 186 -7.82 -8.28 18.86
CA ILE C 186 -8.02 -6.86 19.16
C ILE C 186 -6.75 -6.12 18.79
N ASP C 187 -6.90 -5.08 17.97
CA ASP C 187 -5.80 -4.16 17.68
C ASP C 187 -5.94 -2.97 18.61
N ALA C 188 -5.51 -3.15 19.85
CA ALA C 188 -5.74 -2.17 20.89
C ALA C 188 -4.79 -0.99 20.76
N GLU C 189 -4.95 -0.01 21.66
CA GLU C 189 -4.24 1.25 21.58
C GLU C 189 -3.55 1.51 22.90
N CYS C 190 -2.24 1.77 22.86
CA CYS C 190 -1.50 2.19 24.03
C CYS C 190 -0.54 3.32 23.66
N GLN C 191 -0.64 4.43 24.38
CA GLN C 191 0.24 5.58 24.15
C GLN C 191 1.63 5.26 24.67
N LEU C 192 2.50 4.84 23.77
CA LEU C 192 3.88 4.50 24.11
C LEU C 192 4.65 5.78 24.41
N GLN C 193 5.03 5.98 25.66
CA GLN C 193 5.86 7.11 26.03
C GLN C 193 7.30 6.74 25.67
N LEU C 194 7.75 7.20 24.51
CA LEU C 194 9.01 6.76 23.93
C LEU C 194 10.20 7.61 24.37
N HIS C 195 10.11 8.24 25.53
CA HIS C 195 11.32 8.65 26.24
C HIS C 195 12.10 7.39 26.62
N ASN C 196 13.43 7.57 26.74
CA ASN C 196 14.37 6.50 27.08
C ASN C 196 14.33 5.37 26.03
N PHE C 197 14.35 5.74 24.78
CA PHE C 197 14.33 4.75 23.70
C PHE C 197 15.75 4.33 23.34
N PRO C 198 16.06 3.03 23.24
CA PRO C 198 15.24 1.83 23.41
C PRO C 198 15.43 1.13 24.76
N MET C 199 15.40 1.89 25.84
CA MET C 199 15.66 1.37 27.17
C MET C 199 14.47 1.62 28.09
N ASP C 200 13.27 1.54 27.53
CA ASP C 200 12.04 1.94 28.20
C ASP C 200 11.10 0.76 28.42
N GLU C 201 10.29 0.85 29.46
CA GLU C 201 9.25 -0.12 29.75
C GLU C 201 7.89 0.49 29.44
N HIS C 202 6.94 -0.37 29.07
CA HIS C 202 5.59 0.06 28.79
C HIS C 202 4.61 -0.92 29.41
N SER C 203 3.44 -0.40 29.79
CA SER C 203 2.34 -1.21 30.30
C SER C 203 1.12 -0.91 29.44
N CYS C 204 0.99 -1.62 28.34
CA CYS C 204 -0.10 -1.36 27.41
C CYS C 204 -1.40 -1.97 27.92
N PRO C 205 -2.47 -1.19 28.04
CA PRO C 205 -3.71 -1.71 28.62
C PRO C 205 -4.59 -2.41 27.59
N LEU C 206 -5.58 -3.13 28.12
CA LEU C 206 -6.67 -3.72 27.32
C LEU C 206 -7.94 -3.58 28.16
N GLU C 207 -8.66 -2.49 27.92
CA GLU C 207 -9.82 -2.15 28.72
C GLU C 207 -11.10 -2.63 28.04
N PHE C 208 -12.05 -3.11 28.85
CA PHE C 208 -13.36 -3.46 28.30
C PHE C 208 -14.44 -3.23 29.35
N SER C 209 -15.64 -2.93 28.86
CA SER C 209 -16.82 -2.71 29.67
C SER C 209 -18.04 -2.90 28.79
N SER C 210 -19.22 -2.75 29.37
CA SER C 210 -20.44 -2.75 28.59
C SER C 210 -20.66 -1.40 27.93
N TYR C 211 -21.35 -1.42 26.79
CA TYR C 211 -21.49 -0.18 26.04
C TYR C 211 -22.70 0.64 26.47
N GLY C 212 -23.81 -0.01 26.82
CA GLY C 212 -25.01 0.72 27.13
C GLY C 212 -25.51 0.54 28.54
N TYR C 213 -25.11 -0.53 29.21
CA TYR C 213 -25.63 -0.86 30.53
C TYR C 213 -24.74 -0.28 31.60
N PRO C 214 -25.23 0.63 32.44
CA PRO C 214 -24.38 1.28 33.45
C PRO C 214 -23.98 0.39 34.62
N ARG C 215 -23.36 1.00 35.63
CA ARG C 215 -22.97 0.29 36.83
C ARG C 215 -24.15 -0.32 37.57
N GLU C 216 -25.31 0.31 37.49
CA GLU C 216 -26.51 -0.18 38.15
C GLU C 216 -27.16 -1.37 37.45
N GLU C 217 -26.66 -1.77 36.28
CA GLU C 217 -27.29 -2.83 35.50
C GLU C 217 -26.35 -3.97 35.14
N ILE C 218 -25.08 -3.69 34.83
CA ILE C 218 -24.10 -4.73 34.58
C ILE C 218 -22.85 -4.42 35.39
N VAL C 219 -22.43 -5.37 36.21
CA VAL C 219 -21.19 -5.29 36.96
C VAL C 219 -20.28 -6.42 36.51
N TYR C 220 -19.05 -6.08 36.14
CA TYR C 220 -18.07 -7.08 35.76
C TYR C 220 -17.17 -7.42 36.94
N GLN C 221 -16.56 -8.61 36.87
CA GLN C 221 -15.76 -9.13 37.97
C GLN C 221 -14.83 -10.19 37.41
N TRP C 222 -13.60 -10.22 37.90
CA TRP C 222 -12.68 -11.25 37.45
C TRP C 222 -12.90 -12.55 38.22
N LYS C 223 -12.45 -13.64 37.62
CA LYS C 223 -12.52 -14.95 38.24
C LYS C 223 -11.22 -15.23 39.01
N ARG C 224 -11.01 -16.49 39.40
CA ARG C 224 -9.77 -16.87 40.09
C ARG C 224 -8.58 -16.76 39.15
N SER C 225 -8.58 -17.52 38.06
CA SER C 225 -7.59 -17.39 37.00
C SER C 225 -8.15 -16.39 36.01
N SER C 226 -7.81 -15.11 36.22
CA SER C 226 -8.44 -14.04 35.46
C SER C 226 -7.89 -13.97 34.04
N VAL C 227 -6.58 -13.72 33.91
CA VAL C 227 -5.92 -13.66 32.61
C VAL C 227 -4.89 -14.77 32.58
N GLU C 228 -5.07 -15.72 31.67
CA GLU C 228 -4.21 -16.88 31.58
C GLU C 228 -3.32 -16.77 30.34
N VAL C 229 -2.05 -17.11 30.50
CA VAL C 229 -1.01 -16.88 29.51
C VAL C 229 -0.45 -18.24 29.08
N GLY C 230 -0.25 -18.41 27.78
CA GLY C 230 0.18 -19.69 27.26
C GLY C 230 1.68 -19.91 27.28
N ASP C 231 2.27 -20.18 26.11
CA ASP C 231 3.68 -20.57 26.04
C ASP C 231 4.65 -19.39 26.00
N THR C 232 4.17 -18.19 25.65
CA THR C 232 4.80 -16.88 25.85
C THR C 232 6.01 -16.65 24.93
N ARG C 233 6.44 -17.69 24.20
CA ARG C 233 7.57 -17.57 23.29
C ARG C 233 7.19 -17.79 21.83
N SER C 234 5.97 -18.22 21.54
CA SER C 234 5.45 -18.23 20.18
C SER C 234 4.72 -16.94 19.85
N TRP C 235 5.04 -15.85 20.54
CA TRP C 235 4.36 -14.59 20.33
C TRP C 235 5.12 -13.74 19.33
N ARG C 236 4.41 -12.77 18.76
CA ARG C 236 5.01 -11.91 17.73
C ARG C 236 5.61 -10.65 18.35
N LEU C 237 6.43 -10.82 19.37
CA LEU C 237 7.10 -9.70 20.03
C LEU C 237 8.50 -9.61 19.48
N TYR C 238 8.68 -8.73 18.48
CA TYR C 238 9.99 -8.51 17.89
C TYR C 238 10.90 -7.75 18.86
N GLN C 239 10.52 -6.53 19.20
CA GLN C 239 11.37 -5.62 19.96
C GLN C 239 11.05 -5.58 21.44
N PHE C 240 10.12 -6.40 21.90
CA PHE C 240 9.63 -6.34 23.26
C PHE C 240 9.74 -7.71 23.91
N SER C 241 9.63 -7.72 25.24
CA SER C 241 9.67 -8.96 26.00
C SER C 241 8.61 -8.90 27.10
N PHE C 242 7.82 -9.97 27.19
CA PHE C 242 6.73 -10.02 28.16
C PHE C 242 7.30 -10.25 29.56
N VAL C 243 7.14 -9.27 30.44
CA VAL C 243 7.74 -9.31 31.77
C VAL C 243 6.72 -9.27 32.89
N GLY C 244 5.43 -9.06 32.61
CA GLY C 244 4.48 -8.98 33.70
C GLY C 244 3.05 -8.91 33.22
N LEU C 245 2.14 -9.03 34.17
CA LEU C 245 0.71 -9.06 33.91
C LEU C 245 -0.03 -8.52 35.12
N ARG C 246 -1.02 -7.66 34.87
CA ARG C 246 -1.70 -6.98 35.97
C ARG C 246 -3.12 -6.64 35.56
N ASN C 247 -4.07 -6.91 36.44
CA ASN C 247 -5.47 -6.59 36.22
C ASN C 247 -5.92 -5.52 37.21
N THR C 248 -7.04 -4.86 36.90
CA THR C 248 -7.64 -3.89 37.82
C THR C 248 -9.12 -3.76 37.53
N THR C 249 -9.80 -3.06 38.43
CA THR C 249 -11.23 -2.78 38.33
C THR C 249 -11.46 -1.33 38.67
N GLU C 250 -12.06 -0.58 37.75
CA GLU C 250 -12.32 0.83 37.95
C GLU C 250 -13.70 1.17 37.41
N VAL C 251 -14.17 2.37 37.74
CA VAL C 251 -15.45 2.88 37.28
C VAL C 251 -15.20 4.23 36.62
N VAL C 252 -15.43 4.30 35.31
CA VAL C 252 -15.30 5.57 34.60
C VAL C 252 -16.65 6.28 34.64
N LYS C 253 -16.61 7.59 34.42
CA LYS C 253 -17.81 8.42 34.43
C LYS C 253 -17.90 9.13 33.09
N THR C 254 -18.72 8.61 32.20
CA THR C 254 -19.00 9.27 30.94
C THR C 254 -20.36 9.96 31.04
N THR C 255 -20.85 10.46 29.90
CA THR C 255 -22.09 11.24 29.89
C THR C 255 -23.30 10.35 30.18
N SER C 256 -23.30 9.13 29.64
CA SER C 256 -24.48 8.27 29.77
C SER C 256 -24.58 7.66 31.18
N GLY C 257 -23.45 7.40 31.82
CA GLY C 257 -23.50 6.94 33.20
C GLY C 257 -22.16 6.40 33.66
N ASP C 258 -22.18 5.80 34.85
CA ASP C 258 -21.00 5.15 35.40
C ASP C 258 -20.92 3.72 34.88
N TYR C 259 -19.74 3.32 34.42
CA TYR C 259 -19.53 2.01 33.83
C TYR C 259 -18.40 1.28 34.55
N VAL C 260 -18.64 0.03 34.90
CA VAL C 260 -17.61 -0.82 35.51
C VAL C 260 -16.67 -1.26 34.40
N VAL C 261 -15.42 -0.80 34.47
CA VAL C 261 -14.43 -1.01 33.41
C VAL C 261 -13.36 -1.95 33.91
N MET C 262 -13.31 -3.15 33.33
CA MET C 262 -12.18 -4.04 33.54
C MET C 262 -10.99 -3.55 32.72
N SER C 263 -9.79 -3.87 33.19
CA SER C 263 -8.59 -3.46 32.48
C SER C 263 -7.46 -4.43 32.78
N VAL C 264 -6.74 -4.83 31.74
CA VAL C 264 -5.61 -5.75 31.83
C VAL C 264 -4.38 -5.01 31.33
N TYR C 265 -3.32 -5.00 32.14
CA TYR C 265 -2.08 -4.33 31.78
C TYR C 265 -1.02 -5.35 31.45
N PHE C 266 -0.32 -5.14 30.34
CA PHE C 266 0.74 -6.03 29.87
C PHE C 266 2.06 -5.27 29.94
N ASP C 267 2.91 -5.64 30.89
CA ASP C 267 4.20 -4.99 31.05
C ASP C 267 5.16 -5.45 29.97
N LEU C 268 5.77 -4.51 29.26
CA LEU C 268 6.63 -4.82 28.12
C LEU C 268 7.94 -4.05 28.25
N SER C 269 9.04 -4.77 28.40
CA SER C 269 10.36 -4.17 28.39
C SER C 269 10.92 -4.24 26.97
N ARG C 270 12.20 -3.94 26.80
CA ARG C 270 12.83 -3.94 25.49
C ARG C 270 13.95 -4.97 25.43
N ARG C 271 14.06 -5.64 24.29
CA ARG C 271 15.27 -6.34 23.93
C ARG C 271 16.12 -5.37 23.12
N MET C 272 17.44 -5.45 23.31
CA MET C 272 18.32 -4.36 22.92
C MET C 272 19.41 -4.80 21.95
N GLY C 273 19.41 -6.07 21.53
CA GLY C 273 20.44 -6.56 20.62
C GLY C 273 20.41 -5.94 19.23
N TYR C 274 19.27 -5.39 18.82
CA TYR C 274 19.19 -4.72 17.53
C TYR C 274 19.93 -3.38 17.56
N PHE C 275 19.57 -2.53 18.51
CA PHE C 275 20.04 -1.15 18.52
C PHE C 275 21.47 -1.00 18.99
N THR C 276 22.06 -2.04 19.58
CA THR C 276 23.45 -1.96 20.01
C THR C 276 24.40 -2.10 18.83
N ILE C 277 24.24 -3.15 18.03
CA ILE C 277 25.16 -3.43 16.93
C ILE C 277 24.79 -2.70 15.64
N GLN C 278 23.61 -2.11 15.54
CA GLN C 278 23.26 -1.32 14.36
C GLN C 278 23.57 0.15 14.55
N THR C 279 23.37 0.69 15.74
CA THR C 279 23.61 2.11 15.98
C THR C 279 24.70 2.36 17.02
N TYR C 280 24.62 1.74 18.19
CA TYR C 280 25.49 2.10 19.31
C TYR C 280 26.95 1.70 19.05
N ILE C 281 27.19 0.46 18.66
CA ILE C 281 28.54 0.00 18.32
C ILE C 281 29.10 0.67 17.07
N PRO C 282 28.34 0.88 15.96
CA PRO C 282 28.93 1.68 14.86
C PRO C 282 29.20 3.13 15.20
N CYS C 283 28.32 3.81 15.94
CA CYS C 283 28.55 5.23 16.22
C CYS C 283 29.69 5.46 17.20
N THR C 284 29.99 4.49 18.06
CA THR C 284 31.16 4.65 18.93
C THR C 284 32.44 4.46 18.14
N LEU C 285 32.47 3.50 17.21
CA LEU C 285 33.68 3.24 16.44
C LEU C 285 34.01 4.34 15.44
N ILE C 286 33.02 5.16 15.07
CA ILE C 286 33.27 6.25 14.13
C ILE C 286 33.81 7.48 14.86
N VAL C 287 33.37 7.72 16.09
CA VAL C 287 33.96 8.78 16.91
C VAL C 287 35.41 8.43 17.25
N VAL C 288 35.68 7.13 17.50
CA VAL C 288 37.05 6.67 17.64
C VAL C 288 37.80 6.80 16.31
N LEU C 289 37.11 6.58 15.19
CA LEU C 289 37.72 6.73 13.88
C LEU C 289 38.03 8.18 13.55
N SER C 290 37.30 9.13 14.15
CA SER C 290 37.64 10.54 14.00
C SER C 290 38.84 10.94 14.85
N TRP C 291 39.19 10.14 15.85
CA TRP C 291 40.35 10.41 16.69
C TRP C 291 41.64 9.94 16.05
N VAL C 292 41.55 9.18 14.95
CA VAL C 292 42.70 8.67 14.22
C VAL C 292 43.56 9.81 13.69
N SER C 293 42.94 10.94 13.34
CA SER C 293 43.66 12.07 12.78
C SER C 293 44.56 12.76 13.80
N PHE C 294 44.39 12.51 15.09
CA PHE C 294 45.21 13.20 16.08
C PHE C 294 46.62 12.63 16.15
N TRP C 295 46.80 11.35 15.81
CA TRP C 295 48.12 10.74 15.71
C TRP C 295 48.65 10.74 14.29
N ILE C 296 48.08 11.58 13.42
CA ILE C 296 48.57 11.80 12.06
C ILE C 296 49.18 13.19 12.03
N ASN C 297 50.25 13.35 11.23
CA ASN C 297 51.07 14.56 11.18
C ASN C 297 50.24 15.78 10.84
N LYS C 298 50.69 16.92 11.38
CA LYS C 298 49.98 18.18 11.22
C LYS C 298 50.03 18.69 9.78
N ASP C 299 51.16 18.49 9.11
CA ASP C 299 51.38 19.05 7.78
C ASP C 299 50.94 18.12 6.66
N ALA C 300 50.06 17.17 6.95
CA ALA C 300 49.46 16.32 5.92
C ALA C 300 47.98 16.66 5.86
N VAL C 301 47.66 17.72 5.13
CA VAL C 301 46.32 18.30 5.10
C VAL C 301 45.28 17.52 4.29
N PRO C 302 45.57 16.78 3.18
CA PRO C 302 44.46 16.00 2.58
C PRO C 302 44.05 14.78 3.38
N ALA C 303 44.91 14.28 4.27
CA ALA C 303 44.56 13.10 5.06
C ALA C 303 43.76 13.48 6.31
N ARG C 304 44.10 14.60 6.93
CA ARG C 304 43.35 15.07 8.09
C ARG C 304 41.95 15.51 7.71
N THR C 305 41.82 16.14 6.53
CA THR C 305 40.51 16.58 6.06
C THR C 305 39.65 15.40 5.64
N SER C 306 40.26 14.34 5.10
CA SER C 306 39.50 13.15 4.71
C SER C 306 38.98 12.40 5.93
N LEU C 307 39.75 12.37 7.02
CA LEU C 307 39.21 11.89 8.29
C LEU C 307 38.27 12.90 8.93
N GLY C 308 38.26 14.13 8.47
CA GLY C 308 37.27 15.08 8.95
C GLY C 308 35.91 14.85 8.34
N ILE C 309 35.81 15.05 7.02
CA ILE C 309 34.51 15.21 6.39
C ILE C 309 33.86 13.88 5.98
N THR C 310 34.65 12.82 5.76
CA THR C 310 34.03 11.54 5.46
C THR C 310 33.50 10.88 6.73
N THR C 311 34.13 11.18 7.87
CA THR C 311 33.62 10.74 9.15
C THR C 311 32.31 11.44 9.51
N VAL C 312 32.13 12.67 9.03
CA VAL C 312 30.87 13.37 9.19
C VAL C 312 29.79 12.74 8.32
N LEU C 313 30.15 12.37 7.08
CA LEU C 313 29.21 11.78 6.14
C LEU C 313 28.69 10.43 6.61
N THR C 314 29.49 9.70 7.38
CA THR C 314 29.03 8.42 7.91
C THR C 314 28.12 8.62 9.12
N MET C 315 28.34 9.70 9.89
CA MET C 315 27.41 10.06 10.96
C MET C 315 26.06 10.50 10.42
N THR C 316 26.08 11.20 9.29
CA THR C 316 24.83 11.59 8.64
C THR C 316 24.10 10.38 8.07
N THR C 317 24.86 9.37 7.64
CA THR C 317 24.26 8.14 7.13
C THR C 317 23.63 7.32 8.25
N LEU C 318 24.25 7.30 9.42
CA LEU C 318 23.73 6.54 10.55
C LEU C 318 22.72 7.31 11.41
N SER C 319 22.33 8.50 10.98
CA SER C 319 21.18 9.16 11.56
C SER C 319 19.87 8.68 10.93
N THR C 320 19.95 7.78 9.96
CA THR C 320 18.77 7.16 9.37
C THR C 320 18.14 6.15 10.33
N ILE C 321 18.97 5.32 10.96
CA ILE C 321 18.49 4.23 11.79
C ILE C 321 17.91 4.72 13.12
N ALA C 322 18.32 5.93 13.56
CA ALA C 322 17.95 6.41 14.88
C ALA C 322 16.46 6.72 15.00
N ARG C 323 15.80 7.03 13.89
CA ARG C 323 14.36 7.29 13.88
C ARG C 323 13.66 6.36 12.91
N LYS C 324 14.07 5.09 12.90
CA LYS C 324 13.53 4.14 11.93
C LYS C 324 12.18 3.60 12.37
N SER C 325 12.15 2.86 13.47
CA SER C 325 10.91 2.29 14.00
C SER C 325 10.34 3.19 15.10
N LEU C 326 10.09 4.45 14.75
CA LEU C 326 9.56 5.44 15.66
C LEU C 326 8.60 6.37 14.94
N PRO C 327 7.61 6.91 15.63
CA PRO C 327 6.82 8.00 15.08
C PRO C 327 7.60 9.30 15.13
N LYS C 328 6.95 10.38 14.71
CA LYS C 328 7.60 11.69 14.67
C LYS C 328 7.36 12.44 15.99
N VAL C 329 7.85 11.85 17.07
CA VAL C 329 7.80 12.51 18.36
C VAL C 329 8.78 13.68 18.37
N SER C 330 8.42 14.74 19.10
CA SER C 330 9.16 16.00 19.05
C SER C 330 9.99 16.23 20.31
N TYR C 331 10.33 15.17 21.02
CA TYR C 331 11.30 15.22 22.10
C TYR C 331 12.53 14.39 21.72
N VAL C 332 13.61 14.63 22.45
CA VAL C 332 14.87 13.94 22.21
C VAL C 332 14.84 12.63 22.98
N THR C 333 14.84 11.51 22.26
CA THR C 333 14.88 10.20 22.89
C THR C 333 16.30 9.89 23.34
N ALA C 334 16.46 8.75 24.02
CA ALA C 334 17.80 8.32 24.42
C ALA C 334 18.62 7.89 23.22
N MET C 335 17.96 7.40 22.17
CA MET C 335 18.67 7.11 20.92
C MET C 335 19.11 8.39 20.23
N ASP C 336 18.24 9.40 20.22
CA ASP C 336 18.57 10.66 19.55
C ASP C 336 19.63 11.45 20.29
N LEU C 337 19.69 11.32 21.61
CA LEU C 337 20.73 12.00 22.37
C LEU C 337 22.10 11.39 22.10
N PHE C 338 22.16 10.09 21.86
CA PHE C 338 23.45 9.45 21.62
C PHE C 338 23.97 9.77 20.23
N VAL C 339 23.10 9.77 19.22
CA VAL C 339 23.52 10.04 17.85
C VAL C 339 23.90 11.51 17.70
N SER C 340 23.24 12.41 18.44
CA SER C 340 23.56 13.83 18.35
C SER C 340 24.92 14.13 18.97
N VAL C 341 25.22 13.54 20.14
CA VAL C 341 26.50 13.80 20.79
C VAL C 341 27.64 13.12 20.03
N CYS C 342 27.38 11.95 19.45
CA CYS C 342 28.38 11.33 18.57
C CYS C 342 28.57 12.12 17.28
N PHE C 343 27.55 12.87 16.86
CA PHE C 343 27.74 13.76 15.72
C PHE C 343 28.56 14.98 16.10
N ILE C 344 28.41 15.48 17.33
CA ILE C 344 29.12 16.68 17.77
C ILE C 344 30.61 16.38 17.95
N PHE C 345 30.96 15.20 18.48
CA PHE C 345 32.36 14.85 18.64
C PHE C 345 33.03 14.57 17.30
N VAL C 346 32.26 14.13 16.31
CA VAL C 346 32.77 14.03 14.94
C VAL C 346 32.84 15.41 14.30
N PHE C 347 31.86 16.28 14.60
CA PHE C 347 31.89 17.66 14.12
C PHE C 347 33.09 18.41 14.69
N SER C 348 33.37 18.24 15.98
CA SER C 348 34.42 19.00 16.63
C SER C 348 35.82 18.52 16.25
N ALA C 349 35.96 17.33 15.69
CA ALA C 349 37.28 16.85 15.29
C ALA C 349 37.78 17.55 14.04
N LEU C 350 36.88 17.88 13.11
CA LEU C 350 37.27 18.63 11.93
C LEU C 350 37.42 20.11 12.21
N VAL C 351 36.63 20.65 13.14
CA VAL C 351 36.79 22.04 13.57
C VAL C 351 38.08 22.18 14.38
N GLU C 352 38.53 21.11 15.03
CA GLU C 352 39.81 21.13 15.73
C GLU C 352 40.97 21.31 14.76
N TYR C 353 40.98 20.55 13.67
CA TYR C 353 42.07 20.69 12.71
C TYR C 353 41.94 21.96 11.88
N GLY C 354 40.71 22.42 11.64
CA GLY C 354 40.52 23.63 10.86
C GLY C 354 41.02 24.87 11.57
N THR C 355 40.92 24.90 12.90
CA THR C 355 41.49 26.00 13.66
C THR C 355 42.97 25.80 13.95
N LEU C 356 43.42 24.54 13.98
CA LEU C 356 44.84 24.28 14.18
C LEU C 356 45.64 24.55 12.91
N HIS C 357 45.04 24.38 11.74
CA HIS C 357 45.73 24.67 10.50
C HIS C 357 45.86 26.17 10.26
N TYR C 358 44.87 26.95 10.68
CA TYR C 358 44.94 28.40 10.51
C TYR C 358 45.86 29.05 11.52
N PHE C 359 45.78 28.64 12.79
CA PHE C 359 46.54 29.29 13.85
C PHE C 359 48.01 28.93 13.86
N VAL C 360 48.45 28.00 13.00
CA VAL C 360 49.86 27.64 12.88
C VAL C 360 50.40 28.03 11.50
N SER C 361 49.83 27.47 10.43
CA SER C 361 50.39 27.66 9.10
C SER C 361 49.93 28.97 8.48
N ASN C 362 48.61 29.16 8.39
CA ASN C 362 48.03 30.30 7.70
C ASN C 362 48.02 31.57 8.55
N ARG C 363 48.47 31.48 9.81
CA ARG C 363 48.59 32.59 10.77
C ARG C 363 47.29 33.37 10.97
N ARG C 445 48.76 26.71 25.22
CA ARG C 445 49.06 27.22 23.88
C ARG C 445 48.05 26.75 22.86
N ILE C 446 48.27 27.14 21.60
CA ILE C 446 47.44 26.71 20.50
C ILE C 446 48.17 25.74 19.57
N ALA C 447 49.51 25.85 19.47
CA ALA C 447 50.27 24.97 18.59
C ALA C 447 50.35 23.54 19.10
N LYS C 448 50.10 23.32 20.40
CA LYS C 448 50.09 21.98 20.97
C LYS C 448 48.66 21.44 21.16
N MET C 449 47.73 21.88 20.32
CA MET C 449 46.33 21.49 20.49
C MET C 449 46.08 20.07 19.98
N ASP C 450 46.97 19.53 19.15
CA ASP C 450 46.93 18.10 18.86
C ASP C 450 47.25 17.28 20.11
N SER C 451 48.17 17.77 20.96
CA SER C 451 48.52 17.05 22.17
C SER C 451 47.40 17.09 23.19
N TYR C 452 46.61 18.17 23.20
CA TYR C 452 45.50 18.27 24.14
C TYR C 452 44.28 17.49 23.65
N ALA C 453 44.07 17.43 22.34
CA ALA C 453 42.91 16.72 21.79
C ALA C 453 43.06 15.21 21.85
N ARG C 454 44.29 14.69 21.98
CA ARG C 454 44.47 13.26 22.22
C ARG C 454 44.00 12.84 23.60
N ILE C 455 43.99 13.77 24.55
CA ILE C 455 43.52 13.50 25.90
C ILE C 455 42.06 13.91 26.08
N PHE C 456 41.70 15.10 25.60
CA PHE C 456 40.41 15.70 25.94
C PHE C 456 39.24 15.01 25.24
N PHE C 457 39.39 14.64 23.98
CA PHE C 457 38.26 14.01 23.29
C PHE C 457 38.02 12.55 23.67
N PRO C 458 39.02 11.69 23.93
CA PRO C 458 38.68 10.40 24.55
C PRO C 458 38.19 10.50 25.98
N THR C 459 38.58 11.54 26.72
CA THR C 459 38.06 11.71 28.08
C THR C 459 36.61 12.14 28.06
N ALA C 460 36.28 13.13 27.24
CA ALA C 460 34.93 13.68 27.22
C ALA C 460 33.92 12.70 26.63
N PHE C 461 34.38 11.77 25.79
CA PHE C 461 33.48 10.75 25.25
C PHE C 461 33.30 9.60 26.24
N CYS C 462 34.33 9.26 27.01
CA CYS C 462 34.17 8.26 28.05
C CYS C 462 33.44 8.81 29.26
N LEU C 463 33.55 10.12 29.53
CA LEU C 463 32.73 10.71 30.58
C LEU C 463 31.29 10.88 30.11
N PHE C 464 31.06 10.98 28.81
CA PHE C 464 29.69 10.98 28.30
C PHE C 464 29.04 9.62 28.48
N ASN C 465 29.75 8.55 28.12
CA ASN C 465 29.22 7.19 28.30
C ASN C 465 29.12 6.80 29.77
N LEU C 466 29.86 7.46 30.66
CA LEU C 466 29.64 7.25 32.08
C LEU C 466 28.31 7.85 32.51
N VAL C 467 27.97 9.05 32.03
CA VAL C 467 26.73 9.69 32.39
C VAL C 467 25.56 9.07 31.64
N TYR C 468 25.78 8.67 30.39
CA TYR C 468 24.70 8.15 29.53
C TYR C 468 24.18 6.81 30.03
N TRP C 469 25.08 5.83 30.14
CA TRP C 469 24.65 4.46 30.43
C TRP C 469 24.25 4.25 31.88
N VAL C 470 24.57 5.17 32.78
CA VAL C 470 24.09 5.09 34.15
C VAL C 470 22.70 5.70 34.26
N SER C 471 22.47 6.85 33.61
CA SER C 471 21.19 7.55 33.73
C SER C 471 20.06 6.84 33.00
N TYR C 472 20.38 6.00 32.00
CA TYR C 472 19.35 5.36 31.20
C TYR C 472 19.23 3.87 31.46
N LEU C 473 20.03 3.31 32.37
CA LEU C 473 19.84 1.96 32.85
C LEU C 473 19.59 1.87 34.34
N TYR C 474 20.31 2.66 35.14
CA TYR C 474 20.31 2.52 36.59
C TYR C 474 19.73 3.75 37.28
N LEU C 475 19.03 4.61 36.55
CA LEU C 475 18.34 5.75 37.15
C LEU C 475 16.96 5.92 36.51
N THR D 47 -38.59 -32.03 -11.96
CA THR D 47 -38.27 -32.99 -10.91
C THR D 47 -38.92 -32.62 -9.59
N THR D 48 -39.81 -33.50 -9.13
CA THR D 48 -40.50 -33.33 -7.86
C THR D 48 -40.09 -34.36 -6.82
N VAL D 49 -39.72 -35.56 -7.25
CA VAL D 49 -39.27 -36.62 -6.34
C VAL D 49 -37.96 -36.21 -5.67
N PHE D 50 -37.09 -35.54 -6.41
CA PHE D 50 -35.84 -35.04 -5.83
C PHE D 50 -36.11 -33.90 -4.86
N THR D 51 -37.13 -33.08 -5.15
CA THR D 51 -37.50 -32.01 -4.24
C THR D 51 -38.16 -32.56 -2.98
N ARG D 52 -38.94 -33.63 -3.13
CA ARG D 52 -39.66 -34.20 -1.99
C ARG D 52 -38.72 -34.91 -1.03
N ILE D 53 -37.63 -35.49 -1.53
CA ILE D 53 -36.61 -36.08 -0.66
C ILE D 53 -35.90 -35.00 0.13
N LEU D 54 -35.59 -33.88 -0.51
CA LEU D 54 -34.90 -32.78 0.17
C LEU D 54 -35.80 -32.07 1.18
N ASP D 55 -37.09 -31.94 0.86
CA ASP D 55 -37.99 -31.24 1.78
C ASP D 55 -38.37 -32.10 2.97
N ARG D 56 -38.53 -33.41 2.77
CA ARG D 56 -38.87 -34.31 3.87
C ARG D 56 -37.65 -34.82 4.61
N LEU D 57 -36.46 -34.31 4.30
CA LEU D 57 -35.27 -34.67 5.05
C LEU D 57 -35.01 -33.72 6.20
N LEU D 58 -35.34 -32.44 6.02
CA LEU D 58 -35.27 -31.45 7.09
C LEU D 58 -36.61 -31.30 7.82
N ASP D 59 -37.18 -32.42 8.26
CA ASP D 59 -38.39 -32.42 9.08
C ASP D 59 -38.05 -33.08 10.41
N GLY D 60 -38.15 -32.30 11.49
CA GLY D 60 -37.69 -32.74 12.78
C GLY D 60 -36.20 -32.65 12.99
N TYR D 61 -35.46 -32.19 11.99
CA TYR D 61 -34.02 -32.03 12.11
C TYR D 61 -33.71 -30.75 12.87
N ASP D 62 -32.68 -30.80 13.70
CA ASP D 62 -32.27 -29.65 14.50
C ASP D 62 -30.76 -29.48 14.31
N ASN D 63 -30.36 -28.38 13.67
CA ASN D 63 -28.95 -28.13 13.41
C ASN D 63 -28.19 -27.60 14.64
N ARG D 64 -28.87 -27.46 15.77
CA ARG D 64 -28.24 -27.06 17.02
C ARG D 64 -27.73 -28.25 17.80
N LEU D 65 -28.01 -29.47 17.34
CA LEU D 65 -27.69 -30.68 18.08
C LEU D 65 -26.72 -31.54 17.29
N ARG D 66 -25.77 -32.12 18.02
CA ARG D 66 -24.77 -32.98 17.41
C ARG D 66 -25.39 -34.34 17.10
N PRO D 67 -24.97 -34.99 16.01
CA PRO D 67 -25.46 -36.35 15.73
C PRO D 67 -24.97 -37.35 16.77
N GLY D 68 -25.92 -38.07 17.37
CA GLY D 68 -25.60 -38.96 18.47
C GLY D 68 -25.26 -38.15 19.71
N LEU D 69 -26.20 -37.30 20.13
CA LEU D 69 -25.93 -36.43 21.27
C LEU D 69 -25.93 -37.20 22.58
N GLY D 70 -26.98 -37.98 22.83
CA GLY D 70 -27.01 -38.81 24.01
C GLY D 70 -26.70 -40.26 23.69
N GLU D 71 -26.03 -40.49 22.56
CA GLU D 71 -25.78 -41.84 22.08
C GLU D 71 -24.30 -42.19 22.01
N ARG D 72 -23.49 -41.36 21.37
CA ARG D 72 -22.12 -41.75 21.03
C ARG D 72 -21.27 -40.50 20.89
N VAL D 73 -20.05 -40.68 20.39
CA VAL D 73 -19.12 -39.59 20.11
C VAL D 73 -19.04 -39.42 18.60
N THR D 74 -19.25 -38.20 18.13
CA THR D 74 -19.24 -37.93 16.70
C THR D 74 -17.81 -37.96 16.16
N GLU D 75 -17.59 -38.80 15.15
CA GLU D 75 -16.27 -38.97 14.54
C GLU D 75 -16.23 -38.21 13.23
N VAL D 76 -15.31 -37.24 13.15
CA VAL D 76 -15.16 -36.40 11.96
C VAL D 76 -13.81 -36.72 11.34
N LYS D 77 -13.82 -37.20 10.10
CA LYS D 77 -12.60 -37.56 9.39
C LYS D 77 -12.19 -36.41 8.48
N THR D 78 -11.10 -35.74 8.81
CA THR D 78 -10.65 -34.57 8.08
C THR D 78 -9.56 -34.92 7.07
N ASP D 79 -9.53 -34.14 5.99
CA ASP D 79 -8.62 -34.35 4.88
C ASP D 79 -8.26 -32.98 4.32
N ILE D 80 -6.99 -32.79 3.97
CA ILE D 80 -6.51 -31.51 3.46
C ILE D 80 -5.78 -31.76 2.16
N PHE D 81 -6.21 -31.08 1.09
CA PHE D 81 -5.49 -31.03 -0.16
C PHE D 81 -4.96 -29.62 -0.34
N VAL D 82 -3.65 -29.45 -0.15
CA VAL D 82 -3.02 -28.14 -0.28
C VAL D 82 -2.82 -27.86 -1.76
N THR D 83 -3.59 -26.92 -2.30
CA THR D 83 -3.40 -26.54 -3.70
C THR D 83 -2.15 -25.71 -3.88
N SER D 84 -1.84 -24.87 -2.90
CA SER D 84 -0.69 -23.99 -3.00
C SER D 84 -0.29 -23.55 -1.61
N PHE D 85 1.00 -23.67 -1.30
CA PHE D 85 1.55 -23.29 -0.01
C PHE D 85 2.15 -21.90 -0.20
N GLY D 86 1.36 -20.87 0.08
CA GLY D 86 1.68 -19.51 -0.32
C GLY D 86 2.83 -18.87 0.43
N PRO D 87 2.96 -17.55 0.31
CA PRO D 87 4.18 -16.88 0.75
C PRO D 87 4.30 -16.82 2.27
N VAL D 88 5.52 -17.04 2.76
CA VAL D 88 5.82 -16.99 4.18
C VAL D 88 6.32 -15.59 4.50
N SER D 89 5.64 -14.91 5.42
CA SER D 89 5.99 -13.55 5.79
C SER D 89 6.89 -13.58 7.02
N ASP D 90 8.15 -13.18 6.86
CA ASP D 90 9.03 -13.04 8.01
C ASP D 90 8.64 -11.82 8.85
N HIS D 91 8.11 -10.78 8.21
CA HIS D 91 7.73 -9.55 8.90
C HIS D 91 6.44 -9.70 9.69
N ASP D 92 5.69 -10.78 9.51
CA ASP D 92 4.47 -11.01 10.26
C ASP D 92 4.46 -12.33 11.01
N MET D 93 5.53 -13.15 10.89
CA MET D 93 5.65 -14.49 11.48
C MET D 93 4.48 -15.38 11.09
N GLU D 94 4.11 -15.34 9.81
CA GLU D 94 2.95 -16.07 9.31
C GLU D 94 3.28 -16.70 7.97
N TYR D 95 2.38 -17.58 7.53
CA TYR D 95 2.45 -18.17 6.21
C TYR D 95 1.02 -18.29 5.69
N THR D 96 0.89 -18.25 4.37
CA THR D 96 -0.39 -18.38 3.71
C THR D 96 -0.48 -19.77 3.10
N ILE D 97 -1.66 -20.39 3.18
CA ILE D 97 -1.85 -21.71 2.58
C ILE D 97 -3.28 -21.78 2.06
N ASP D 98 -3.42 -22.32 0.85
CA ASP D 98 -4.69 -22.40 0.13
C ASP D 98 -5.04 -23.88 0.01
N VAL D 99 -6.13 -24.30 0.66
CA VAL D 99 -6.45 -25.71 0.80
C VAL D 99 -7.87 -25.97 0.28
N PHE D 100 -8.13 -27.24 -0.03
CA PHE D 100 -9.50 -27.77 -0.07
C PHE D 100 -9.66 -28.56 1.23
N PHE D 101 -10.23 -27.90 2.23
CA PHE D 101 -10.38 -28.50 3.55
C PHE D 101 -11.57 -29.44 3.55
N ARG D 102 -11.30 -30.75 3.51
CA ARG D 102 -12.35 -31.76 3.50
C ARG D 102 -12.58 -32.30 4.90
N GLN D 103 -13.82 -32.62 5.21
CA GLN D 103 -14.16 -33.26 6.48
C GLN D 103 -15.46 -34.04 6.31
N SER D 104 -15.47 -35.25 6.83
CA SER D 104 -16.55 -36.20 6.62
C SER D 104 -16.97 -36.83 7.94
N TRP D 105 -18.28 -36.95 8.13
CA TRP D 105 -18.84 -37.53 9.34
C TRP D 105 -20.17 -38.17 9.00
N LYS D 106 -20.72 -38.90 9.97
CA LYS D 106 -21.97 -39.63 9.78
C LYS D 106 -23.08 -38.95 10.56
N ASP D 107 -24.23 -38.77 9.89
CA ASP D 107 -25.41 -38.16 10.50
C ASP D 107 -26.58 -39.07 10.18
N GLU D 108 -27.04 -39.84 11.17
CA GLU D 108 -28.11 -40.79 10.96
C GLU D 108 -29.46 -40.12 10.74
N ARG D 109 -29.59 -38.85 11.15
CA ARG D 109 -30.81 -38.10 10.91
C ARG D 109 -31.02 -37.75 9.44
N LEU D 110 -29.98 -37.86 8.61
CA LEU D 110 -30.07 -37.49 7.21
C LEU D 110 -30.04 -38.70 6.28
N LYS D 111 -30.56 -39.84 6.74
CA LYS D 111 -30.72 -40.98 5.85
C LYS D 111 -31.89 -40.75 4.90
N PHE D 112 -31.80 -41.33 3.71
CA PHE D 112 -32.88 -41.26 2.74
C PHE D 112 -32.86 -42.53 1.91
N LYS D 113 -33.96 -42.73 1.18
CA LYS D 113 -34.08 -43.82 0.22
C LYS D 113 -34.65 -43.27 -1.07
N GLY D 114 -34.01 -43.60 -2.18
CA GLY D 114 -34.42 -43.13 -3.48
C GLY D 114 -33.67 -43.81 -4.59
N PRO D 115 -33.87 -43.33 -5.83
CA PRO D 115 -33.13 -43.91 -6.96
C PRO D 115 -31.65 -43.58 -6.95
N MET D 116 -31.25 -42.49 -6.30
CA MET D 116 -29.86 -42.09 -6.24
C MET D 116 -29.16 -42.70 -5.04
N THR D 117 -27.85 -42.55 -4.99
CA THR D 117 -27.07 -42.87 -3.80
C THR D 117 -26.45 -41.64 -3.16
N VAL D 118 -25.92 -40.73 -3.96
CA VAL D 118 -25.33 -39.48 -3.48
C VAL D 118 -26.05 -38.32 -4.13
N LEU D 119 -26.54 -37.40 -3.30
CA LEU D 119 -27.13 -36.16 -3.77
C LEU D 119 -26.23 -34.99 -3.41
N ARG D 120 -26.09 -34.04 -4.32
CA ARG D 120 -25.14 -32.95 -4.21
C ARG D 120 -25.87 -31.64 -3.94
N LEU D 121 -25.41 -30.89 -2.94
CA LEU D 121 -26.07 -29.69 -2.46
C LEU D 121 -25.09 -28.54 -2.46
N ASN D 122 -25.50 -27.40 -3.02
CA ASN D 122 -24.55 -26.29 -3.19
C ASN D 122 -24.44 -25.43 -1.93
N ASN D 123 -25.49 -24.67 -1.62
CA ASN D 123 -25.35 -23.66 -0.57
C ASN D 123 -26.38 -23.75 0.55
N LEU D 124 -27.66 -23.80 0.18
CA LEU D 124 -28.73 -23.46 1.13
C LEU D 124 -28.94 -24.54 2.17
N MET D 125 -28.95 -25.80 1.76
CA MET D 125 -29.20 -26.87 2.71
C MET D 125 -27.96 -27.18 3.54
N ALA D 126 -26.78 -26.80 3.07
CA ALA D 126 -25.56 -26.98 3.85
C ALA D 126 -25.45 -26.00 5.02
N SER D 127 -26.28 -24.96 5.07
CA SER D 127 -26.32 -24.02 6.19
C SER D 127 -27.52 -24.26 7.08
N LYS D 128 -28.20 -25.39 6.92
CA LYS D 128 -29.29 -25.79 7.81
C LYS D 128 -29.03 -27.17 8.39
N ILE D 129 -27.79 -27.63 8.30
CA ILE D 129 -27.36 -28.95 8.74
C ILE D 129 -26.16 -28.76 9.66
N TRP D 130 -26.09 -29.56 10.73
CA TRP D 130 -24.96 -29.53 11.65
C TRP D 130 -23.66 -29.82 10.92
N THR D 131 -22.78 -28.85 10.91
CA THR D 131 -21.40 -28.98 10.48
C THR D 131 -20.49 -28.80 11.69
N PRO D 132 -19.35 -29.49 11.74
CA PRO D 132 -18.47 -29.34 12.91
C PRO D 132 -17.81 -27.96 12.92
N ASP D 133 -17.66 -27.42 14.12
CA ASP D 133 -17.11 -26.08 14.28
C ASP D 133 -15.59 -26.13 14.36
N THR D 134 -15.00 -26.52 13.23
CA THR D 134 -13.57 -26.64 13.12
C THR D 134 -12.96 -25.26 12.92
N PHE D 135 -12.03 -24.89 13.80
CA PHE D 135 -11.30 -23.64 13.65
C PHE D 135 -9.81 -23.96 13.72
N PHE D 136 -9.01 -23.02 13.22
CA PHE D 136 -7.56 -23.16 13.21
C PHE D 136 -6.99 -22.46 14.45
N HIS D 137 -6.22 -23.21 15.24
CA HIS D 137 -5.73 -22.70 16.52
C HIS D 137 -4.74 -21.57 16.34
N ASN D 138 -3.91 -21.63 15.31
CA ASN D 138 -2.94 -20.57 15.05
C ASN D 138 -3.29 -19.73 13.83
N GLY D 139 -4.54 -19.80 13.37
CA GLY D 139 -4.95 -18.96 12.27
C GLY D 139 -5.14 -17.52 12.72
N LYS D 140 -4.73 -16.59 11.85
CA LYS D 140 -4.84 -15.17 12.17
C LYS D 140 -6.07 -14.53 11.51
N LYS D 141 -6.14 -14.57 10.19
CA LYS D 141 -7.28 -14.00 9.46
C LYS D 141 -7.37 -14.78 8.16
N SER D 142 -8.22 -15.79 8.13
CA SER D 142 -8.37 -16.66 6.98
C SER D 142 -9.70 -16.38 6.28
N VAL D 143 -9.74 -16.72 5.00
CA VAL D 143 -10.83 -16.31 4.11
C VAL D 143 -11.43 -17.56 3.47
N ALA D 144 -12.75 -17.73 3.63
CA ALA D 144 -13.50 -18.64 2.79
C ALA D 144 -13.90 -17.88 1.53
N HIS D 145 -13.60 -18.47 0.38
CA HIS D 145 -13.80 -17.75 -0.88
C HIS D 145 -15.25 -17.79 -1.32
N ASN D 146 -15.73 -16.66 -1.84
CA ASN D 146 -17.13 -16.48 -2.20
C ASN D 146 -17.25 -15.99 -3.63
N MET D 147 -16.55 -16.65 -4.54
CA MET D 147 -16.62 -16.32 -5.97
C MET D 147 -16.75 -17.62 -6.75
N THR D 148 -17.83 -17.77 -7.53
CA THR D 148 -18.89 -16.77 -7.70
C THR D 148 -20.00 -17.00 -6.68
N MET D 149 -20.09 -18.24 -6.23
CA MET D 149 -20.94 -18.70 -5.14
C MET D 149 -20.04 -19.07 -3.96
N PRO D 150 -20.60 -19.37 -2.79
CA PRO D 150 -19.76 -19.92 -1.72
C PRO D 150 -19.19 -21.28 -2.10
N ASN D 151 -17.86 -21.40 -2.03
CA ASN D 151 -17.16 -22.57 -2.54
C ASN D 151 -17.21 -23.69 -1.50
N LYS D 152 -18.38 -24.30 -1.41
CA LYS D 152 -18.65 -25.39 -0.50
C LYS D 152 -19.46 -26.45 -1.25
N LEU D 153 -19.35 -27.69 -0.80
CA LEU D 153 -20.20 -28.75 -1.31
C LEU D 153 -20.57 -29.65 -0.15
N LEU D 154 -21.84 -30.01 -0.07
CA LEU D 154 -22.31 -30.97 0.92
C LEU D 154 -22.96 -32.12 0.16
N ARG D 155 -22.35 -33.29 0.20
CA ARG D 155 -22.84 -34.47 -0.48
C ARG D 155 -23.33 -35.46 0.56
N ILE D 156 -24.61 -35.81 0.48
CA ILE D 156 -25.23 -36.73 1.43
C ILE D 156 -25.34 -38.08 0.75
N THR D 157 -24.75 -39.10 1.36
CA THR D 157 -24.96 -40.46 0.89
C THR D 157 -26.22 -41.03 1.52
N GLU D 158 -26.67 -42.17 0.98
CA GLU D 158 -27.96 -42.74 1.38
C GLU D 158 -27.92 -43.44 2.74
N ASP D 159 -26.77 -43.51 3.40
CA ASP D 159 -26.68 -44.06 4.73
C ASP D 159 -26.44 -43.01 5.81
N GLY D 160 -26.19 -41.76 5.44
CA GLY D 160 -25.98 -40.68 6.39
C GLY D 160 -24.59 -40.10 6.41
N THR D 161 -23.65 -40.67 5.65
CA THR D 161 -22.27 -40.18 5.65
C THR D 161 -22.19 -38.91 4.83
N LEU D 162 -21.80 -37.81 5.48
CA LEU D 162 -21.73 -36.52 4.82
C LEU D 162 -20.31 -36.24 4.36
N LEU D 163 -20.19 -35.43 3.31
CA LEU D 163 -18.90 -34.98 2.80
C LEU D 163 -18.98 -33.49 2.56
N TYR D 164 -18.21 -32.72 3.32
CA TYR D 164 -18.35 -31.27 3.37
C TYR D 164 -16.98 -30.64 3.19
N THR D 165 -16.74 -30.07 2.02
CA THR D 165 -15.45 -29.49 1.68
C THR D 165 -15.61 -27.99 1.50
N MET D 166 -14.50 -27.27 1.64
CA MET D 166 -14.49 -25.83 1.40
C MET D 166 -13.09 -25.42 0.96
N ARG D 167 -13.02 -24.31 0.23
CA ARG D 167 -11.76 -23.77 -0.25
C ARG D 167 -11.39 -22.58 0.61
N LEU D 168 -10.42 -22.77 1.50
CA LEU D 168 -9.98 -21.74 2.44
C LEU D 168 -8.61 -21.22 2.06
N THR D 169 -8.29 -20.03 2.56
CA THR D 169 -6.96 -19.44 2.43
C THR D 169 -6.52 -19.12 3.85
N VAL D 170 -5.81 -20.06 4.47
CA VAL D 170 -5.48 -20.00 5.88
C VAL D 170 -4.19 -19.20 6.06
N ARG D 171 -4.27 -18.09 6.79
CA ARG D 171 -3.09 -17.31 7.15
C ARG D 171 -2.71 -17.67 8.59
N ALA D 172 -2.11 -18.85 8.73
CA ALA D 172 -1.75 -19.34 10.05
C ALA D 172 -0.48 -18.66 10.55
N GLU D 173 -0.26 -18.78 11.85
CA GLU D 173 0.90 -18.18 12.51
C GLU D 173 2.01 -19.19 12.64
N CYS D 174 3.19 -18.85 12.14
CA CYS D 174 4.38 -19.69 12.26
C CYS D 174 5.34 -19.03 13.24
N PRO D 175 5.55 -19.59 14.43
CA PRO D 175 6.54 -19.00 15.34
C PRO D 175 7.96 -19.24 14.89
N MET D 176 8.60 -18.20 14.37
CA MET D 176 9.95 -18.31 13.81
C MET D 176 10.96 -17.63 14.73
N HIS D 177 12.02 -18.35 15.04
CA HIS D 177 13.15 -17.81 15.80
C HIS D 177 14.31 -17.63 14.83
N LEU D 178 14.64 -16.37 14.55
CA LEU D 178 15.55 -16.00 13.47
C LEU D 178 16.97 -15.76 13.97
N GLU D 179 17.43 -16.56 14.93
CA GLU D 179 18.78 -16.40 15.44
C GLU D 179 19.84 -16.86 14.44
N ASP D 180 19.47 -17.73 13.50
CA ASP D 180 20.40 -18.26 12.51
C ASP D 180 20.13 -17.70 11.12
N PHE D 181 19.74 -16.43 11.04
CA PHE D 181 19.37 -15.85 9.75
C PHE D 181 20.60 -15.63 8.88
N PRO D 182 20.62 -16.11 7.64
CA PRO D 182 19.55 -16.84 6.95
C PRO D 182 19.74 -18.35 6.86
N MET D 183 20.65 -18.92 7.64
CA MET D 183 20.92 -20.37 7.58
C MET D 183 20.05 -21.14 8.56
N ASP D 184 18.74 -20.93 8.53
CA ASP D 184 17.85 -21.50 9.53
C ASP D 184 16.70 -22.27 8.89
N ALA D 185 16.13 -23.17 9.68
CA ALA D 185 14.97 -23.94 9.28
C ALA D 185 13.81 -23.66 10.23
N HIS D 186 12.59 -23.84 9.74
CA HIS D 186 11.39 -23.55 10.51
C HIS D 186 10.37 -24.65 10.31
N ALA D 187 9.62 -24.95 11.36
CA ALA D 187 8.53 -25.91 11.32
C ALA D 187 7.23 -25.14 11.56
N CYS D 188 6.51 -24.84 10.48
CA CYS D 188 5.32 -24.01 10.55
C CYS D 188 4.08 -24.89 10.71
N PRO D 189 3.35 -24.79 11.82
CA PRO D 189 2.24 -25.72 12.08
C PRO D 189 0.88 -25.22 11.63
N LEU D 190 0.08 -26.15 11.11
CA LEU D 190 -1.37 -26.03 11.10
C LEU D 190 -1.93 -26.81 12.27
N LYS D 191 -2.71 -26.15 13.12
CA LYS D 191 -3.36 -26.80 14.25
C LYS D 191 -4.84 -26.47 14.17
N PHE D 192 -5.67 -27.49 13.95
CA PHE D 192 -7.10 -27.27 13.88
C PHE D 192 -7.86 -28.30 14.69
N GLY D 193 -8.97 -27.84 15.25
CA GLY D 193 -9.84 -28.71 16.01
C GLY D 193 -11.17 -28.03 16.23
N SER D 194 -12.00 -28.65 17.06
CA SER D 194 -13.30 -28.08 17.33
C SER D 194 -13.20 -26.96 18.36
N TYR D 195 -14.23 -26.13 18.43
CA TYR D 195 -14.23 -25.01 19.35
C TYR D 195 -15.11 -25.26 20.57
N ALA D 196 -16.36 -25.68 20.36
CA ALA D 196 -17.30 -25.87 21.47
C ALA D 196 -17.26 -27.27 22.04
N TYR D 197 -16.99 -28.28 21.23
CA TYR D 197 -17.15 -29.67 21.62
C TYR D 197 -15.81 -30.23 22.06
N THR D 198 -15.79 -30.84 23.25
CA THR D 198 -14.56 -31.38 23.81
C THR D 198 -14.30 -32.78 23.25
N ARG D 199 -13.38 -33.51 23.88
CA ARG D 199 -13.02 -34.85 23.41
C ARG D 199 -14.17 -35.84 23.61
N ALA D 200 -14.99 -35.63 24.63
CA ALA D 200 -16.12 -36.51 24.90
C ALA D 200 -17.27 -36.32 23.92
N GLU D 201 -17.31 -35.21 23.17
CA GLU D 201 -18.37 -34.94 22.22
C GLU D 201 -17.97 -35.24 20.78
N VAL D 202 -16.91 -34.61 20.29
CA VAL D 202 -16.45 -34.84 18.93
C VAL D 202 -15.00 -35.29 18.98
N VAL D 203 -14.62 -36.13 18.01
CA VAL D 203 -13.26 -36.64 17.89
C VAL D 203 -12.86 -36.56 16.43
N TYR D 204 -11.77 -35.87 16.15
CA TYR D 204 -11.22 -35.78 14.81
C TYR D 204 -10.24 -36.90 14.55
N GLU D 205 -10.28 -37.44 13.33
CA GLU D 205 -9.28 -38.39 12.85
C GLU D 205 -8.93 -38.02 11.42
N TRP D 206 -7.84 -38.58 10.93
CA TRP D 206 -7.53 -38.43 9.52
C TRP D 206 -8.24 -39.53 8.73
N THR D 207 -8.41 -39.30 7.43
CA THR D 207 -9.30 -40.15 6.63
C THR D 207 -8.66 -41.50 6.32
N ARG D 208 -7.57 -41.50 5.57
CA ARG D 208 -7.03 -42.73 5.01
C ARG D 208 -5.75 -43.21 5.70
N GLU D 209 -4.93 -42.29 6.17
CA GLU D 209 -3.59 -42.50 6.72
C GLU D 209 -3.19 -41.13 7.24
N PRO D 210 -2.38 -41.03 8.30
CA PRO D 210 -1.87 -39.71 8.68
C PRO D 210 -1.02 -39.04 7.61
N ALA D 211 0.02 -39.72 7.11
CA ALA D 211 0.93 -39.09 6.17
C ALA D 211 0.29 -38.89 4.79
N ARG D 212 -0.65 -39.75 4.42
CA ARG D 212 -1.29 -39.64 3.10
C ARG D 212 -2.46 -38.66 3.08
N SER D 213 -2.85 -38.10 4.23
CA SER D 213 -4.02 -37.22 4.26
C SER D 213 -3.66 -35.82 3.76
N VAL D 214 -2.74 -35.14 4.43
CA VAL D 214 -2.32 -33.81 4.01
C VAL D 214 -1.41 -33.99 2.80
N VAL D 215 -1.93 -33.67 1.61
CA VAL D 215 -1.21 -33.85 0.35
C VAL D 215 -1.16 -32.50 -0.36
N VAL D 216 0.02 -32.13 -0.86
CA VAL D 216 0.21 -30.88 -1.56
C VAL D 216 0.14 -31.15 -3.06
N ALA D 217 -0.13 -30.10 -3.82
CA ALA D 217 -0.16 -30.22 -5.26
C ALA D 217 1.25 -30.26 -5.83
N GLU D 218 1.36 -30.69 -7.08
CA GLU D 218 2.66 -30.79 -7.73
C GLU D 218 3.23 -29.43 -8.16
N ASP D 219 2.38 -28.41 -8.30
CA ASP D 219 2.83 -27.09 -8.72
C ASP D 219 2.48 -26.02 -7.70
N GLY D 220 2.14 -26.41 -6.49
CA GLY D 220 1.80 -25.46 -5.44
C GLY D 220 2.97 -25.06 -4.58
N SER D 221 4.09 -24.68 -5.20
CA SER D 221 5.25 -24.29 -4.42
C SER D 221 5.06 -22.92 -3.79
N ARG D 222 4.95 -21.87 -4.63
CA ARG D 222 4.70 -20.46 -4.24
C ARG D 222 5.62 -19.95 -3.13
N LEU D 223 6.86 -20.42 -3.09
CA LEU D 223 7.83 -19.98 -2.11
C LEU D 223 9.00 -19.31 -2.83
N ASN D 224 9.21 -18.03 -2.55
CA ASN D 224 10.31 -17.34 -3.20
C ASN D 224 11.64 -17.65 -2.53
N GLN D 225 11.66 -17.71 -1.19
CA GLN D 225 12.91 -17.85 -0.45
C GLN D 225 12.93 -19.04 0.48
N TYR D 226 11.98 -19.97 0.37
CA TYR D 226 11.96 -21.14 1.24
C TYR D 226 11.86 -22.41 0.40
N ASP D 227 12.15 -23.52 1.07
CA ASP D 227 12.11 -24.86 0.47
C ASP D 227 11.28 -25.75 1.36
N LEU D 228 10.14 -26.20 0.85
CA LEU D 228 9.25 -27.09 1.61
C LEU D 228 9.86 -28.48 1.62
N LEU D 229 10.47 -28.85 2.75
CA LEU D 229 11.14 -30.15 2.90
C LEU D 229 10.20 -31.20 3.48
N GLY D 230 9.01 -31.34 2.89
CA GLY D 230 8.06 -32.33 3.34
C GLY D 230 7.29 -31.92 4.59
N GLN D 231 6.09 -32.44 4.74
CA GLN D 231 5.27 -32.16 5.91
C GLN D 231 5.30 -33.34 6.89
N THR D 232 4.75 -33.11 8.07
CA THR D 232 4.67 -34.13 9.11
C THR D 232 3.44 -33.84 9.96
N VAL D 233 2.52 -34.80 10.04
CA VAL D 233 1.29 -34.61 10.78
C VAL D 233 1.34 -35.43 12.07
N ASP D 234 0.42 -35.12 12.98
CA ASP D 234 0.32 -35.76 14.28
C ASP D 234 -1.02 -35.37 14.89
N SER D 235 -1.59 -36.29 15.67
CA SER D 235 -2.80 -36.01 16.42
C SER D 235 -2.44 -35.67 17.87
N GLY D 236 -3.22 -34.79 18.48
CA GLY D 236 -2.89 -34.31 19.81
C GLY D 236 -4.13 -33.97 20.60
N ILE D 237 -3.90 -33.58 21.85
CA ILE D 237 -4.96 -33.21 22.80
C ILE D 237 -4.52 -31.97 23.55
N VAL D 238 -5.33 -30.91 23.50
CA VAL D 238 -5.10 -29.70 24.27
C VAL D 238 -6.06 -29.69 25.45
N GLN D 239 -5.51 -29.53 26.66
CA GLN D 239 -6.29 -29.48 27.89
C GLN D 239 -6.48 -28.02 28.27
N SER D 240 -7.50 -27.39 27.70
CA SER D 240 -7.79 -26.00 27.99
C SER D 240 -8.63 -25.89 29.26
N SER D 241 -9.00 -24.66 29.62
CA SER D 241 -9.75 -24.40 30.84
C SER D 241 -11.23 -24.67 30.71
N THR D 242 -11.70 -25.13 29.55
CA THR D 242 -13.09 -25.52 29.36
C THR D 242 -13.26 -27.00 29.07
N GLY D 243 -12.18 -27.75 28.97
CA GLY D 243 -12.25 -29.17 28.66
C GLY D 243 -11.02 -29.60 27.89
N GLU D 244 -11.08 -30.82 27.37
CA GLU D 244 -10.00 -31.41 26.60
C GLU D 244 -10.42 -31.52 25.14
N TYR D 245 -9.63 -30.96 24.24
CA TYR D 245 -10.00 -30.83 22.84
C TYR D 245 -9.05 -31.63 21.96
N VAL D 246 -9.61 -32.33 20.98
CA VAL D 246 -8.81 -33.07 20.00
C VAL D 246 -8.27 -32.10 18.97
N VAL D 247 -6.96 -32.13 18.76
CA VAL D 247 -6.28 -31.20 17.87
C VAL D 247 -5.54 -32.00 16.80
N MET D 248 -5.82 -31.69 15.54
CA MET D 248 -5.08 -32.23 14.41
C MET D 248 -3.95 -31.28 14.07
N THR D 249 -2.71 -31.77 14.09
CA THR D 249 -1.56 -30.94 13.81
C THR D 249 -0.90 -31.34 12.49
N THR D 250 -0.29 -30.36 11.83
CA THR D 250 0.40 -30.59 10.56
C THR D 250 1.56 -29.61 10.49
N HIS D 251 2.78 -30.13 10.53
CA HIS D 251 3.99 -29.31 10.55
C HIS D 251 4.62 -29.30 9.16
N PHE D 252 4.70 -28.14 8.55
CA PHE D 252 5.40 -27.96 7.28
C PHE D 252 6.82 -27.52 7.58
N HIS D 253 7.79 -28.24 7.04
CA HIS D 253 9.20 -28.00 7.33
C HIS D 253 9.81 -27.14 6.24
N LEU D 254 10.25 -25.94 6.61
CA LEU D 254 10.73 -24.94 5.67
C LEU D 254 12.18 -24.62 5.96
N LYS D 255 12.95 -24.38 4.90
CA LYS D 255 14.36 -24.04 5.01
C LYS D 255 14.65 -22.91 4.04
N ARG D 256 15.28 -21.84 4.53
CA ARG D 256 15.47 -20.64 3.72
C ARG D 256 16.61 -20.82 2.73
N LYS D 257 16.38 -20.39 1.50
CA LYS D 257 17.43 -20.36 0.47
C LYS D 257 18.51 -19.37 0.86
N ILE D 258 19.76 -19.76 0.65
CA ILE D 258 20.90 -18.96 1.06
C ILE D 258 21.46 -18.09 -0.08
N GLY D 259 21.25 -18.48 -1.34
CA GLY D 259 21.98 -17.91 -2.46
C GLY D 259 21.67 -16.46 -2.77
N TYR D 260 20.57 -15.92 -2.25
CA TYR D 260 20.29 -14.51 -2.45
C TYR D 260 21.14 -13.63 -1.55
N PHE D 261 21.28 -14.01 -0.28
CA PHE D 261 21.97 -13.17 0.69
C PHE D 261 23.49 -13.23 0.53
N VAL D 262 24.00 -14.24 -0.18
CA VAL D 262 25.43 -14.33 -0.42
C VAL D 262 25.89 -13.22 -1.36
N ILE D 263 25.19 -13.05 -2.48
CA ILE D 263 25.60 -12.04 -3.46
C ILE D 263 25.11 -10.64 -3.10
N GLN D 264 24.15 -10.51 -2.18
CA GLN D 264 23.65 -9.21 -1.78
C GLN D 264 24.31 -8.69 -0.51
N THR D 265 24.64 -9.57 0.44
CA THR D 265 25.24 -9.16 1.70
C THR D 265 26.63 -9.72 1.89
N TYR D 266 26.83 -11.03 1.73
CA TYR D 266 28.09 -11.66 2.14
C TYR D 266 29.23 -11.30 1.20
N LEU D 267 29.04 -11.51 -0.10
CA LEU D 267 30.08 -11.17 -1.08
C LEU D 267 30.42 -9.68 -1.20
N PRO D 268 29.49 -8.72 -1.05
CA PRO D 268 29.97 -7.33 -0.92
C PRO D 268 30.67 -7.03 0.38
N CYS D 269 30.33 -7.72 1.48
CA CYS D 269 31.03 -7.48 2.74
C CYS D 269 32.37 -8.20 2.80
N ILE D 270 32.53 -9.31 2.09
CA ILE D 270 33.84 -9.95 2.03
C ILE D 270 34.77 -9.14 1.14
N MET D 271 34.27 -8.67 -0.01
CA MET D 271 35.09 -7.87 -0.92
C MET D 271 35.37 -6.47 -0.39
N THR D 272 34.70 -6.03 0.68
CA THR D 272 35.04 -4.76 1.30
C THR D 272 36.09 -4.94 2.41
N VAL D 273 36.05 -6.08 3.11
CA VAL D 273 37.07 -6.38 4.10
C VAL D 273 38.41 -6.68 3.42
N ILE D 274 38.36 -7.39 2.29
CA ILE D 274 39.56 -7.61 1.48
C ILE D 274 40.14 -6.30 0.99
N LEU D 275 39.28 -5.40 0.51
CA LEU D 275 39.74 -4.16 -0.11
C LEU D 275 40.31 -3.19 0.93
N SER D 276 39.87 -3.28 2.18
CA SER D 276 40.51 -2.51 3.23
C SER D 276 41.89 -3.08 3.58
N GLN D 277 42.11 -4.36 3.31
CA GLN D 277 43.40 -5.00 3.51
C GLN D 277 44.30 -4.92 2.30
N VAL D 278 43.78 -4.43 1.17
CA VAL D 278 44.59 -4.21 -0.02
C VAL D 278 45.56 -3.04 0.21
N SER D 279 45.20 -2.11 1.11
CA SER D 279 46.05 -0.96 1.38
C SER D 279 47.32 -1.29 2.16
N PHE D 280 47.49 -2.53 2.64
CA PHE D 280 48.72 -2.87 3.33
C PHE D 280 49.88 -3.07 2.37
N TRP D 281 49.61 -3.35 1.10
CA TRP D 281 50.65 -3.49 0.10
C TRP D 281 50.96 -2.17 -0.62
N LEU D 282 50.60 -1.04 -0.02
CA LEU D 282 50.98 0.26 -0.51
C LEU D 282 52.23 0.74 0.21
N ASN D 283 52.88 1.76 -0.34
CA ASN D 283 53.98 2.38 0.35
C ASN D 283 53.46 3.18 1.55
N ARG D 284 54.30 3.31 2.57
CA ARG D 284 53.88 3.93 3.81
C ARG D 284 53.78 5.45 3.73
N GLU D 285 54.27 6.05 2.64
CA GLU D 285 54.32 7.51 2.52
C GLU D 285 53.10 8.08 1.82
N SER D 286 52.25 7.24 1.22
CA SER D 286 51.02 7.69 0.61
C SER D 286 49.95 7.87 1.69
N VAL D 287 50.14 8.93 2.46
CA VAL D 287 49.30 9.24 3.62
C VAL D 287 47.89 9.66 3.20
N PRO D 288 47.65 10.47 2.16
CA PRO D 288 46.26 10.62 1.70
C PRO D 288 45.69 9.37 1.05
N ALA D 289 46.50 8.54 0.40
CA ALA D 289 45.95 7.40 -0.32
C ALA D 289 45.53 6.29 0.64
N ARG D 290 46.29 6.07 1.71
CA ARG D 290 45.99 5.00 2.65
C ARG D 290 44.89 5.39 3.63
N THR D 291 44.60 6.69 3.78
CA THR D 291 43.47 7.10 4.60
C THR D 291 42.15 6.88 3.86
N VAL D 292 42.14 7.13 2.54
CA VAL D 292 40.94 6.98 1.73
C VAL D 292 40.50 5.52 1.63
N PHE D 293 41.45 4.58 1.65
CA PHE D 293 41.10 3.18 1.86
C PHE D 293 40.46 2.95 3.23
N GLY D 294 40.90 3.68 4.24
CA GLY D 294 40.44 3.42 5.59
C GLY D 294 39.04 3.91 5.87
N VAL D 295 38.75 5.16 5.53
CA VAL D 295 37.50 5.77 5.98
C VAL D 295 36.34 5.35 5.09
N THR D 296 36.60 5.10 3.81
CA THR D 296 35.50 4.88 2.88
C THR D 296 35.05 3.42 2.87
N THR D 297 35.95 2.48 3.15
CA THR D 297 35.51 1.11 3.35
C THR D 297 34.69 0.98 4.63
N VAL D 298 34.92 1.84 5.62
CA VAL D 298 33.97 1.98 6.72
C VAL D 298 32.65 2.53 6.21
N LEU D 299 32.71 3.54 5.33
CA LEU D 299 31.51 4.11 4.72
C LEU D 299 30.85 3.14 3.77
N THR D 300 31.64 2.25 3.13
CA THR D 300 31.05 1.22 2.28
C THR D 300 30.40 0.13 3.14
N MET D 301 31.03 -0.24 4.25
CA MET D 301 30.41 -1.19 5.17
C MET D 301 29.20 -0.60 5.87
N THR D 302 29.17 0.72 6.05
CA THR D 302 28.00 1.36 6.65
C THR D 302 26.80 1.32 5.70
N THR D 303 27.05 1.53 4.41
CA THR D 303 25.99 1.38 3.41
C THR D 303 25.53 -0.07 3.30
N LEU D 304 26.46 -1.02 3.42
CA LEU D 304 26.09 -2.43 3.34
C LEU D 304 25.42 -2.91 4.62
N SER D 305 25.68 -2.26 5.77
CA SER D 305 25.05 -2.68 7.01
C SER D 305 23.60 -2.22 7.10
N ILE D 306 23.27 -1.10 6.46
CA ILE D 306 21.90 -0.60 6.50
C ILE D 306 21.01 -1.40 5.55
N SER D 307 21.49 -1.62 4.33
CA SER D 307 20.69 -2.30 3.31
C SER D 307 20.56 -3.80 3.55
N ALA D 308 21.37 -4.37 4.44
CA ALA D 308 21.24 -5.79 4.75
C ALA D 308 20.33 -6.05 5.94
N ARG D 309 19.95 -5.02 6.68
CA ARG D 309 19.11 -5.18 7.85
C ARG D 309 17.65 -4.78 7.59
N ASN D 310 17.43 -3.81 6.70
CA ASN D 310 16.06 -3.38 6.41
C ASN D 310 15.28 -4.39 5.57
N SER D 311 15.97 -5.33 4.92
CA SER D 311 15.32 -6.43 4.21
C SER D 311 15.18 -7.66 5.10
N LEU D 312 14.63 -7.43 6.29
CA LEU D 312 14.59 -8.37 7.41
C LEU D 312 13.64 -7.80 8.46
N PRO D 313 12.81 -8.62 9.10
CA PRO D 313 11.95 -8.12 10.18
C PRO D 313 12.75 -7.63 11.38
N LYS D 314 12.22 -6.61 12.03
CA LYS D 314 12.93 -5.85 13.04
C LYS D 314 12.98 -6.60 14.38
N VAL D 315 13.60 -7.77 14.36
CA VAL D 315 13.81 -8.52 15.59
C VAL D 315 14.92 -7.87 16.40
N ALA D 316 14.74 -7.84 17.71
CA ALA D 316 15.71 -7.18 18.59
C ALA D 316 16.66 -8.18 19.23
N TYR D 317 17.41 -8.85 18.36
CA TYR D 317 18.54 -9.69 18.75
C TYR D 317 19.45 -9.84 17.55
N ALA D 318 20.68 -10.25 17.82
CA ALA D 318 21.71 -10.36 16.79
C ALA D 318 21.51 -11.65 16.02
N THR D 319 21.16 -11.54 14.74
CA THR D 319 21.00 -12.70 13.88
C THR D 319 22.38 -13.19 13.44
N ALA D 320 22.38 -14.28 12.67
CA ALA D 320 23.65 -14.83 12.18
C ALA D 320 24.27 -13.94 11.12
N MET D 321 23.46 -13.21 10.36
CA MET D 321 24.00 -12.22 9.44
C MET D 321 24.58 -11.03 10.19
N ASP D 322 23.98 -10.68 11.32
CA ASP D 322 24.44 -9.52 12.09
C ASP D 322 25.76 -9.79 12.80
N TRP D 323 26.04 -11.06 13.12
CA TRP D 323 27.37 -11.37 13.65
C TRP D 323 28.42 -11.39 12.55
N PHE D 324 28.00 -11.59 11.30
CA PHE D 324 28.97 -11.54 10.21
C PHE D 324 29.34 -10.10 9.88
N ILE D 325 28.35 -9.21 9.82
CA ILE D 325 28.58 -7.83 9.40
C ILE D 325 29.34 -7.06 10.46
N ALA D 326 29.01 -7.28 11.73
CA ALA D 326 29.66 -6.54 12.82
C ALA D 326 31.13 -6.94 12.98
N VAL D 327 31.47 -8.19 12.71
CA VAL D 327 32.87 -8.59 12.73
C VAL D 327 33.58 -8.12 11.47
N CYS D 328 32.89 -8.16 10.33
CA CYS D 328 33.42 -7.55 9.11
C CYS D 328 33.53 -6.04 9.24
N TYR D 329 32.73 -5.42 10.11
CA TYR D 329 32.91 -4.00 10.39
C TYR D 329 34.13 -3.74 11.24
N ALA D 330 34.63 -4.75 11.96
CA ALA D 330 35.79 -4.61 12.82
C ALA D 330 37.11 -4.82 12.09
N PHE D 331 37.15 -5.73 11.10
CA PHE D 331 38.36 -5.87 10.30
C PHE D 331 38.59 -4.67 9.40
N VAL D 332 37.52 -4.01 8.99
CA VAL D 332 37.65 -2.77 8.22
C VAL D 332 38.11 -1.63 9.12
N PHE D 333 37.57 -1.56 10.33
CA PHE D 333 37.98 -0.53 11.30
C PHE D 333 39.42 -0.73 11.75
N SER D 334 39.86 -1.97 11.91
CA SER D 334 41.22 -2.24 12.36
C SER D 334 42.26 -1.99 11.28
N ALA D 335 41.86 -1.86 10.03
CA ALA D 335 42.83 -1.58 8.98
C ALA D 335 43.30 -0.13 9.02
N LEU D 336 42.48 0.78 9.52
CA LEU D 336 42.90 2.18 9.62
C LEU D 336 43.50 2.49 10.98
N ILE D 337 43.14 1.73 12.02
CA ILE D 337 43.88 1.77 13.28
C ILE D 337 45.30 1.24 13.08
N GLU D 338 45.46 0.31 12.13
CA GLU D 338 46.80 -0.13 11.73
C GLU D 338 47.57 1.01 11.08
N PHE D 339 46.92 1.77 10.20
CA PHE D 339 47.59 2.87 9.50
C PHE D 339 47.97 4.01 10.45
N ALA D 340 47.17 4.23 11.50
CA ALA D 340 47.51 5.25 12.49
C ALA D 340 48.79 4.90 13.24
N THR D 341 49.08 3.61 13.37
CA THR D 341 50.34 3.20 13.98
C THR D 341 51.50 3.30 12.98
N VAL D 342 51.24 3.01 11.70
CA VAL D 342 52.26 3.15 10.66
C VAL D 342 52.64 4.62 10.47
N ASN D 343 51.65 5.50 10.50
CA ASN D 343 51.90 6.93 10.31
C ASN D 343 52.62 7.56 11.49
N TYR D 344 52.64 6.90 12.64
CA TYR D 344 53.30 7.46 13.82
C TYR D 344 54.81 7.26 13.77
N PHE D 345 55.29 6.30 12.98
CA PHE D 345 56.71 5.95 12.93
C PHE D 345 57.29 6.18 11.55
N THR D 346 56.89 7.26 10.88
CA THR D 346 57.26 7.45 9.48
C THR D 346 58.52 8.28 9.31
N LYS D 347 58.65 9.38 10.07
CA LYS D 347 59.85 10.19 10.30
C LYS D 347 60.28 11.05 9.10
N ARG D 348 59.65 10.86 7.94
CA ARG D 348 59.97 11.67 6.76
C ARG D 348 58.82 11.56 5.76
N GLY D 349 58.57 12.65 5.05
CA GLY D 349 57.40 12.73 4.20
C GLY D 349 57.67 12.67 2.72
N TYR D 350 58.59 11.80 2.29
CA TYR D 350 58.85 11.61 0.87
C TYR D 350 59.04 10.13 0.58
N ALA D 351 58.57 9.72 -0.59
CA ALA D 351 58.62 8.32 -1.01
C ALA D 351 59.97 8.01 -1.65
N TRP D 352 60.08 6.85 -2.28
CA TRP D 352 61.32 6.41 -2.87
C TRP D 352 61.45 6.90 -4.30
N ASP D 353 62.69 7.18 -4.72
CA ASP D 353 62.98 7.71 -6.04
C ASP D 353 62.96 6.57 -7.08
N GLY D 354 63.39 6.88 -8.29
CA GLY D 354 63.46 5.88 -9.34
C GLY D 354 64.78 5.14 -9.44
N LYS D 355 65.65 5.29 -8.45
CA LYS D 355 66.96 4.66 -8.48
C LYS D 355 67.39 4.17 -7.11
N LYS D 419 70.55 10.59 -0.06
CA LYS D 419 69.69 10.71 1.12
C LYS D 419 69.02 9.38 1.44
N THR D 420 68.61 9.22 2.69
CA THR D 420 68.04 7.96 3.14
C THR D 420 66.54 7.90 2.83
N PHE D 421 65.97 6.71 3.01
CA PHE D 421 64.57 6.46 2.77
C PHE D 421 64.00 5.64 3.93
N ASN D 422 62.74 5.24 3.80
CA ASN D 422 62.03 4.54 4.87
C ASN D 422 62.17 3.04 4.72
N SER D 423 61.88 2.34 5.82
CA SER D 423 61.81 0.90 5.84
C SER D 423 60.41 0.46 5.41
N VAL D 424 60.15 -0.85 5.50
CA VAL D 424 58.90 -1.42 4.98
C VAL D 424 57.97 -1.61 6.17
N SER D 425 58.34 -1.04 7.33
CA SER D 425 57.47 -0.82 8.49
C SER D 425 56.84 -2.07 9.07
N LYS D 426 57.63 -2.90 9.77
CA LYS D 426 57.33 -4.26 10.24
C LYS D 426 55.93 -4.53 10.80
N ILE D 427 55.27 -3.50 11.34
CA ILE D 427 53.85 -3.63 11.71
C ILE D 427 52.98 -3.79 10.46
N ASP D 428 53.41 -3.28 9.31
CA ASP D 428 52.68 -3.52 8.08
C ASP D 428 53.05 -4.86 7.49
N ARG D 429 54.27 -5.35 7.74
CA ARG D 429 54.68 -6.66 7.24
C ARG D 429 53.91 -7.79 7.91
N LEU D 430 53.61 -7.65 9.19
CA LEU D 430 52.88 -8.69 9.91
C LEU D 430 51.37 -8.56 9.74
N SER D 431 50.87 -7.36 9.43
CA SER D 431 49.45 -7.20 9.18
C SER D 431 49.05 -7.66 7.78
N ARG D 432 50.02 -7.81 6.87
CA ARG D 432 49.74 -8.45 5.59
C ARG D 432 49.45 -9.93 5.76
N ILE D 433 49.93 -10.53 6.84
CA ILE D 433 49.71 -11.94 7.12
C ILE D 433 48.58 -12.14 8.12
N ALA D 434 48.56 -11.35 9.19
CA ALA D 434 47.64 -11.62 10.30
C ALA D 434 46.20 -11.26 9.98
N PHE D 435 45.98 -10.17 9.24
CA PHE D 435 44.60 -9.78 8.96
C PHE D 435 43.91 -10.62 7.87
N PRO D 436 44.57 -11.05 6.78
CA PRO D 436 43.92 -12.07 5.94
C PRO D 436 43.83 -13.45 6.59
N LEU D 437 44.64 -13.72 7.62
CA LEU D 437 44.51 -15.00 8.32
C LEU D 437 43.35 -14.99 9.30
N LEU D 438 43.30 -13.98 10.18
CA LEU D 438 42.25 -13.90 11.19
C LEU D 438 40.87 -13.61 10.60
N PHE D 439 40.82 -13.07 9.39
CA PHE D 439 39.56 -13.02 8.66
C PHE D 439 39.31 -14.31 7.89
N GLY D 440 40.38 -14.99 7.47
CA GLY D 440 40.22 -16.29 6.85
C GLY D 440 39.88 -17.38 7.84
N ILE D 441 40.38 -17.27 9.07
CA ILE D 441 39.99 -18.19 10.12
C ILE D 441 38.54 -17.94 10.55
N PHE D 442 38.13 -16.66 10.59
CA PHE D 442 36.77 -16.32 10.99
C PHE D 442 35.72 -16.84 10.00
N ASN D 443 36.03 -16.86 8.71
CA ASN D 443 35.08 -17.42 7.76
C ASN D 443 35.01 -18.93 7.84
N LEU D 444 36.08 -19.57 8.31
CA LEU D 444 36.02 -21.01 8.52
C LEU D 444 35.25 -21.37 9.79
N VAL D 445 35.28 -20.49 10.80
CA VAL D 445 34.49 -20.73 12.00
C VAL D 445 33.04 -20.40 11.74
N TYR D 446 32.77 -19.33 10.97
CA TYR D 446 31.40 -18.89 10.71
C TYR D 446 30.65 -19.88 9.85
N TRP D 447 31.21 -20.26 8.70
CA TRP D 447 30.49 -21.10 7.75
C TRP D 447 30.54 -22.59 8.10
N ALA D 448 31.17 -22.97 9.21
CA ALA D 448 31.06 -24.32 9.72
C ALA D 448 30.19 -24.42 10.96
N THR D 449 29.93 -23.29 11.63
CA THR D 449 28.99 -23.27 12.75
C THR D 449 27.56 -23.22 12.25
N TYR D 450 27.28 -22.32 11.32
CA TYR D 450 25.92 -22.03 10.87
C TYR D 450 25.49 -22.85 9.67
N LEU D 451 26.41 -23.55 9.01
CA LEU D 451 26.06 -24.58 8.04
C LEU D 451 26.16 -25.98 8.65
N ASN D 452 26.03 -26.08 9.97
CA ASN D 452 26.03 -27.34 10.70
C ASN D 452 24.64 -27.69 11.23
N ARG D 453 23.82 -26.69 11.53
CA ARG D 453 22.53 -26.89 12.16
C ARG D 453 21.46 -27.28 11.15
N ASN E 33 -47.69 -5.91 -23.37
CA ASN E 33 -48.30 -5.99 -22.05
C ASN E 33 -47.27 -5.81 -20.96
N MET E 34 -47.71 -5.40 -19.77
CA MET E 34 -46.81 -5.22 -18.65
C MET E 34 -47.30 -5.98 -17.43
N SER E 35 -48.63 -6.03 -17.25
CA SER E 35 -49.19 -6.83 -16.17
C SER E 35 -49.12 -8.32 -16.47
N PHE E 36 -49.14 -8.70 -17.75
CA PHE E 36 -49.01 -10.10 -18.13
C PHE E 36 -47.60 -10.61 -17.88
N VAL E 37 -46.60 -9.72 -17.94
CA VAL E 37 -45.21 -10.13 -17.77
C VAL E 37 -44.94 -10.55 -16.34
N LYS E 38 -45.60 -9.90 -15.36
CA LYS E 38 -45.47 -10.31 -13.97
C LYS E 38 -46.06 -11.70 -13.73
N GLU E 39 -47.21 -11.98 -14.35
CA GLU E 39 -47.84 -13.29 -14.20
C GLU E 39 -47.04 -14.38 -14.89
N THR E 40 -46.31 -14.02 -15.96
CA THR E 40 -45.45 -14.98 -16.63
C THR E 40 -44.24 -15.33 -15.77
N VAL E 41 -43.61 -14.32 -15.16
CA VAL E 41 -42.41 -14.55 -14.37
C VAL E 41 -42.73 -15.21 -13.03
N ASP E 42 -43.88 -14.88 -12.43
CA ASP E 42 -44.23 -15.43 -11.12
C ASP E 42 -44.52 -16.93 -11.16
N LYS E 43 -45.00 -17.44 -12.29
CA LYS E 43 -45.19 -18.88 -12.40
C LYS E 43 -43.95 -19.61 -12.84
N LEU E 44 -42.92 -18.88 -13.30
CA LEU E 44 -41.62 -19.52 -13.54
C LEU E 44 -40.92 -19.83 -12.22
N LEU E 45 -41.04 -18.93 -11.24
CA LEU E 45 -40.40 -19.10 -9.95
C LEU E 45 -41.32 -19.70 -8.90
N LYS E 46 -42.51 -20.13 -9.27
CA LYS E 46 -43.40 -20.84 -8.36
C LYS E 46 -43.12 -22.33 -8.48
N GLY E 47 -42.71 -22.95 -7.38
CA GLY E 47 -42.27 -24.33 -7.39
C GLY E 47 -40.86 -24.54 -7.87
N TYR E 48 -40.15 -23.47 -8.21
CA TYR E 48 -38.77 -23.56 -8.68
C TYR E 48 -37.85 -23.84 -7.51
N ASP E 49 -37.08 -24.92 -7.59
CA ASP E 49 -36.13 -25.29 -6.56
C ASP E 49 -34.73 -24.87 -7.00
N ILE E 50 -34.11 -23.97 -6.23
CA ILE E 50 -32.78 -23.50 -6.57
C ILE E 50 -31.69 -24.46 -6.12
N ARG E 51 -32.03 -25.45 -5.29
CA ARG E 51 -31.06 -26.44 -4.85
C ARG E 51 -30.77 -27.50 -5.90
N LEU E 52 -31.60 -27.61 -6.93
CA LEU E 52 -31.49 -28.67 -7.91
C LEU E 52 -30.87 -28.15 -9.20
N ARG E 53 -29.93 -28.92 -9.73
CA ARG E 53 -29.36 -28.68 -11.05
C ARG E 53 -30.45 -28.86 -12.11
N PRO E 54 -30.37 -28.10 -13.20
CA PRO E 54 -31.22 -28.38 -14.36
C PRO E 54 -30.93 -29.76 -14.93
N ASP E 55 -31.99 -30.53 -15.17
CA ASP E 55 -31.94 -31.96 -15.48
C ASP E 55 -31.13 -32.70 -14.42
N PHE E 56 -31.67 -32.67 -13.18
CA PHE E 56 -30.95 -33.16 -12.02
C PHE E 56 -30.77 -34.68 -12.02
N GLY E 57 -31.60 -35.40 -12.77
CA GLY E 57 -31.42 -36.83 -12.92
C GLY E 57 -31.04 -37.21 -14.34
N GLY E 58 -31.07 -36.24 -15.24
CA GLY E 58 -30.85 -36.50 -16.65
C GLY E 58 -29.45 -36.14 -17.12
N PRO E 59 -29.36 -35.51 -18.29
CA PRO E 59 -28.05 -35.20 -18.88
C PRO E 59 -27.34 -34.09 -18.13
N PRO E 60 -26.03 -33.94 -18.31
CA PRO E 60 -25.34 -32.78 -17.73
C PRO E 60 -25.64 -31.50 -18.50
N VAL E 61 -25.73 -30.41 -17.76
CA VAL E 61 -25.99 -29.10 -18.34
C VAL E 61 -24.70 -28.55 -18.94
N CYS E 62 -24.81 -27.93 -20.11
CA CYS E 62 -23.66 -27.37 -20.82
C CYS E 62 -23.64 -25.86 -20.61
N VAL E 63 -22.68 -25.39 -19.83
CA VAL E 63 -22.52 -23.96 -19.54
C VAL E 63 -21.47 -23.40 -20.48
N GLY E 64 -21.84 -22.40 -21.26
CA GLY E 64 -20.93 -21.72 -22.16
C GLY E 64 -20.54 -20.36 -21.60
N MET E 65 -19.24 -20.09 -21.61
CA MET E 65 -18.70 -18.93 -20.93
C MET E 65 -18.12 -17.92 -21.92
N ASN E 66 -17.94 -16.70 -21.43
CA ASN E 66 -17.61 -15.56 -22.27
C ASN E 66 -17.04 -14.49 -21.35
N ILE E 67 -15.82 -14.05 -21.62
CA ILE E 67 -15.12 -13.10 -20.77
C ILE E 67 -14.79 -11.86 -21.59
N ASP E 68 -15.20 -10.70 -21.10
CA ASP E 68 -14.82 -9.43 -21.70
C ASP E 68 -13.94 -8.72 -20.67
N ILE E 69 -12.63 -8.75 -20.91
CA ILE E 69 -11.66 -8.22 -19.95
C ILE E 69 -11.65 -6.70 -20.03
N ALA E 70 -11.93 -6.05 -18.90
CA ALA E 70 -11.86 -4.60 -18.84
C ALA E 70 -10.42 -4.13 -18.78
N SER E 71 -9.65 -4.61 -17.79
CA SER E 71 -8.29 -4.17 -17.60
C SER E 71 -7.53 -5.18 -16.75
N ILE E 72 -6.24 -5.33 -17.06
CA ILE E 72 -5.30 -5.97 -16.16
C ILE E 72 -4.61 -4.86 -15.38
N ASP E 73 -4.92 -4.76 -14.09
CA ASP E 73 -4.61 -3.54 -13.33
C ASP E 73 -3.13 -3.45 -12.99
N MET E 74 -2.61 -4.42 -12.24
CA MET E 74 -1.20 -4.42 -11.87
C MET E 74 -0.68 -5.85 -11.87
N VAL E 75 0.59 -6.00 -12.22
CA VAL E 75 1.28 -7.28 -12.20
C VAL E 75 2.42 -7.16 -11.20
N SER E 76 2.25 -7.80 -10.05
CA SER E 76 3.19 -7.66 -8.94
C SER E 76 4.13 -8.85 -8.91
N GLU E 77 5.44 -8.57 -8.89
CA GLU E 77 6.44 -9.62 -8.78
C GLU E 77 6.71 -10.04 -7.35
N VAL E 78 6.41 -9.17 -6.37
CA VAL E 78 6.61 -9.53 -4.97
C VAL E 78 5.56 -10.52 -4.52
N ASN E 79 4.29 -10.17 -4.67
CA ASN E 79 3.20 -11.01 -4.21
C ASN E 79 2.86 -12.14 -5.17
N MET E 80 3.48 -12.15 -6.36
CA MET E 80 3.31 -13.19 -7.38
C MET E 80 1.85 -13.33 -7.83
N ASP E 81 1.26 -12.21 -8.24
CA ASP E 81 -0.13 -12.20 -8.64
C ASP E 81 -0.38 -11.05 -9.62
N TYR E 82 -1.58 -11.05 -10.19
CA TYR E 82 -2.01 -9.98 -11.08
C TYR E 82 -3.49 -9.73 -10.83
N THR E 83 -3.90 -8.47 -11.01
CA THR E 83 -5.27 -8.07 -10.80
C THR E 83 -5.98 -8.01 -12.15
N LEU E 84 -7.18 -8.59 -12.21
CA LEU E 84 -7.91 -8.76 -13.46
C LEU E 84 -9.35 -8.33 -13.30
N THR E 85 -9.76 -7.32 -14.05
CA THR E 85 -11.15 -6.86 -14.08
C THR E 85 -11.79 -7.31 -15.38
N MET E 86 -12.92 -8.00 -15.28
CA MET E 86 -13.51 -8.63 -16.46
C MET E 86 -15.02 -8.69 -16.32
N TYR E 87 -15.68 -8.83 -17.46
CA TYR E 87 -17.13 -9.07 -17.54
C TYR E 87 -17.30 -10.56 -17.77
N PHE E 88 -17.51 -11.30 -16.69
CA PHE E 88 -17.60 -12.75 -16.75
C PHE E 88 -19.05 -13.17 -16.99
N GLN E 89 -19.29 -13.83 -18.11
CA GLN E 89 -20.65 -14.11 -18.59
C GLN E 89 -20.81 -15.59 -18.85
N GLN E 90 -21.97 -16.13 -18.49
CA GLN E 90 -22.26 -17.55 -18.64
C GLN E 90 -23.62 -17.82 -19.26
N TYR E 91 -23.68 -18.77 -20.19
CA TYR E 91 -24.95 -19.10 -20.82
C TYR E 91 -25.29 -20.58 -20.68
N TRP E 92 -26.48 -20.89 -20.20
CA TRP E 92 -26.91 -22.28 -20.10
C TRP E 92 -28.41 -22.33 -20.34
N ARG E 93 -28.88 -23.50 -20.77
CA ARG E 93 -30.28 -23.68 -21.12
C ARG E 93 -30.99 -24.34 -19.95
N ASP E 94 -32.05 -23.69 -19.47
CA ASP E 94 -32.86 -24.18 -18.35
C ASP E 94 -34.28 -24.36 -18.82
N LYS E 95 -34.76 -25.60 -18.81
CA LYS E 95 -36.11 -25.90 -19.28
C LYS E 95 -37.19 -25.36 -18.36
N ARG E 96 -36.87 -25.12 -17.09
CA ARG E 96 -37.83 -24.64 -16.11
C ARG E 96 -38.13 -23.14 -16.26
N LEU E 97 -37.47 -22.45 -17.19
CA LEU E 97 -37.66 -21.02 -17.39
C LEU E 97 -38.09 -20.71 -18.82
N ALA E 98 -38.79 -21.64 -19.46
CA ALA E 98 -39.26 -21.44 -20.82
C ALA E 98 -40.60 -20.71 -20.77
N TYR E 99 -40.65 -19.53 -21.36
CA TYR E 99 -41.85 -18.70 -21.36
C TYR E 99 -42.27 -18.42 -22.80
N SER E 100 -43.59 -18.43 -23.03
CA SER E 100 -44.15 -18.26 -24.36
C SER E 100 -45.07 -17.04 -24.39
N GLY E 101 -45.23 -16.48 -25.60
CA GLY E 101 -46.10 -15.35 -25.79
C GLY E 101 -45.37 -14.03 -25.87
N ILE E 102 -44.36 -13.85 -25.03
CA ILE E 102 -43.61 -12.60 -24.95
C ILE E 102 -42.49 -12.65 -25.98
N PRO E 103 -42.54 -11.78 -26.99
CA PRO E 103 -41.57 -11.74 -28.08
C PRO E 103 -40.28 -10.98 -27.75
N LEU E 104 -39.96 -10.85 -26.47
CA LEU E 104 -38.76 -10.14 -26.08
C LEU E 104 -37.97 -10.88 -25.02
N ASN E 105 -36.65 -10.66 -25.02
CA ASN E 105 -35.77 -11.27 -24.05
C ASN E 105 -35.95 -10.57 -22.72
N LEU E 106 -36.46 -11.29 -21.72
CA LEU E 106 -36.70 -10.71 -20.41
C LEU E 106 -35.39 -10.40 -19.72
N THR E 107 -35.04 -9.12 -19.64
CA THR E 107 -33.90 -8.67 -18.85
C THR E 107 -34.43 -8.23 -17.49
N LEU E 108 -34.20 -9.04 -16.47
CA LEU E 108 -34.80 -8.81 -15.17
C LEU E 108 -33.84 -8.03 -14.27
N ASP E 109 -34.24 -7.83 -13.02
CA ASP E 109 -33.39 -7.19 -12.03
C ASP E 109 -32.24 -8.12 -11.65
N ASN E 110 -31.21 -7.56 -11.02
CA ASN E 110 -30.09 -8.39 -10.58
C ASN E 110 -30.45 -9.26 -9.37
N ARG E 111 -31.49 -8.90 -8.62
CA ARG E 111 -31.84 -9.64 -7.42
C ARG E 111 -32.63 -10.93 -7.73
N VAL E 112 -33.02 -11.15 -8.98
CA VAL E 112 -33.66 -12.42 -9.33
C VAL E 112 -32.63 -13.52 -9.53
N ALA E 113 -31.33 -13.16 -9.59
CA ALA E 113 -30.28 -14.16 -9.65
C ALA E 113 -30.11 -14.92 -8.34
N ASP E 114 -30.61 -14.36 -7.24
CA ASP E 114 -30.66 -15.06 -5.96
C ASP E 114 -31.82 -16.03 -5.86
N GLN E 115 -32.67 -16.09 -6.88
CA GLN E 115 -33.82 -16.99 -6.92
C GLN E 115 -33.75 -17.97 -8.08
N LEU E 116 -32.62 -18.04 -8.77
CA LEU E 116 -32.41 -18.97 -9.86
C LEU E 116 -31.28 -19.92 -9.51
N TRP E 117 -31.14 -20.96 -10.31
CA TRP E 117 -29.93 -21.77 -10.29
C TRP E 117 -28.86 -21.06 -11.09
N VAL E 118 -27.74 -20.73 -10.45
CA VAL E 118 -26.57 -20.25 -11.17
C VAL E 118 -25.44 -21.25 -10.88
N PRO E 119 -24.49 -21.43 -11.78
CA PRO E 119 -23.41 -22.39 -11.52
C PRO E 119 -22.48 -21.91 -10.40
N ASP E 120 -21.79 -22.88 -9.82
CA ASP E 120 -20.91 -22.67 -8.67
C ASP E 120 -19.45 -22.54 -9.08
N THR E 121 -19.19 -21.88 -10.20
CA THR E 121 -17.86 -21.79 -10.76
C THR E 121 -16.96 -20.91 -9.89
N TYR E 122 -15.68 -21.27 -9.83
CA TYR E 122 -14.71 -20.57 -9.01
C TYR E 122 -13.41 -20.45 -9.80
N PHE E 123 -12.39 -19.92 -9.13
CA PHE E 123 -11.09 -19.72 -9.75
C PHE E 123 -10.02 -20.27 -8.80
N LEU E 124 -9.15 -21.15 -9.32
CA LEU E 124 -8.10 -21.71 -8.48
C LEU E 124 -7.00 -20.69 -8.19
N ASN E 125 -6.70 -19.81 -9.15
CA ASN E 125 -5.70 -18.79 -8.95
C ASN E 125 -6.15 -17.67 -8.02
N ASP E 126 -7.43 -17.66 -7.64
CA ASP E 126 -8.07 -16.51 -6.99
C ASP E 126 -7.53 -16.32 -5.58
N LYS E 127 -6.75 -15.26 -5.38
CA LYS E 127 -6.39 -14.85 -4.03
C LYS E 127 -7.52 -14.07 -3.38
N LYS E 128 -8.01 -13.05 -4.07
CA LYS E 128 -9.04 -12.16 -3.53
C LYS E 128 -9.84 -11.60 -4.69
N SER E 129 -11.17 -11.62 -4.55
CA SER E 129 -12.04 -11.13 -5.60
C SER E 129 -13.32 -10.61 -5.00
N PHE E 130 -14.05 -9.82 -5.80
CA PHE E 130 -15.30 -9.23 -5.37
C PHE E 130 -16.10 -8.86 -6.60
N VAL E 131 -17.42 -9.06 -6.52
CA VAL E 131 -18.33 -8.50 -7.50
C VAL E 131 -18.59 -7.05 -7.11
N HIS E 132 -18.50 -6.14 -8.08
CA HIS E 132 -18.68 -4.72 -7.82
C HIS E 132 -20.11 -4.43 -7.38
N GLY E 133 -20.24 -3.63 -6.33
CA GLY E 133 -21.53 -3.40 -5.72
C GLY E 133 -21.94 -1.94 -5.64
N VAL E 134 -21.44 -1.13 -6.57
CA VAL E 134 -21.83 0.27 -6.71
C VAL E 134 -22.25 0.48 -8.15
N THR E 135 -23.47 0.97 -8.39
CA THR E 135 -24.41 1.44 -7.35
C THR E 135 -25.30 0.32 -6.80
N VAL E 136 -25.46 -0.74 -7.59
CA VAL E 136 -26.04 -1.98 -7.12
C VAL E 136 -25.02 -3.08 -7.38
N LYS E 137 -25.34 -4.31 -6.99
CA LYS E 137 -24.45 -5.42 -7.29
C LYS E 137 -24.50 -5.72 -8.78
N ASN E 138 -23.34 -5.67 -9.44
CA ASN E 138 -23.29 -5.73 -10.90
C ASN E 138 -23.48 -7.16 -11.38
N ARG E 139 -24.74 -7.58 -11.40
CA ARG E 139 -25.17 -8.84 -11.96
C ARG E 139 -26.17 -8.55 -13.07
N MET E 140 -26.46 -9.57 -13.86
CA MET E 140 -27.55 -9.46 -14.83
C MET E 140 -28.16 -10.83 -15.04
N ILE E 141 -29.46 -10.81 -15.32
CA ILE E 141 -30.21 -11.99 -15.75
C ILE E 141 -30.99 -11.59 -16.99
N ARG E 142 -30.66 -12.20 -18.12
CA ARG E 142 -31.34 -11.92 -19.38
C ARG E 142 -31.92 -13.24 -19.87
N LEU E 143 -33.19 -13.47 -19.57
CA LEU E 143 -33.86 -14.69 -19.99
C LEU E 143 -34.17 -14.65 -21.48
N HIS E 144 -34.29 -15.85 -22.05
CA HIS E 144 -34.62 -16.03 -23.45
C HIS E 144 -35.86 -16.94 -23.49
N PRO E 145 -36.62 -16.88 -24.60
CA PRO E 145 -37.87 -17.65 -24.60
C PRO E 145 -37.72 -19.16 -24.76
N ASP E 146 -36.54 -19.66 -25.13
CA ASP E 146 -36.31 -21.10 -25.16
C ASP E 146 -35.79 -21.64 -23.84
N GLY E 147 -35.43 -20.78 -22.90
CA GLY E 147 -34.87 -21.20 -21.63
C GLY E 147 -33.43 -20.82 -21.42
N THR E 148 -32.80 -20.21 -22.42
CA THR E 148 -31.41 -19.80 -22.32
C THR E 148 -31.28 -18.67 -21.31
N VAL E 149 -30.24 -18.71 -20.49
CA VAL E 149 -30.05 -17.68 -19.48
C VAL E 149 -28.67 -17.04 -19.46
N LEU E 150 -28.60 -15.72 -19.48
CA LEU E 150 -27.30 -15.07 -19.34
C LEU E 150 -27.13 -14.56 -17.91
N TYR E 151 -25.96 -14.83 -17.33
CA TYR E 151 -25.62 -14.40 -15.97
C TYR E 151 -24.26 -13.73 -16.01
N GLY E 152 -24.25 -12.41 -16.13
CA GLY E 152 -23.02 -11.66 -16.20
C GLY E 152 -22.58 -11.14 -14.85
N LEU E 153 -21.28 -10.93 -14.72
CA LEU E 153 -20.65 -10.48 -13.47
C LEU E 153 -19.47 -9.61 -13.82
N ARG E 154 -19.35 -8.47 -13.16
CA ARG E 154 -18.15 -7.63 -13.29
C ARG E 154 -17.29 -7.95 -12.07
N ILE E 155 -16.24 -8.74 -12.29
CA ILE E 155 -15.42 -9.31 -11.23
C ILE E 155 -14.04 -8.70 -11.33
N THR E 156 -13.52 -8.23 -10.21
CA THR E 156 -12.12 -7.79 -10.11
C THR E 156 -11.40 -8.83 -9.26
N THR E 157 -10.80 -9.80 -9.93
CA THR E 157 -10.09 -10.87 -9.26
C THR E 157 -8.60 -10.55 -9.18
N THR E 158 -7.96 -11.12 -8.16
CA THR E 158 -6.51 -11.04 -7.99
C THR E 158 -6.01 -12.47 -8.15
N ALA E 159 -5.71 -12.86 -9.37
CA ALA E 159 -5.32 -14.21 -9.68
C ALA E 159 -3.82 -14.39 -9.44
N ALA E 160 -3.45 -15.54 -8.90
CA ALA E 160 -2.07 -15.81 -8.53
C ALA E 160 -1.37 -16.57 -9.65
N CYS E 161 -0.21 -16.07 -10.07
CA CYS E 161 0.63 -16.75 -11.03
C CYS E 161 2.06 -16.70 -10.54
N MET E 162 2.74 -17.85 -10.56
CA MET E 162 4.14 -17.89 -10.18
C MET E 162 5.02 -17.52 -11.35
N MET E 163 6.16 -16.92 -11.04
CA MET E 163 7.04 -16.32 -12.03
C MET E 163 8.43 -16.92 -11.93
N ASP E 164 9.05 -17.14 -13.08
CA ASP E 164 10.44 -17.60 -13.15
C ASP E 164 11.27 -16.36 -13.41
N LEU E 165 11.67 -15.68 -12.34
CA LEU E 165 12.41 -14.42 -12.42
C LEU E 165 13.91 -14.62 -12.43
N ARG E 166 14.40 -15.77 -12.91
CA ARG E 166 15.83 -15.96 -13.04
C ARG E 166 16.41 -15.19 -14.22
N ARG E 167 15.55 -14.74 -15.15
CA ARG E 167 15.98 -13.91 -16.27
C ARG E 167 15.50 -12.47 -16.14
N TYR E 168 15.21 -12.02 -14.92
CA TYR E 168 14.74 -10.65 -14.70
C TYR E 168 15.86 -9.65 -14.99
N PRO E 169 15.59 -8.58 -15.76
CA PRO E 169 14.32 -8.18 -16.36
C PRO E 169 14.21 -8.44 -17.85
N LEU E 170 14.67 -9.60 -18.32
CA LEU E 170 14.70 -9.96 -19.72
C LEU E 170 13.90 -11.22 -19.97
N ASP E 171 12.73 -11.32 -19.33
CA ASP E 171 12.01 -12.57 -19.21
C ASP E 171 10.61 -12.49 -19.84
N GLU E 172 10.03 -13.67 -20.06
CA GLU E 172 8.65 -13.83 -20.46
C GLU E 172 7.88 -14.54 -19.36
N GLN E 173 6.64 -14.12 -19.12
CA GLN E 173 5.83 -14.67 -18.05
C GLN E 173 4.51 -15.21 -18.59
N ASN E 174 4.12 -16.39 -18.08
CA ASN E 174 2.86 -17.03 -18.40
C ASN E 174 2.00 -17.01 -17.15
N CYS E 175 0.97 -16.18 -17.15
CA CYS E 175 0.01 -16.09 -16.06
C CYS E 175 -1.37 -16.55 -16.53
N THR E 176 -2.00 -17.42 -15.76
CA THR E 176 -3.20 -18.12 -16.18
C THR E 176 -4.41 -17.65 -15.38
N LEU E 177 -5.58 -18.12 -15.79
CA LEU E 177 -6.81 -17.97 -15.02
C LEU E 177 -7.61 -19.26 -15.17
N GLU E 178 -7.66 -20.06 -14.13
CA GLU E 178 -8.31 -21.36 -14.19
C GLU E 178 -9.76 -21.22 -13.75
N ILE E 179 -10.69 -21.73 -14.56
CA ILE E 179 -12.11 -21.65 -14.28
C ILE E 179 -12.64 -23.07 -14.15
N GLU E 180 -13.25 -23.37 -13.01
CA GLU E 180 -13.63 -24.73 -12.69
C GLU E 180 -14.95 -24.73 -11.92
N SER E 181 -15.73 -25.78 -12.09
CA SER E 181 -16.93 -25.98 -11.28
C SER E 181 -16.55 -26.60 -9.95
N TYR E 182 -17.13 -26.08 -8.86
CA TYR E 182 -16.67 -26.52 -7.54
C TYR E 182 -17.27 -27.87 -7.15
N GLY E 183 -18.59 -27.93 -7.03
CA GLY E 183 -19.21 -29.14 -6.55
C GLY E 183 -19.55 -30.13 -7.65
N TYR E 184 -19.99 -29.60 -8.79
CA TYR E 184 -20.54 -30.44 -9.84
C TYR E 184 -19.42 -31.02 -10.69
N THR E 185 -19.45 -32.33 -10.88
CA THR E 185 -18.42 -33.03 -11.63
C THR E 185 -18.74 -32.97 -13.12
N THR E 186 -18.00 -33.74 -13.93
CA THR E 186 -18.21 -33.73 -15.37
C THR E 186 -19.41 -34.56 -15.81
N ASP E 187 -20.04 -35.31 -14.89
CA ASP E 187 -21.32 -35.93 -15.16
C ASP E 187 -22.50 -35.02 -14.88
N ASP E 188 -22.26 -33.92 -14.14
CA ASP E 188 -23.30 -32.96 -13.81
C ASP E 188 -23.25 -31.70 -14.67
N ILE E 189 -22.06 -31.22 -15.00
CA ILE E 189 -21.92 -29.94 -15.70
C ILE E 189 -20.81 -30.10 -16.73
N GLU E 190 -20.87 -29.29 -17.78
CA GLU E 190 -19.89 -29.32 -18.85
C GLU E 190 -19.62 -27.90 -19.31
N PHE E 191 -18.36 -27.54 -19.46
CA PHE E 191 -17.97 -26.18 -19.83
C PHE E 191 -17.50 -26.13 -21.27
N TYR E 192 -17.66 -24.96 -21.89
CA TYR E 192 -17.07 -24.69 -23.19
C TYR E 192 -16.91 -23.17 -23.33
N TRP E 193 -15.94 -22.77 -24.14
CA TRP E 193 -15.78 -21.36 -24.46
C TRP E 193 -16.77 -21.00 -25.56
N ARG E 194 -17.67 -20.07 -25.27
CA ARG E 194 -18.69 -19.69 -26.24
C ARG E 194 -18.08 -18.75 -27.26
N GLY E 195 -18.10 -19.16 -28.52
CA GLY E 195 -17.45 -18.44 -29.59
C GLY E 195 -16.13 -19.03 -30.04
N GLY E 196 -15.68 -20.11 -29.40
CA GLY E 196 -14.42 -20.71 -29.77
C GLY E 196 -13.26 -19.89 -29.27
N ASP E 197 -12.34 -19.55 -30.18
CA ASP E 197 -11.18 -18.75 -29.81
C ASP E 197 -11.50 -17.26 -29.69
N LYS E 198 -12.66 -16.83 -30.17
CA LYS E 198 -13.11 -15.46 -30.00
C LYS E 198 -13.97 -15.27 -28.75
N ALA E 199 -13.84 -16.16 -27.77
CA ALA E 199 -14.59 -16.03 -26.53
C ALA E 199 -14.07 -14.86 -25.70
N VAL E 200 -12.80 -14.93 -25.31
CA VAL E 200 -12.21 -13.86 -24.50
C VAL E 200 -11.87 -12.69 -25.41
N THR E 201 -12.49 -11.54 -25.15
CA THR E 201 -12.24 -10.31 -25.87
C THR E 201 -11.61 -9.28 -24.94
N GLY E 202 -11.11 -8.20 -25.54
CA GLY E 202 -10.55 -7.11 -24.78
C GLY E 202 -9.09 -7.24 -24.42
N VAL E 203 -8.40 -8.28 -24.90
CA VAL E 203 -6.98 -8.44 -24.58
C VAL E 203 -6.14 -7.49 -25.42
N GLU E 204 -6.56 -7.20 -26.66
CA GLU E 204 -5.81 -6.30 -27.52
C GLU E 204 -5.90 -4.84 -27.08
N ARG E 205 -6.88 -4.50 -26.24
CA ARG E 205 -7.00 -3.15 -25.71
C ARG E 205 -6.11 -2.91 -24.50
N ILE E 206 -5.49 -3.95 -23.96
CA ILE E 206 -4.75 -3.83 -22.71
C ILE E 206 -3.35 -3.32 -23.02
N GLU E 207 -2.98 -2.23 -22.34
CA GLU E 207 -1.68 -1.64 -22.48
C GLU E 207 -1.06 -1.60 -21.10
N LEU E 208 -0.33 -2.65 -20.74
CA LEU E 208 0.31 -2.74 -19.44
C LEU E 208 1.48 -1.76 -19.36
N PRO E 209 1.82 -1.27 -18.14
CA PRO E 209 2.91 -0.30 -18.02
C PRO E 209 4.28 -0.84 -18.34
N GLN E 210 4.65 -2.01 -17.80
CA GLN E 210 5.98 -2.57 -17.99
C GLN E 210 5.95 -3.96 -18.61
N PHE E 211 4.82 -4.37 -19.19
CA PHE E 211 4.69 -5.66 -19.84
C PHE E 211 4.08 -5.48 -21.21
N SER E 212 3.96 -6.58 -21.94
CA SER E 212 3.37 -6.58 -23.27
C SER E 212 2.80 -7.96 -23.53
N ILE E 213 1.48 -8.04 -23.73
CA ILE E 213 0.83 -9.33 -23.90
C ILE E 213 1.14 -9.86 -25.29
N VAL E 214 1.82 -11.00 -25.34
CA VAL E 214 2.18 -11.60 -26.63
C VAL E 214 1.00 -12.36 -27.22
N GLU E 215 0.48 -13.34 -26.48
CA GLU E 215 -0.58 -14.19 -27.00
C GLU E 215 -1.38 -14.76 -25.83
N HIS E 216 -2.70 -14.77 -25.98
CA HIS E 216 -3.58 -15.43 -25.02
C HIS E 216 -4.17 -16.69 -25.66
N ARG E 217 -4.38 -17.71 -24.83
CA ARG E 217 -4.84 -19.01 -25.30
C ARG E 217 -6.00 -19.50 -24.45
N LEU E 218 -6.82 -20.36 -25.04
CA LEU E 218 -8.00 -20.92 -24.40
C LEU E 218 -7.88 -22.44 -24.37
N VAL E 219 -7.99 -23.03 -23.18
CA VAL E 219 -7.80 -24.45 -22.98
C VAL E 219 -9.03 -25.01 -22.28
N SER E 220 -9.57 -26.11 -22.80
CA SER E 220 -10.69 -26.82 -22.18
C SER E 220 -10.25 -28.25 -21.90
N ARG E 221 -10.34 -28.67 -20.64
CA ARG E 221 -9.88 -29.99 -20.24
C ARG E 221 -10.60 -30.41 -18.95
N ASN E 222 -10.42 -31.67 -18.58
CA ASN E 222 -11.07 -32.25 -17.41
C ASN E 222 -10.02 -32.69 -16.41
N VAL E 223 -10.24 -32.36 -15.14
CA VAL E 223 -9.25 -32.56 -14.08
C VAL E 223 -9.86 -33.44 -12.99
N VAL E 224 -9.12 -34.47 -12.58
CA VAL E 224 -9.57 -35.41 -11.57
C VAL E 224 -8.98 -35.01 -10.22
N PHE E 225 -9.84 -34.76 -9.24
CA PHE E 225 -9.48 -34.56 -7.85
C PHE E 225 -9.87 -35.79 -7.02
N ALA E 226 -9.73 -35.67 -5.70
CA ALA E 226 -10.04 -36.78 -4.81
C ALA E 226 -11.54 -37.01 -4.69
N THR E 227 -12.35 -36.00 -4.99
CA THR E 227 -13.80 -36.17 -4.93
C THR E 227 -14.37 -36.63 -6.27
N GLY E 228 -13.91 -36.05 -7.37
CA GLY E 228 -14.41 -36.45 -8.67
C GLY E 228 -13.58 -35.85 -9.78
N ALA E 229 -14.12 -35.93 -10.99
CA ALA E 229 -13.51 -35.37 -12.19
C ALA E 229 -14.26 -34.11 -12.58
N TYR E 230 -13.57 -32.97 -12.56
CA TYR E 230 -14.25 -31.71 -12.78
C TYR E 230 -13.86 -31.09 -14.12
N PRO E 231 -14.77 -30.40 -14.79
CA PRO E 231 -14.39 -29.67 -16.01
C PRO E 231 -13.66 -28.38 -15.67
N ARG E 232 -12.69 -28.05 -16.51
CA ARG E 232 -11.88 -26.86 -16.27
C ARG E 232 -11.68 -26.09 -17.57
N LEU E 233 -11.84 -24.77 -17.49
CA LEU E 233 -11.48 -23.86 -18.56
C LEU E 233 -10.29 -23.02 -18.12
N SER E 234 -9.36 -22.76 -19.04
CA SER E 234 -8.15 -22.02 -18.75
C SER E 234 -7.97 -20.88 -19.72
N LEU E 235 -7.95 -19.66 -19.20
CA LEU E 235 -7.44 -18.49 -19.91
C LEU E 235 -6.04 -18.22 -19.42
N SER E 236 -5.11 -18.03 -20.35
CA SER E 236 -3.71 -17.86 -19.98
C SER E 236 -3.03 -16.91 -20.95
N PHE E 237 -2.26 -15.98 -20.41
CA PHE E 237 -1.58 -14.94 -21.19
C PHE E 237 -0.11 -15.30 -21.36
N ARG E 238 0.60 -14.46 -22.10
CA ARG E 238 2.06 -14.57 -22.21
C ARG E 238 2.62 -13.15 -22.14
N LEU E 239 3.12 -12.77 -20.97
CA LEU E 239 3.59 -11.42 -20.73
C LEU E 239 5.08 -11.34 -21.05
N LYS E 240 5.46 -10.40 -21.90
CA LYS E 240 6.86 -10.11 -22.18
C LYS E 240 7.22 -8.76 -21.57
N ARG E 241 8.29 -8.74 -20.79
CA ARG E 241 8.66 -7.53 -20.05
C ARG E 241 9.40 -6.56 -20.98
N ASN E 242 8.98 -5.31 -20.95
CA ASN E 242 9.67 -4.27 -21.72
C ASN E 242 10.96 -3.89 -21.01
N ILE E 243 11.98 -3.54 -21.80
CA ILE E 243 13.35 -3.43 -21.30
C ILE E 243 13.84 -1.99 -21.25
N GLY E 244 13.07 -1.03 -21.75
CA GLY E 244 13.51 0.35 -21.77
C GLY E 244 13.55 1.00 -20.40
N TYR E 245 12.83 0.45 -19.43
CA TYR E 245 12.84 1.01 -18.08
C TYR E 245 14.16 0.74 -17.38
N PHE E 246 14.73 -0.45 -17.60
CA PHE E 246 15.85 -0.91 -16.82
C PHE E 246 17.19 -0.54 -17.43
N ILE E 247 17.22 -0.16 -18.71
CA ILE E 247 18.46 0.31 -19.32
C ILE E 247 18.84 1.67 -18.75
N LEU E 248 17.89 2.59 -18.67
CA LEU E 248 18.18 3.93 -18.18
C LEU E 248 18.48 3.93 -16.68
N GLN E 249 17.84 3.05 -15.92
CA GLN E 249 18.00 3.07 -14.48
C GLN E 249 19.14 2.18 -14.00
N THR E 250 19.18 0.93 -14.47
CA THR E 250 20.06 -0.07 -13.87
C THR E 250 21.31 -0.34 -14.69
N TYR E 251 21.19 -0.44 -16.02
CA TYR E 251 22.32 -0.89 -16.81
C TYR E 251 23.27 0.26 -17.15
N MET E 252 22.75 1.36 -17.70
CA MET E 252 23.58 2.46 -18.20
C MET E 252 24.44 3.17 -17.16
N PRO E 253 23.98 3.49 -15.93
CA PRO E 253 24.95 4.03 -14.96
C PRO E 253 25.91 2.97 -14.44
N SER E 254 25.51 1.71 -14.36
CA SER E 254 26.42 0.66 -13.92
C SER E 254 27.50 0.39 -14.96
N ILE E 255 27.24 0.70 -16.24
CA ILE E 255 28.29 0.63 -17.25
C ILE E 255 29.26 1.80 -17.10
N LEU E 256 28.71 3.01 -16.96
CA LEU E 256 29.54 4.22 -16.94
C LEU E 256 30.34 4.36 -15.66
N ILE E 257 29.97 3.67 -14.59
CA ILE E 257 30.81 3.64 -13.39
C ILE E 257 32.00 2.72 -13.60
N THR E 258 31.82 1.62 -14.33
CA THR E 258 32.93 0.73 -14.66
C THR E 258 33.93 1.41 -15.59
N ILE E 259 33.44 2.26 -16.50
CA ILE E 259 34.32 2.98 -17.41
C ILE E 259 35.12 4.05 -16.65
N LEU E 260 34.54 4.65 -15.62
CA LEU E 260 35.30 5.59 -14.81
C LEU E 260 36.33 4.92 -13.91
N SER E 261 36.20 3.61 -13.67
CA SER E 261 37.26 2.88 -12.98
C SER E 261 38.48 2.69 -13.86
N TRP E 262 38.31 2.80 -15.17
CA TRP E 262 39.41 2.65 -16.12
C TRP E 262 40.23 3.93 -16.26
N VAL E 263 39.74 5.05 -15.71
CA VAL E 263 40.45 6.32 -15.75
C VAL E 263 41.75 6.25 -14.94
N SER E 264 41.84 5.34 -13.96
CA SER E 264 43.04 5.14 -13.17
C SER E 264 44.11 4.34 -13.90
N PHE E 265 44.03 4.24 -15.22
CA PHE E 265 45.05 3.59 -16.04
C PHE E 265 45.85 4.58 -16.88
N TRP E 266 45.24 5.69 -17.25
CA TRP E 266 45.91 6.77 -17.97
C TRP E 266 46.49 7.83 -17.04
N ILE E 267 46.59 7.54 -15.75
CA ILE E 267 47.17 8.45 -14.77
C ILE E 267 48.46 7.82 -14.27
N ASN E 268 49.46 8.65 -13.99
CA ASN E 268 50.77 8.19 -13.56
C ASN E 268 50.70 7.47 -12.23
N TYR E 269 51.64 6.53 -12.03
CA TYR E 269 51.66 5.70 -10.84
C TYR E 269 52.03 6.47 -9.58
N ASP E 270 52.69 7.63 -9.73
CA ASP E 270 53.02 8.45 -8.57
C ASP E 270 51.80 9.12 -7.97
N ALA E 271 50.71 9.26 -8.73
CA ALA E 271 49.47 9.84 -8.23
C ALA E 271 48.77 8.81 -7.35
N SER E 272 49.20 8.76 -6.09
CA SER E 272 48.60 7.82 -5.15
C SER E 272 47.26 8.31 -4.64
N ALA E 273 47.16 9.60 -4.35
CA ALA E 273 45.90 10.15 -3.88
C ALA E 273 44.87 10.26 -4.99
N ALA E 274 45.28 10.21 -6.26
CA ALA E 274 44.34 10.32 -7.37
C ALA E 274 43.84 8.96 -7.82
N ARG E 275 44.74 7.98 -7.98
CA ARG E 275 44.32 6.69 -8.51
C ARG E 275 43.58 5.86 -7.47
N VAL E 276 43.78 6.12 -6.18
CA VAL E 276 42.97 5.48 -5.16
C VAL E 276 41.58 6.11 -5.10
N ALA E 277 41.52 7.45 -5.14
CA ALA E 277 40.24 8.15 -5.00
C ALA E 277 39.32 7.94 -6.18
N LEU E 278 39.84 7.56 -7.35
CA LEU E 278 39.00 6.99 -8.38
C LEU E 278 38.38 5.68 -7.92
N GLY E 279 39.22 4.66 -7.69
CA GLY E 279 38.72 3.31 -7.50
C GLY E 279 37.99 3.08 -6.20
N ILE E 280 38.34 3.85 -5.15
CA ILE E 280 37.62 3.74 -3.88
C ILE E 280 36.24 4.37 -3.98
N THR E 281 36.13 5.54 -4.62
CA THR E 281 34.82 6.13 -4.81
C THR E 281 34.03 5.37 -5.86
N THR E 282 34.71 4.63 -6.73
CA THR E 282 34.03 3.83 -7.74
C THR E 282 33.45 2.55 -7.16
N VAL E 283 34.09 1.94 -6.15
CA VAL E 283 33.46 0.80 -5.49
C VAL E 283 32.36 1.25 -4.54
N LEU E 284 32.38 2.52 -4.10
CA LEU E 284 31.30 3.03 -3.28
C LEU E 284 30.08 3.36 -4.13
N THR E 285 30.30 3.86 -5.34
CA THR E 285 29.19 4.17 -6.23
C THR E 285 28.50 2.90 -6.72
N MET E 286 29.28 1.84 -6.95
CA MET E 286 28.68 0.55 -7.28
C MET E 286 27.93 -0.05 -6.11
N THR E 287 28.33 0.29 -4.88
CA THR E 287 27.57 -0.16 -3.72
C THR E 287 26.25 0.60 -3.60
N THR E 288 26.30 1.93 -3.77
CA THR E 288 25.08 2.73 -3.69
C THR E 288 24.16 2.52 -4.89
N ILE E 289 24.65 1.95 -5.99
CA ILE E 289 23.74 1.51 -7.03
C ILE E 289 23.05 0.22 -6.63
N ASN E 290 23.81 -0.75 -6.12
CA ASN E 290 23.25 -2.07 -5.86
C ASN E 290 22.35 -2.07 -4.64
N THR E 291 22.72 -1.32 -3.60
CA THR E 291 21.91 -1.29 -2.38
C THR E 291 20.62 -0.49 -2.58
N HIS E 292 20.69 0.60 -3.34
CA HIS E 292 19.48 1.38 -3.60
C HIS E 292 18.61 0.80 -4.70
N LEU E 293 19.14 -0.09 -5.55
CA LEU E 293 18.24 -0.85 -6.42
C LEU E 293 17.58 -1.99 -5.67
N ARG E 294 18.19 -2.47 -4.58
CA ARG E 294 17.52 -3.48 -3.76
C ARG E 294 16.31 -2.91 -3.05
N GLU E 295 16.34 -1.62 -2.73
CA GLU E 295 15.17 -0.94 -2.18
C GLU E 295 14.18 -0.48 -3.24
N THR E 296 14.58 -0.46 -4.51
CA THR E 296 13.75 0.05 -5.58
C THR E 296 13.15 -1.05 -6.45
N LEU E 297 13.95 -2.03 -6.85
CA LEU E 297 13.45 -3.19 -7.57
C LEU E 297 12.57 -4.03 -6.63
N PRO E 298 11.64 -4.81 -7.18
CA PRO E 298 10.82 -5.68 -6.32
C PRO E 298 11.65 -6.74 -5.63
N LYS E 299 11.33 -6.98 -4.35
CA LYS E 299 12.11 -7.88 -3.50
C LYS E 299 11.71 -9.31 -3.79
N ILE E 300 12.56 -10.03 -4.51
CA ILE E 300 12.36 -11.46 -4.74
C ILE E 300 13.66 -12.17 -4.36
N PRO E 301 13.69 -12.90 -3.26
CA PRO E 301 14.99 -13.37 -2.72
C PRO E 301 15.54 -14.64 -3.37
N TYR E 302 15.93 -14.52 -4.65
CA TYR E 302 16.89 -15.44 -5.24
C TYR E 302 17.65 -14.71 -6.34
N VAL E 303 18.54 -15.44 -7.01
CA VAL E 303 19.51 -14.83 -7.91
C VAL E 303 18.86 -14.59 -9.27
N LYS E 304 18.83 -13.33 -9.69
CA LYS E 304 18.20 -12.91 -10.94
C LYS E 304 19.28 -12.62 -11.98
N ALA E 305 18.85 -12.27 -13.19
CA ALA E 305 19.79 -11.91 -14.24
C ALA E 305 20.31 -10.49 -14.09
N ILE E 306 19.63 -9.64 -13.32
CA ILE E 306 20.14 -8.31 -13.05
C ILE E 306 21.12 -8.33 -11.88
N ASP E 307 21.02 -9.34 -11.01
CA ASP E 307 21.96 -9.45 -9.89
C ASP E 307 23.32 -9.93 -10.36
N MET E 308 23.35 -10.79 -11.38
CA MET E 308 24.63 -11.28 -11.89
C MET E 308 25.33 -10.25 -12.75
N TYR E 309 24.59 -9.31 -13.33
CA TYR E 309 25.25 -8.25 -14.07
C TYR E 309 25.82 -7.19 -13.14
N LEU E 310 25.10 -6.89 -12.07
CA LEU E 310 25.58 -5.89 -11.12
C LEU E 310 26.72 -6.45 -10.25
N MET E 311 26.68 -7.73 -9.93
CA MET E 311 27.82 -8.36 -9.29
C MET E 311 28.96 -8.55 -10.27
N GLY E 312 28.64 -8.73 -11.56
CA GLY E 312 29.68 -8.85 -12.56
C GLY E 312 30.39 -7.53 -12.84
N CYS E 313 29.64 -6.42 -12.82
CA CYS E 313 30.25 -5.11 -12.96
C CYS E 313 30.98 -4.67 -11.71
N PHE E 314 30.61 -5.22 -10.54
CA PHE E 314 31.30 -4.86 -9.31
C PHE E 314 32.69 -5.47 -9.25
N VAL E 315 32.92 -6.58 -9.97
CA VAL E 315 34.23 -7.21 -9.97
C VAL E 315 35.23 -6.41 -10.80
N PHE E 316 34.79 -5.92 -11.98
CA PHE E 316 35.66 -5.09 -12.82
C PHE E 316 36.01 -3.77 -12.15
N VAL E 317 35.12 -3.27 -11.29
CA VAL E 317 35.44 -2.10 -10.47
C VAL E 317 36.37 -2.49 -9.34
N PHE E 318 36.19 -3.68 -8.78
CA PHE E 318 37.06 -4.17 -7.70
C PHE E 318 38.44 -4.53 -8.22
N LEU E 319 38.53 -5.12 -9.42
CA LEU E 319 39.83 -5.51 -9.96
C LEU E 319 40.63 -4.30 -10.44
N ALA E 320 39.96 -3.24 -10.88
CA ALA E 320 40.66 -2.06 -11.36
C ALA E 320 41.34 -1.30 -10.24
N LEU E 321 40.88 -1.45 -9.00
CA LEU E 321 41.57 -0.90 -7.86
C LEU E 321 42.65 -1.84 -7.32
N LEU E 322 42.50 -3.14 -7.55
CA LEU E 322 43.60 -4.07 -7.33
C LEU E 322 44.74 -3.85 -8.31
N GLU E 323 44.47 -3.25 -9.47
CA GLU E 323 45.52 -2.98 -10.44
C GLU E 323 46.48 -1.92 -9.93
N TYR E 324 45.99 -0.94 -9.17
CA TYR E 324 46.90 0.10 -8.68
C TYR E 324 47.78 -0.43 -7.55
N ALA E 325 47.22 -1.20 -6.63
CA ALA E 325 48.02 -1.71 -5.52
C ALA E 325 49.00 -2.77 -5.99
N PHE E 326 48.73 -3.42 -7.12
CA PHE E 326 49.74 -4.28 -7.72
C PHE E 326 50.84 -3.44 -8.38
N VAL E 327 50.48 -2.28 -8.93
CA VAL E 327 51.47 -1.34 -9.43
C VAL E 327 52.22 -0.69 -8.27
N ASN E 328 51.51 -0.31 -7.21
CA ASN E 328 52.12 0.42 -6.12
C ASN E 328 53.02 -0.48 -5.27
N TYR E 329 52.79 -1.79 -5.29
CA TYR E 329 53.67 -2.70 -4.57
C TYR E 329 54.93 -3.04 -5.36
N ILE E 330 54.89 -2.98 -6.68
CA ILE E 330 56.06 -3.33 -7.46
C ILE E 330 57.08 -2.19 -7.49
N PHE E 331 56.61 -0.95 -7.62
CA PHE E 331 57.54 0.17 -7.71
C PHE E 331 58.18 0.48 -6.36
N PHE E 332 57.44 0.29 -5.26
CA PHE E 332 57.94 0.67 -3.95
C PHE E 332 58.28 -0.48 -3.02
N GLY E 333 57.55 -1.60 -3.09
CA GLY E 333 57.84 -2.70 -2.19
C GLY E 333 58.87 -3.65 -2.77
N ARG E 334 58.66 -4.08 -4.02
CA ARG E 334 59.64 -4.86 -4.76
C ARG E 334 60.43 -3.98 -5.72
N GLY E 335 60.65 -2.72 -5.36
CA GLY E 335 61.33 -1.76 -6.18
C GLY E 335 62.84 -1.67 -5.98
N PRO E 336 63.29 -1.42 -4.74
CA PRO E 336 64.75 -1.40 -4.49
C PRO E 336 65.43 -2.76 -4.50
N GLN E 337 64.73 -3.85 -4.81
CA GLN E 337 65.35 -5.17 -4.88
C GLN E 337 65.58 -5.58 -6.33
N ASP E 444 58.34 -4.20 -14.31
CA ASP E 444 58.06 -2.95 -15.02
C ASP E 444 56.76 -2.35 -14.48
N VAL E 445 56.67 -1.02 -14.50
CA VAL E 445 55.55 -0.30 -13.91
C VAL E 445 54.66 0.31 -14.99
N ASN E 446 55.25 0.88 -16.03
CA ASN E 446 54.49 1.41 -17.15
C ASN E 446 53.86 0.30 -17.97
N ALA E 447 54.41 -0.90 -17.92
CA ALA E 447 53.86 -2.01 -18.71
C ALA E 447 52.54 -2.50 -18.17
N ILE E 448 52.34 -2.47 -16.85
CA ILE E 448 51.10 -2.97 -16.26
C ILE E 448 49.96 -1.99 -16.48
N ASP E 449 50.25 -0.68 -16.42
CA ASP E 449 49.24 0.31 -16.77
C ASP E 449 48.92 0.27 -18.25
N ARG E 450 49.92 -0.04 -19.09
CA ARG E 450 49.65 -0.15 -20.52
C ARG E 450 48.90 -1.43 -20.85
N TRP E 451 49.13 -2.49 -20.09
CA TRP E 451 48.43 -3.76 -20.31
C TRP E 451 46.96 -3.66 -19.92
N SER E 452 46.67 -2.95 -18.83
CA SER E 452 45.31 -2.87 -18.32
C SER E 452 44.43 -1.92 -19.12
N ARG E 453 45.02 -1.02 -19.92
CA ARG E 453 44.23 -0.19 -20.81
C ARG E 453 43.59 -0.98 -21.94
N ILE E 454 44.11 -2.16 -22.26
CA ILE E 454 43.60 -2.98 -23.34
C ILE E 454 42.73 -4.11 -22.81
N VAL E 455 43.16 -4.77 -21.73
CA VAL E 455 42.53 -6.00 -21.28
C VAL E 455 41.18 -5.73 -20.63
N PHE E 456 41.12 -4.82 -19.66
CA PHE E 456 39.89 -4.53 -18.95
C PHE E 456 38.77 -3.90 -19.79
N PRO E 457 39.04 -3.04 -20.79
CA PRO E 457 37.97 -2.75 -21.75
C PRO E 457 37.61 -3.93 -22.64
N PHE E 458 38.56 -4.82 -22.92
CA PHE E 458 38.25 -5.99 -23.75
C PHE E 458 37.46 -7.02 -22.96
N THR E 459 37.83 -7.25 -21.71
CA THR E 459 37.16 -8.28 -20.91
C THR E 459 35.76 -7.85 -20.52
N PHE E 460 35.55 -6.56 -20.25
CA PHE E 460 34.21 -6.07 -19.95
C PHE E 460 33.32 -6.07 -21.19
N SER E 461 33.88 -5.80 -22.36
CA SER E 461 33.12 -5.97 -23.59
C SER E 461 32.88 -7.44 -23.90
N LEU E 462 33.82 -8.31 -23.50
CA LEU E 462 33.58 -9.74 -23.61
C LEU E 462 32.52 -10.20 -22.61
N PHE E 463 32.48 -9.59 -21.43
CA PHE E 463 31.47 -9.93 -20.44
C PHE E 463 30.07 -9.50 -20.88
N ASN E 464 29.96 -8.39 -21.61
CA ASN E 464 28.67 -8.01 -22.17
C ASN E 464 28.26 -8.94 -23.30
N LEU E 465 29.23 -9.49 -24.03
CA LEU E 465 28.91 -10.41 -25.11
C LEU E 465 28.43 -11.75 -24.57
N VAL E 466 28.94 -12.17 -23.41
CA VAL E 466 28.41 -13.37 -22.76
C VAL E 466 27.05 -13.09 -22.15
N TYR E 467 26.87 -11.89 -21.60
CA TYR E 467 25.64 -11.57 -20.89
C TYR E 467 24.49 -11.32 -21.86
N TRP E 468 24.69 -10.45 -22.84
CA TRP E 468 23.60 -10.04 -23.72
C TRP E 468 23.32 -11.03 -24.84
N LEU E 469 23.98 -12.19 -24.85
CA LEU E 469 23.58 -13.30 -25.72
C LEU E 469 22.95 -14.45 -24.94
N TYR E 470 23.28 -14.60 -23.66
CA TYR E 470 22.68 -15.65 -22.86
C TYR E 470 21.26 -15.31 -22.44
N TYR E 471 21.00 -14.04 -22.14
CA TYR E 471 19.68 -13.61 -21.66
C TYR E 471 18.88 -12.88 -22.74
N VAL E 472 19.24 -13.02 -24.00
CA VAL E 472 18.45 -12.47 -25.09
C VAL E 472 18.12 -13.56 -26.11
N GLN F 1 8.98 8.12 -37.11
CA GLN F 1 8.01 9.13 -37.54
C GLN F 1 6.59 8.55 -37.56
N VAL F 2 5.66 9.27 -36.96
CA VAL F 2 4.28 8.80 -36.83
C VAL F 2 3.53 9.13 -38.11
N GLN F 3 2.95 8.10 -38.74
CA GLN F 3 2.17 8.26 -39.96
C GLN F 3 0.76 7.78 -39.72
N LEU F 4 -0.21 8.68 -39.88
CA LEU F 4 -1.63 8.32 -39.92
C LEU F 4 -2.07 8.29 -41.38
N GLN F 5 -1.68 7.23 -42.07
CA GLN F 5 -2.00 7.07 -43.48
C GLN F 5 -3.46 6.68 -43.63
N GLU F 6 -4.22 7.50 -44.34
CA GLU F 6 -5.64 7.27 -44.54
C GLU F 6 -5.88 6.50 -45.84
N SER F 7 -7.03 5.85 -45.91
CA SER F 7 -7.41 5.07 -47.09
C SER F 7 -8.93 5.13 -47.22
N GLY F 8 -9.47 4.24 -48.05
CA GLY F 8 -10.90 4.20 -48.27
C GLY F 8 -11.28 4.61 -49.67
N GLY F 9 -12.44 5.26 -49.82
CA GLY F 9 -12.90 5.73 -51.11
C GLY F 9 -12.76 7.24 -51.27
N GLY F 10 -13.09 7.70 -52.48
CA GLY F 10 -12.99 9.12 -52.78
C GLY F 10 -14.09 9.68 -53.64
N LEU F 11 -15.06 8.85 -54.01
CA LEU F 11 -16.16 9.27 -54.89
C LEU F 11 -17.28 8.26 -54.77
N VAL F 12 -18.51 8.76 -54.59
CA VAL F 12 -19.68 7.90 -54.42
C VAL F 12 -20.92 8.69 -54.81
N GLN F 13 -21.95 7.97 -55.26
CA GLN F 13 -23.24 8.58 -55.55
C GLN F 13 -23.95 8.92 -54.24
N GLY F 422 -25.23 6.22 -51.54
CA GLY F 422 -24.41 5.05 -51.45
C GLY F 422 -23.48 5.10 -50.24
N SER F 423 -23.07 3.92 -49.79
CA SER F 423 -22.22 3.82 -48.61
C SER F 423 -20.75 3.97 -48.98
N LEU F 424 -19.92 4.09 -47.95
CA LEU F 424 -18.48 4.22 -48.12
C LEU F 424 -17.84 3.78 -46.81
N ARG F 425 -16.56 3.40 -46.88
CA ARG F 425 -15.83 2.98 -45.68
C ARG F 425 -14.44 3.60 -45.73
N VAL F 426 -14.27 4.72 -45.03
CA VAL F 426 -12.98 5.41 -44.97
C VAL F 426 -12.20 4.84 -43.79
N SER F 427 -11.00 4.35 -44.05
CA SER F 427 -10.15 3.73 -43.04
C SER F 427 -8.93 4.61 -42.76
N CYS F 428 -8.16 4.20 -41.75
CA CYS F 428 -6.99 4.96 -41.32
C CYS F 428 -6.00 4.01 -40.66
N ALA F 429 -4.96 3.62 -41.39
CA ALA F 429 -3.93 2.74 -40.86
C ALA F 429 -2.81 3.56 -40.26
N ALA F 430 -2.50 3.30 -38.99
CA ALA F 430 -1.48 4.04 -38.28
C ALA F 430 -0.13 3.33 -38.35
N SER F 431 0.91 4.05 -37.93
CA SER F 431 2.26 3.50 -37.98
C SER F 431 3.14 4.25 -36.99
N GLY F 432 4.14 3.55 -36.46
CA GLY F 432 5.17 4.16 -35.64
C GLY F 432 4.83 4.28 -34.16
N ARG F 433 3.57 4.15 -33.79
CA ARG F 433 3.16 4.27 -32.40
C ARG F 433 1.88 3.49 -32.19
N THR F 434 1.82 2.69 -31.12
CA THR F 434 0.60 1.99 -30.77
C THR F 434 -0.40 2.98 -30.20
N PHE F 435 -1.49 3.24 -30.91
CA PHE F 435 -2.46 4.21 -30.43
C PHE F 435 -3.62 3.61 -29.65
N THR F 436 -3.42 2.44 -29.04
CA THR F 436 -4.51 1.82 -28.30
C THR F 436 -4.97 2.69 -27.14
N THR F 437 -4.02 3.27 -26.42
CA THR F 437 -4.32 4.15 -25.30
C THR F 437 -5.02 5.45 -25.73
N TYR F 438 -4.58 5.99 -26.86
CA TYR F 438 -5.10 7.24 -27.43
C TYR F 438 -6.49 7.15 -28.04
N ILE F 439 -7.13 8.31 -28.16
CA ILE F 439 -8.45 8.42 -28.78
C ILE F 439 -8.25 8.70 -30.25
N MET F 440 -8.77 7.82 -31.10
CA MET F 440 -8.62 7.94 -32.55
C MET F 440 -9.94 8.44 -33.13
N ALA F 441 -9.93 9.67 -33.64
CA ALA F 441 -11.15 10.36 -34.04
C ALA F 441 -11.20 10.53 -35.55
N TRP F 442 -12.32 11.10 -36.01
CA TRP F 442 -12.52 11.50 -37.40
C TRP F 442 -13.07 12.92 -37.43
N PHE F 443 -12.44 13.78 -38.22
CA PHE F 443 -12.93 15.13 -38.41
C PHE F 443 -13.41 15.34 -39.84
N ARG F 444 -13.83 16.57 -40.10
CA ARG F 444 -14.41 16.95 -41.38
C ARG F 444 -14.15 18.43 -41.59
N GLN F 445 -13.67 18.78 -42.78
CA GLN F 445 -13.39 20.18 -43.11
C GLN F 445 -13.89 20.45 -44.52
N ALA F 446 -15.00 21.17 -44.61
CA ALA F 446 -15.52 21.66 -45.87
C ALA F 446 -14.66 22.84 -46.34
N PRO F 447 -14.79 23.25 -47.63
CA PRO F 447 -14.20 24.54 -48.03
C PRO F 447 -14.84 25.70 -47.29
N GLY F 448 -14.06 26.35 -46.43
CA GLY F 448 -14.60 27.32 -45.49
C GLY F 448 -13.86 27.27 -44.16
N LYS F 449 -12.96 26.29 -44.03
CA LYS F 449 -12.00 26.15 -42.93
C LYS F 449 -12.69 25.99 -41.57
N GLU F 450 -13.47 24.91 -41.46
CA GLU F 450 -14.17 24.58 -40.22
C GLU F 450 -13.97 23.08 -39.93
N ARG F 451 -13.04 22.77 -39.02
CA ARG F 451 -12.86 21.39 -38.58
C ARG F 451 -14.05 20.96 -37.73
N GLU F 452 -14.82 20.01 -38.24
CA GLU F 452 -16.05 19.54 -37.60
C GLU F 452 -15.85 18.13 -37.08
N PHE F 453 -16.23 17.91 -35.83
CA PHE F 453 -16.16 16.58 -35.23
C PHE F 453 -17.17 15.64 -35.86
N LEU F 454 -16.73 14.42 -36.16
CA LEU F 454 -17.62 13.39 -36.68
C LEU F 454 -17.78 12.22 -35.72
N ALA F 455 -16.68 11.59 -35.32
CA ALA F 455 -16.73 10.41 -34.47
C ALA F 455 -15.41 10.27 -33.75
N ALA F 456 -15.45 9.59 -32.60
CA ALA F 456 -14.26 9.27 -31.84
C ALA F 456 -14.54 8.05 -30.99
N MET F 457 -13.64 7.09 -31.00
CA MET F 457 -13.71 5.93 -30.13
C MET F 457 -12.58 5.98 -29.13
N ASP F 458 -12.91 5.77 -27.85
CA ASP F 458 -11.95 5.84 -26.77
C ASP F 458 -11.24 4.49 -26.66
N GLN F 459 -10.40 4.23 -25.66
CA GLN F 459 -9.76 2.94 -25.51
C GLN F 459 -10.77 1.90 -25.02
N GLY F 460 -11.79 2.30 -24.26
CA GLY F 460 -12.76 1.33 -23.79
C GLY F 460 -13.92 1.10 -24.73
N ARG F 461 -13.70 1.30 -26.05
CA ARG F 461 -14.67 1.06 -27.12
C ARG F 461 -15.96 1.88 -26.92
N ILE F 462 -15.80 3.18 -26.75
CA ILE F 462 -16.91 4.07 -26.48
C ILE F 462 -17.06 5.03 -27.66
N GLN F 463 -18.20 4.95 -28.32
CA GLN F 463 -18.40 5.61 -29.61
C GLN F 463 -19.07 6.96 -29.37
N TYR F 464 -18.30 8.03 -29.57
CA TYR F 464 -18.83 9.38 -29.54
C TYR F 464 -19.16 9.81 -30.96
N TYR F 465 -20.18 10.66 -31.09
CA TYR F 465 -20.57 11.14 -32.41
C TYR F 465 -21.03 12.59 -32.32
N GLY F 466 -20.73 13.34 -33.38
CA GLY F 466 -21.37 14.63 -33.55
C GLY F 466 -22.85 14.46 -33.85
N ASP F 467 -23.64 15.46 -33.43
CA ASP F 467 -25.09 15.35 -33.54
C ASP F 467 -25.60 15.49 -34.96
N SER F 468 -24.76 15.95 -35.91
CA SER F 468 -25.16 16.00 -37.30
C SER F 468 -24.97 14.67 -38.02
N VAL F 469 -24.16 13.78 -37.48
CA VAL F 469 -23.84 12.51 -38.15
C VAL F 469 -24.14 11.33 -37.24
N ARG F 470 -24.83 11.58 -36.14
CA ARG F 470 -25.20 10.51 -35.22
C ARG F 470 -26.27 9.64 -35.84
N GLY F 471 -26.09 8.31 -35.75
CA GLY F 471 -27.01 7.37 -36.36
C GLY F 471 -26.73 7.07 -37.82
N ARG F 472 -25.77 7.75 -38.43
CA ARG F 472 -25.40 7.55 -39.82
C ARG F 472 -24.01 6.95 -39.96
N PHE F 473 -23.00 7.57 -39.36
CA PHE F 473 -21.64 7.07 -39.40
C PHE F 473 -21.42 6.08 -38.27
N THR F 474 -20.54 5.12 -38.50
CA THR F 474 -20.23 4.09 -37.52
C THR F 474 -18.71 3.96 -37.42
N ILE F 475 -18.14 4.39 -36.30
CA ILE F 475 -16.72 4.27 -36.07
C ILE F 475 -16.44 2.89 -35.48
N SER F 476 -15.30 2.30 -35.84
CA SER F 476 -14.94 0.97 -35.37
C SER F 476 -13.43 0.85 -35.40
N ARG F 477 -12.80 0.91 -34.23
CA ARG F 477 -11.36 0.73 -34.16
C ARG F 477 -11.00 -0.75 -34.16
N ASP F 478 -9.86 -1.05 -34.77
CA ASP F 478 -9.22 -2.35 -34.63
C ASP F 478 -7.93 -2.15 -33.85
N TYR F 479 -7.84 -2.80 -32.69
CA TYR F 479 -6.73 -2.56 -31.77
C TYR F 479 -5.53 -3.43 -32.06
N ALA F 480 -5.73 -4.59 -32.69
CA ALA F 480 -4.61 -5.44 -33.05
C ALA F 480 -3.87 -4.91 -34.28
N LYS F 481 -4.58 -4.24 -35.18
CA LYS F 481 -3.96 -3.69 -36.38
C LYS F 481 -3.61 -2.22 -36.26
N ASN F 482 -3.98 -1.58 -35.15
CA ASN F 482 -3.77 -0.15 -34.87
C ASN F 482 -4.38 0.72 -35.97
N SER F 483 -5.70 0.63 -36.09
CA SER F 483 -6.41 1.35 -37.14
C SER F 483 -7.78 1.77 -36.62
N VAL F 484 -8.32 2.82 -37.24
CA VAL F 484 -9.67 3.29 -36.98
C VAL F 484 -10.42 3.35 -38.31
N ASP F 485 -11.68 2.93 -38.30
CA ASP F 485 -12.51 2.93 -39.48
C ASP F 485 -13.65 3.92 -39.31
N LEU F 486 -14.43 4.09 -40.39
CA LEU F 486 -15.61 4.95 -40.34
C LEU F 486 -16.57 4.47 -41.42
N GLN F 487 -17.63 3.77 -41.02
CA GLN F 487 -18.60 3.26 -41.98
C GLN F 487 -19.56 4.38 -42.36
N LEU F 488 -19.28 5.01 -43.50
CA LEU F 488 -20.16 6.05 -44.02
C LEU F 488 -21.41 5.41 -44.61
N ASP F 489 -22.57 5.91 -44.21
CA ASP F 489 -23.83 5.36 -44.68
C ASP F 489 -24.86 6.47 -44.71
N GLY F 490 -25.71 6.45 -45.74
CA GLY F 490 -26.72 7.48 -45.92
C GLY F 490 -26.11 8.83 -46.27
N LEU F 491 -25.22 8.83 -47.25
CA LEU F 491 -24.44 10.02 -47.58
C LEU F 491 -25.28 11.02 -48.37
N ARG F 492 -24.93 12.28 -48.21
CA ARG F 492 -25.58 13.43 -48.83
C ARG F 492 -24.51 14.33 -49.40
N PRO F 493 -24.86 15.22 -50.35
CA PRO F 493 -23.85 16.16 -50.87
C PRO F 493 -23.34 17.19 -49.86
N GLU F 494 -23.98 17.35 -48.70
CA GLU F 494 -23.41 18.19 -47.66
C GLU F 494 -22.21 17.55 -46.99
N ASP F 495 -22.03 16.24 -47.13
CA ASP F 495 -20.91 15.52 -46.55
C ASP F 495 -19.67 15.51 -47.44
N THR F 496 -19.66 16.30 -48.50
CA THR F 496 -18.52 16.39 -49.41
C THR F 496 -17.46 17.29 -48.80
N ALA F 497 -16.41 16.69 -48.24
CA ALA F 497 -15.35 17.44 -47.58
C ALA F 497 -14.11 16.57 -47.48
N VAL F 498 -13.10 17.10 -46.80
CA VAL F 498 -11.85 16.38 -46.52
C VAL F 498 -11.94 15.78 -45.14
N TYR F 499 -11.74 14.46 -45.04
CA TYR F 499 -11.91 13.75 -43.78
C TYR F 499 -10.54 13.48 -43.17
N TYR F 500 -10.28 14.09 -42.03
CA TYR F 500 -9.00 13.96 -41.35
C TYR F 500 -9.09 12.89 -40.26
N CYS F 501 -8.08 12.05 -40.21
CA CYS F 501 -7.95 11.02 -39.17
C CYS F 501 -7.06 11.58 -38.07
N ALA F 502 -7.63 11.76 -36.89
CA ALA F 502 -6.91 12.32 -35.76
C ALA F 502 -6.65 11.23 -34.73
N ALA F 503 -5.65 11.49 -33.88
CA ALA F 503 -5.27 10.54 -32.84
C ALA F 503 -4.57 11.31 -31.73
N GLY F 504 -4.92 11.03 -30.49
CA GLY F 504 -4.31 11.68 -29.35
C GLY F 504 -5.25 11.69 -28.17
N ALA F 505 -4.67 11.86 -26.99
CA ALA F 505 -5.45 11.96 -25.77
C ALA F 505 -6.17 13.30 -25.74
N GLY F 506 -7.46 13.28 -25.42
CA GLY F 506 -8.24 14.49 -25.50
C GLY F 506 -8.18 15.32 -24.25
N PHE F 507 -7.29 16.32 -24.26
CA PHE F 507 -7.18 17.28 -23.16
C PHE F 507 -7.92 18.53 -23.58
N TRP F 508 -8.94 18.91 -22.79
CA TRP F 508 -10.06 19.77 -23.22
C TRP F 508 -10.65 19.26 -24.53
N GLY F 509 -10.87 17.94 -24.59
CA GLY F 509 -10.99 17.27 -25.87
C GLY F 509 -12.30 16.57 -26.19
N LEU F 510 -12.20 15.62 -27.13
CA LEU F 510 -13.25 14.80 -27.75
C LEU F 510 -14.21 15.57 -28.63
N ARG F 511 -14.11 16.90 -28.66
CA ARG F 511 -14.87 17.73 -29.59
C ARG F 511 -14.02 18.86 -30.14
N THR F 512 -12.74 18.91 -29.80
CA THR F 512 -11.89 20.06 -30.05
C THR F 512 -10.65 19.60 -30.81
N ALA F 513 -10.29 20.32 -31.87
CA ALA F 513 -9.16 19.94 -32.69
C ALA F 513 -7.82 20.20 -32.02
N SER F 514 -7.76 21.06 -31.01
CA SER F 514 -6.50 21.38 -30.36
C SER F 514 -6.04 20.31 -29.40
N SER F 515 -6.85 19.28 -29.16
CA SER F 515 -6.46 18.17 -28.29
C SER F 515 -5.84 17.02 -29.05
N TYR F 516 -5.95 16.99 -30.37
CA TYR F 516 -5.43 15.91 -31.19
C TYR F 516 -4.11 16.35 -31.78
N HIS F 517 -3.03 15.68 -31.37
CA HIS F 517 -1.68 16.09 -31.74
C HIS F 517 -1.10 15.29 -32.88
N TYR F 518 -1.76 14.21 -33.30
CA TYR F 518 -1.38 13.45 -34.47
C TYR F 518 -2.50 13.53 -35.50
N TRP F 519 -2.14 13.71 -36.76
CA TRP F 519 -3.11 14.03 -37.80
C TRP F 519 -2.88 13.18 -39.03
N GLY F 520 -3.97 12.84 -39.70
CA GLY F 520 -3.91 12.21 -40.99
C GLY F 520 -3.64 13.21 -42.09
N GLN F 521 -3.51 12.68 -43.31
CA GLN F 521 -3.22 13.53 -44.46
C GLN F 521 -4.49 14.20 -44.96
N GLY F 522 -5.47 13.41 -45.35
CA GLY F 522 -6.70 13.94 -45.92
C GLY F 522 -7.25 13.02 -47.00
N THR F 523 -8.58 12.87 -47.03
CA THR F 523 -9.23 12.00 -48.01
C THR F 523 -10.44 12.73 -48.56
N GLN F 524 -10.34 13.19 -49.81
CA GLN F 524 -11.41 13.94 -50.45
C GLN F 524 -12.56 12.99 -50.78
N VAL F 525 -13.62 13.02 -49.97
CA VAL F 525 -14.83 12.29 -50.25
C VAL F 525 -15.75 13.20 -51.05
N THR F 526 -16.02 12.85 -52.30
CA THR F 526 -16.83 13.65 -53.19
C THR F 526 -18.17 12.97 -53.41
N VAL F 527 -19.25 13.67 -53.08
CA VAL F 527 -20.61 13.18 -53.27
C VAL F 527 -21.32 14.14 -54.22
N SER F 528 -21.81 13.62 -55.34
CA SER F 528 -22.53 14.41 -56.33
C SER F 528 -23.86 13.74 -56.61
N SER F 529 -24.95 14.44 -56.31
CA SER F 529 -26.29 13.90 -56.49
C SER F 529 -26.75 14.05 -57.94
#